data_5SJP
#
_entry.id   5SJP
#
_cell.length_a   135.300
_cell.length_b   135.300
_cell.length_c   234.703
_cell.angle_alpha   90.000
_cell.angle_beta   90.000
_cell.angle_gamma   120.000
#
_symmetry.space_group_name_H-M   'H 3'
#
loop_
_entity.id
_entity.type
_entity.pdbx_description
1 polymer "cAMP and cAMP-inhibited cGMP 3',5'-cyclic phosphodiesterase 10A"
2 non-polymer 'ZINC ION'
3 non-polymer 'MAGNESIUM ION'
4 non-polymer 'ethyl [(4-{[4-(azetidine-1-carbonyl)-1-methyl-1H-pyrazole-5-carbonyl]amino}-6-methylpyridin-2-yl)carbamothioyl]carbamate'
5 water water
#
_entity_poly.entity_id   1
_entity_poly.type   'polypeptide(L)'
_entity_poly.pdbx_seq_one_letter_code
;GSSICTSEEWQGLMQFTLPVRLCKEIELFHFDIGPFENMWPGIFVYMVHRSCGTSCFELEKL(CME)RFIMSVKKNYRRV
PYHNWKHAVTVAHCMYAILQNNHTLFTDLERKGLLIACLCHDLDHRGFSNSYLQKFDHPLAALYSTSTMEQHHFSQTVSI
LQLEGHNIFSTLSSSEYEQVLEIIRKAIIATDLALYFGNRKQLEEMYQTGSLNLNNQSHRDRVIGLMMTACDLCSVTKLW
PVTKLTANDIYAEFWAEGDEMKKLGIQPIPMMDRDKKDEVPQGQLGFYNAVAIPCYTTLTQILPPTEPLLKACRDNLSQW
EKVIRGEETATWISSPSVAQKAAASED
;
_entity_poly.pdbx_strand_id   A,B,C,D
#
loop_
_chem_comp.id
_chem_comp.type
_chem_comp.name
_chem_comp.formula
K6O non-polymer 'ethyl [(4-{[4-(azetidine-1-carbonyl)-1-methyl-1H-pyrazole-5-carbonyl]amino}-6-methylpyridin-2-yl)carbamothioyl]carbamate' 'C19 H23 N7 O4 S'
MG non-polymer 'MAGNESIUM ION' 'Mg 2'
ZN non-polymer 'ZINC ION' 'Zn 2'
#
# COMPACT_ATOMS: atom_id res chain seq x y z
N GLY A 12 -44.34 -15.51 -6.66
CA GLY A 12 -44.95 -15.42 -8.03
C GLY A 12 -45.56 -14.06 -8.32
N LEU A 13 -45.90 -13.29 -7.27
CA LEU A 13 -46.39 -11.88 -7.34
C LEU A 13 -45.25 -10.87 -7.14
N MET A 14 -43.98 -11.30 -7.31
CA MET A 14 -42.75 -10.53 -7.00
C MET A 14 -42.15 -9.93 -8.28
N GLN A 15 -42.79 -8.88 -8.82
CA GLN A 15 -42.27 -8.00 -9.92
C GLN A 15 -40.96 -7.34 -9.51
N PHE A 16 -39.88 -7.53 -10.26
CA PHE A 16 -38.71 -6.63 -10.17
C PHE A 16 -39.15 -5.25 -10.68
N THR A 17 -38.72 -4.19 -10.00
CA THR A 17 -38.89 -2.78 -10.51
C THR A 17 -37.55 -2.05 -10.42
N LEU A 18 -37.42 -1.03 -11.24
CA LEU A 18 -36.17 -0.26 -11.29
C LEU A 18 -36.52 1.16 -10.90
N PRO A 19 -35.54 1.91 -10.38
CA PRO A 19 -35.72 3.34 -10.22
C PRO A 19 -36.21 3.95 -11.53
N VAL A 20 -36.96 5.02 -11.38
CA VAL A 20 -37.67 5.68 -12.51
C VAL A 20 -36.72 5.90 -13.70
N ARG A 21 -35.55 6.48 -13.52
CA ARG A 21 -34.72 6.82 -14.69
C ARG A 21 -34.35 5.52 -15.40
N LEU A 22 -34.08 4.43 -14.66
CA LEU A 22 -33.70 3.17 -15.33
C LEU A 22 -34.96 2.58 -15.99
N CYS A 23 -36.08 2.64 -15.29
CA CYS A 23 -37.35 2.04 -15.75
C CYS A 23 -37.62 2.55 -17.16
N LYS A 24 -37.43 3.84 -17.39
CA LYS A 24 -37.67 4.49 -18.69
C LYS A 24 -36.50 4.28 -19.65
N GLU A 25 -35.28 4.52 -19.19
CA GLU A 25 -34.14 4.54 -20.12
C GLU A 25 -33.91 3.10 -20.64
N ILE A 26 -34.29 2.04 -19.90
CA ILE A 26 -33.91 0.65 -20.28
C ILE A 26 -34.65 0.25 -21.55
N GLU A 27 -35.76 0.90 -21.87
CA GLU A 27 -36.55 0.60 -23.08
C GLU A 27 -35.84 1.12 -24.30
N LEU A 28 -34.91 2.05 -24.13
CA LEU A 28 -34.19 2.67 -25.27
C LEU A 28 -32.96 1.82 -25.65
N PHE A 29 -32.63 1.75 -26.93
CA PHE A 29 -31.53 0.96 -27.50
C PHE A 29 -30.19 1.40 -26.87
N HIS A 30 -30.04 2.66 -26.52
CA HIS A 30 -28.73 3.27 -26.17
C HIS A 30 -28.53 3.30 -24.66
N PHE A 31 -29.41 2.65 -23.91
CA PHE A 31 -29.24 2.48 -22.45
C PHE A 31 -27.87 1.88 -22.09
N ASP A 32 -27.23 2.46 -21.09
CA ASP A 32 -25.96 1.99 -20.47
C ASP A 32 -26.37 1.37 -19.14
N ILE A 33 -25.97 0.13 -18.83
CA ILE A 33 -26.41 -0.55 -17.58
C ILE A 33 -25.73 0.04 -16.34
N GLY A 34 -24.74 0.88 -16.52
CA GLY A 34 -24.20 1.57 -15.35
C GLY A 34 -23.05 0.83 -14.70
N PRO A 35 -22.38 1.51 -13.76
CA PRO A 35 -21.19 1.01 -13.08
C PRO A 35 -21.49 0.19 -11.83
N PHE A 36 -22.73 0.10 -11.39
CA PHE A 36 -23.10 -0.69 -10.20
C PHE A 36 -23.32 -2.15 -10.58
N GLU A 37 -22.28 -2.99 -10.51
CA GLU A 37 -22.35 -4.42 -10.89
C GLU A 37 -23.54 -5.08 -10.22
N ASN A 38 -23.79 -4.77 -8.94
CA ASN A 38 -24.76 -5.52 -8.10
C ASN A 38 -26.18 -5.27 -8.62
N MET A 39 -26.38 -4.34 -9.53
CA MET A 39 -27.73 -4.09 -10.08
C MET A 39 -27.93 -4.85 -11.40
N TRP A 40 -26.87 -5.40 -12.01
CA TRP A 40 -26.96 -5.98 -13.37
C TRP A 40 -27.84 -7.23 -13.36
N PRO A 41 -27.80 -8.10 -12.32
CA PRO A 41 -28.66 -9.29 -12.28
C PRO A 41 -30.12 -8.90 -12.24
N GLY A 42 -30.41 -7.89 -11.41
CA GLY A 42 -31.77 -7.35 -11.30
C GLY A 42 -32.22 -6.78 -12.63
N ILE A 43 -31.36 -6.05 -13.31
CA ILE A 43 -31.69 -5.50 -14.66
C ILE A 43 -32.00 -6.66 -15.62
N PHE A 44 -31.22 -7.74 -15.58
CA PHE A 44 -31.45 -8.87 -16.51
C PHE A 44 -32.81 -9.49 -16.23
N VAL A 45 -33.13 -9.74 -14.96
CA VAL A 45 -34.40 -10.41 -14.57
C VAL A 45 -35.55 -9.52 -15.02
N TYR A 46 -35.43 -8.23 -14.77
CA TYR A 46 -36.45 -7.25 -15.18
C TYR A 46 -36.74 -7.41 -16.66
N MET A 47 -35.69 -7.62 -17.46
CA MET A 47 -35.84 -7.71 -18.93
C MET A 47 -36.50 -9.06 -19.32
N VAL A 48 -36.12 -10.17 -18.69
CA VAL A 48 -36.80 -11.46 -18.93
C VAL A 48 -38.28 -11.30 -18.55
N HIS A 49 -38.60 -10.77 -17.37
CA HIS A 49 -40.01 -10.64 -16.92
C HIS A 49 -40.85 -9.81 -17.90
N ARG A 50 -40.30 -8.78 -18.54
CA ARG A 50 -41.09 -7.86 -19.41
C ARG A 50 -41.17 -8.42 -20.84
N SER A 51 -40.14 -9.20 -21.19
CA SER A 51 -39.80 -9.68 -22.55
C SER A 51 -40.44 -11.05 -22.80
N CYS A 52 -40.70 -11.78 -21.72
CA CYS A 52 -40.95 -13.23 -21.75
C CYS A 52 -42.20 -13.51 -20.92
N GLY A 53 -42.22 -12.95 -19.71
CA GLY A 53 -43.28 -13.08 -18.71
C GLY A 53 -42.65 -13.43 -17.38
N THR A 54 -43.38 -13.26 -16.28
CA THR A 54 -42.90 -13.59 -14.91
C THR A 54 -42.97 -15.09 -14.63
N SER A 55 -43.43 -15.88 -15.60
CA SER A 55 -43.70 -17.34 -15.54
C SER A 55 -42.72 -18.17 -16.43
N CYS A 56 -41.98 -17.54 -17.35
CA CYS A 56 -40.94 -18.17 -18.21
C CYS A 56 -40.00 -19.00 -17.35
N PHE A 57 -39.58 -18.50 -16.19
CA PHE A 57 -38.54 -19.15 -15.37
C PHE A 57 -38.96 -19.10 -13.92
N GLU A 58 -38.83 -20.22 -13.21
CA GLU A 58 -38.73 -20.31 -11.72
C GLU A 58 -37.61 -19.34 -11.28
N LEU A 59 -37.98 -18.33 -10.49
CA LEU A 59 -37.10 -17.22 -10.07
C LEU A 59 -35.84 -17.75 -9.40
N GLU A 60 -35.98 -18.65 -8.43
CA GLU A 60 -34.86 -19.28 -7.68
C GLU A 60 -33.84 -19.90 -8.68
N LYS A 61 -34.32 -20.69 -9.63
CA LYS A 61 -33.46 -21.36 -10.64
C LYS A 61 -32.80 -20.25 -11.48
N LEU A 62 -33.55 -19.21 -11.84
CA LEU A 62 -33.02 -18.18 -12.75
C LEU A 62 -31.87 -17.46 -12.02
N CME A 63 -32.13 -17.02 -10.80
CA CME A 63 -31.14 -16.28 -9.97
CB CME A 63 -31.78 -15.73 -8.69
SG CME A 63 -32.80 -14.23 -8.91
SD CME A 63 -31.41 -12.81 -9.36
CE CME A 63 -31.15 -11.88 -7.82
CZ CME A 63 -31.58 -10.47 -8.08
OH CME A 63 -31.11 -9.55 -7.14
C CME A 63 -29.91 -17.18 -9.77
O CME A 63 -28.79 -16.69 -9.94
N ARG A 64 -30.10 -18.47 -9.54
CA ARG A 64 -28.94 -19.36 -9.36
C ARG A 64 -28.20 -19.42 -10.70
N PHE A 65 -28.91 -19.46 -11.81
CA PHE A 65 -28.29 -19.57 -13.17
C PHE A 65 -27.43 -18.33 -13.48
N ILE A 66 -28.01 -17.16 -13.32
CA ILE A 66 -27.38 -15.82 -13.48
C ILE A 66 -26.11 -15.77 -12.64
N MET A 67 -26.16 -16.20 -11.40
CA MET A 67 -24.96 -16.01 -10.54
C MET A 67 -23.86 -17.01 -10.97
N SER A 68 -24.21 -18.18 -11.50
CA SER A 68 -23.16 -19.11 -11.99
C SER A 68 -22.60 -18.58 -13.31
N VAL A 69 -23.49 -18.04 -14.15
CA VAL A 69 -23.02 -17.45 -15.43
C VAL A 69 -22.05 -16.33 -15.09
N LYS A 70 -22.45 -15.43 -14.22
CA LYS A 70 -21.54 -14.33 -13.79
C LYS A 70 -20.19 -14.86 -13.31
N LYS A 71 -20.19 -15.79 -12.36
CA LYS A 71 -18.96 -16.44 -11.83
C LYS A 71 -18.07 -16.94 -12.98
N ASN A 72 -18.60 -17.32 -14.13
CA ASN A 72 -17.76 -17.97 -15.18
C ASN A 72 -17.33 -16.99 -16.28
N TYR A 73 -17.66 -15.70 -16.17
CA TYR A 73 -17.03 -14.59 -16.91
C TYR A 73 -15.79 -14.21 -16.12
N ARG A 74 -14.73 -13.79 -16.78
CA ARG A 74 -13.42 -13.50 -16.16
C ARG A 74 -13.23 -12.00 -16.07
N ARG A 75 -12.18 -11.56 -15.39
CA ARG A 75 -11.96 -10.13 -15.08
C ARG A 75 -11.08 -9.56 -16.20
N VAL A 76 -11.57 -9.58 -17.43
CA VAL A 76 -10.81 -9.07 -18.59
C VAL A 76 -11.39 -7.68 -18.92
N PRO A 77 -10.64 -6.82 -19.62
CA PRO A 77 -11.08 -5.44 -19.81
C PRO A 77 -12.43 -5.31 -20.53
N TYR A 78 -12.78 -6.23 -21.42
CA TYR A 78 -13.95 -6.00 -22.30
C TYR A 78 -14.91 -7.18 -22.32
N HIS A 79 -14.46 -8.40 -22.62
CA HIS A 79 -15.28 -9.62 -22.74
C HIS A 79 -15.66 -10.16 -21.37
N ASN A 80 -16.35 -9.34 -20.62
CA ASN A 80 -16.63 -9.53 -19.17
C ASN A 80 -18.14 -9.51 -18.93
N TRP A 81 -18.50 -9.67 -17.67
CA TRP A 81 -19.88 -9.88 -17.27
C TRP A 81 -20.68 -8.64 -17.71
N LYS A 82 -20.10 -7.46 -17.63
CA LYS A 82 -20.81 -6.23 -18.11
C LYS A 82 -21.12 -6.35 -19.60
N HIS A 83 -20.23 -6.92 -20.42
CA HIS A 83 -20.48 -7.11 -21.87
C HIS A 83 -21.69 -8.04 -22.02
N ALA A 84 -21.73 -9.08 -21.21
CA ALA A 84 -22.80 -10.09 -21.28
C ALA A 84 -24.16 -9.38 -21.12
N VAL A 85 -24.25 -8.52 -20.12
CA VAL A 85 -25.56 -7.90 -19.77
C VAL A 85 -25.85 -6.81 -20.80
N THR A 86 -24.86 -6.09 -21.26
CA THR A 86 -25.02 -5.01 -22.27
C THR A 86 -25.60 -5.66 -23.53
N VAL A 87 -25.08 -6.83 -23.94
CA VAL A 87 -25.50 -7.52 -25.19
C VAL A 87 -26.92 -8.05 -24.98
N ALA A 88 -27.24 -8.59 -23.80
CA ALA A 88 -28.60 -9.00 -23.47
C ALA A 88 -29.55 -7.79 -23.52
N HIS A 89 -29.15 -6.63 -23.05
CA HIS A 89 -30.07 -5.49 -23.02
C HIS A 89 -30.35 -5.08 -24.46
N CYS A 90 -29.36 -5.08 -25.34
CA CYS A 90 -29.64 -4.74 -26.76
C CYS A 90 -30.66 -5.72 -27.32
N MET A 91 -30.52 -7.02 -27.05
CA MET A 91 -31.46 -8.03 -27.60
C MET A 91 -32.85 -7.73 -27.05
N TYR A 92 -32.92 -7.27 -25.80
CA TYR A 92 -34.19 -6.97 -25.09
C TYR A 92 -34.89 -5.82 -25.81
N ALA A 93 -34.13 -4.79 -26.15
CA ALA A 93 -34.69 -3.64 -26.89
C ALA A 93 -35.21 -4.12 -28.24
N ILE A 94 -34.50 -4.99 -28.96
CA ILE A 94 -34.94 -5.47 -30.30
C ILE A 94 -36.24 -6.27 -30.11
N LEU A 95 -36.25 -7.19 -29.17
CA LEU A 95 -37.43 -8.03 -28.93
C LEU A 95 -38.64 -7.16 -28.58
N GLN A 96 -38.44 -6.11 -27.81
CA GLN A 96 -39.56 -5.29 -27.28
C GLN A 96 -40.13 -4.41 -28.37
N ASN A 97 -39.33 -4.02 -29.37
CA ASN A 97 -39.73 -3.14 -30.49
C ASN A 97 -40.28 -3.97 -31.67
N ASN A 98 -40.25 -5.30 -31.57
CA ASN A 98 -40.80 -6.28 -32.55
C ASN A 98 -41.56 -7.38 -31.81
N HIS A 99 -42.50 -6.96 -30.96
CA HIS A 99 -43.34 -7.77 -30.04
C HIS A 99 -43.69 -9.08 -30.72
N THR A 100 -44.32 -9.01 -31.89
CA THR A 100 -45.16 -10.11 -32.41
C THR A 100 -44.40 -11.04 -33.37
N LEU A 101 -43.12 -10.78 -33.67
CA LEU A 101 -42.40 -11.53 -34.72
C LEU A 101 -41.74 -12.80 -34.16
N PHE A 102 -41.70 -12.98 -32.84
CA PHE A 102 -40.87 -14.04 -32.23
C PHE A 102 -41.73 -14.93 -31.37
N THR A 103 -41.46 -16.23 -31.46
CA THR A 103 -42.13 -17.31 -30.69
C THR A 103 -41.84 -17.13 -29.19
N ASP A 104 -42.60 -17.86 -28.37
CA ASP A 104 -42.45 -17.88 -26.89
C ASP A 104 -41.01 -18.37 -26.60
N LEU A 105 -40.54 -19.34 -27.39
CA LEU A 105 -39.24 -20.04 -27.22
C LEU A 105 -38.05 -19.14 -27.60
N GLU A 106 -38.20 -18.30 -28.63
CA GLU A 106 -37.04 -17.49 -29.08
C GLU A 106 -36.83 -16.40 -28.02
N ARG A 107 -37.95 -15.95 -27.46
CA ARG A 107 -37.91 -14.84 -26.48
C ARG A 107 -37.12 -15.37 -25.27
N LYS A 108 -37.50 -16.54 -24.72
CA LYS A 108 -36.80 -17.34 -23.67
C LYS A 108 -35.30 -17.49 -23.97
N GLY A 109 -35.00 -18.02 -25.16
CA GLY A 109 -33.67 -18.51 -25.54
C GLY A 109 -32.68 -17.41 -25.79
N LEU A 110 -33.11 -16.31 -26.43
CA LEU A 110 -32.18 -15.29 -26.97
C LEU A 110 -31.63 -14.38 -25.85
N LEU A 111 -32.36 -14.15 -24.77
CA LEU A 111 -31.80 -13.32 -23.70
C LEU A 111 -30.79 -14.20 -22.97
N ILE A 112 -31.08 -15.49 -22.85
CA ILE A 112 -30.13 -16.46 -22.25
C ILE A 112 -28.91 -16.58 -23.16
N ALA A 113 -29.10 -16.63 -24.46
CA ALA A 113 -27.94 -16.82 -25.36
C ALA A 113 -27.01 -15.62 -25.18
N CYS A 114 -27.57 -14.44 -25.15
CA CYS A 114 -26.79 -13.19 -25.10
C CYS A 114 -26.01 -13.14 -23.80
N LEU A 115 -26.67 -13.51 -22.69
CA LEU A 115 -26.05 -13.50 -21.34
C LEU A 115 -24.89 -14.49 -21.35
N CYS A 116 -25.04 -15.57 -22.12
CA CYS A 116 -24.05 -16.67 -22.13
C CYS A 116 -23.06 -16.52 -23.27
N HIS A 117 -23.22 -15.55 -24.16
CA HIS A 117 -22.56 -15.68 -25.48
C HIS A 117 -21.04 -15.62 -25.40
N ASP A 118 -20.44 -15.09 -24.34
CA ASP A 118 -18.94 -15.02 -24.25
C ASP A 118 -18.41 -15.67 -22.95
N LEU A 119 -19.17 -16.58 -22.39
CA LEU A 119 -18.81 -17.34 -21.16
C LEU A 119 -17.35 -17.82 -21.20
N ASP A 120 -16.62 -17.54 -20.14
CA ASP A 120 -15.22 -18.01 -19.92
C ASP A 120 -14.34 -17.48 -21.06
N HIS A 121 -14.59 -16.28 -21.57
CA HIS A 121 -13.66 -15.64 -22.56
C HIS A 121 -12.40 -15.17 -21.86
N ARG A 122 -11.27 -15.23 -22.55
CA ARG A 122 -9.97 -14.91 -21.92
C ARG A 122 -9.44 -13.61 -22.54
N GLY A 123 -10.17 -12.98 -23.46
CA GLY A 123 -9.75 -11.72 -24.09
C GLY A 123 -8.81 -11.93 -25.28
N PHE A 124 -8.82 -13.13 -25.85
CA PHE A 124 -8.07 -13.47 -27.08
C PHE A 124 -9.00 -13.98 -28.20
N SER A 125 -8.68 -13.55 -29.42
CA SER A 125 -9.39 -14.02 -30.65
C SER A 125 -9.11 -15.51 -30.89
N ASN A 126 -9.96 -16.13 -31.70
CA ASN A 126 -9.79 -17.48 -32.26
C ASN A 126 -8.39 -17.59 -32.88
N SER A 127 -7.91 -16.54 -33.58
CA SER A 127 -6.62 -16.56 -34.31
C SER A 127 -5.52 -16.77 -33.30
N TYR A 128 -5.51 -15.99 -32.20
CA TYR A 128 -4.45 -16.14 -31.18
C TYR A 128 -4.43 -17.60 -30.66
N LEU A 129 -5.57 -18.21 -30.40
CA LEU A 129 -5.64 -19.60 -29.88
C LEU A 129 -4.99 -20.52 -30.92
N GLN A 130 -5.28 -20.31 -32.20
CA GLN A 130 -4.86 -21.23 -33.29
C GLN A 130 -3.34 -21.06 -33.42
N LYS A 131 -2.85 -19.85 -33.32
CA LYS A 131 -1.41 -19.62 -33.40
C LYS A 131 -0.73 -20.05 -32.10
N PHE A 132 -1.39 -19.96 -30.94
CA PHE A 132 -0.77 -20.39 -29.68
C PHE A 132 -0.73 -21.91 -29.66
N ASP A 133 -1.66 -22.49 -30.41
CA ASP A 133 -1.96 -23.94 -30.41
C ASP A 133 -2.66 -24.29 -29.10
N HIS A 134 -3.64 -23.48 -28.67
CA HIS A 134 -4.41 -23.77 -27.45
C HIS A 134 -5.17 -25.08 -27.62
N PRO A 135 -5.25 -25.95 -26.61
CA PRO A 135 -6.10 -27.15 -26.66
C PRO A 135 -7.46 -26.93 -27.32
N LEU A 136 -8.10 -25.81 -26.99
CA LEU A 136 -9.45 -25.48 -27.52
C LEU A 136 -9.40 -25.42 -29.06
N ALA A 137 -8.25 -25.09 -29.67
CA ALA A 137 -8.14 -25.03 -31.15
C ALA A 137 -8.10 -26.43 -31.76
N ALA A 138 -7.64 -27.43 -31.01
CA ALA A 138 -7.65 -28.86 -31.46
C ALA A 138 -9.06 -29.42 -31.35
N LEU A 139 -9.77 -29.10 -30.27
CA LEU A 139 -11.14 -29.59 -29.99
C LEU A 139 -12.18 -28.94 -30.91
N TYR A 140 -12.02 -27.68 -31.32
CA TYR A 140 -12.96 -26.91 -32.20
C TYR A 140 -12.15 -26.13 -33.23
N SER A 141 -12.14 -26.59 -34.49
CA SER A 141 -11.23 -26.11 -35.57
C SER A 141 -11.69 -24.75 -36.09
N THR A 142 -13.02 -24.51 -36.15
CA THR A 142 -13.60 -23.17 -36.42
C THR A 142 -14.58 -22.74 -35.35
N SER A 143 -14.80 -21.42 -35.29
CA SER A 143 -15.59 -20.70 -34.26
C SER A 143 -15.17 -21.20 -32.87
N THR A 144 -13.85 -21.26 -32.64
CA THR A 144 -13.22 -21.93 -31.48
C THR A 144 -13.87 -21.43 -30.18
N MET A 145 -13.72 -20.13 -29.87
CA MET A 145 -14.23 -19.63 -28.56
C MET A 145 -15.73 -19.85 -28.48
N GLU A 146 -16.43 -19.76 -29.60
CA GLU A 146 -17.91 -19.71 -29.61
C GLU A 146 -18.49 -21.09 -29.28
N GLN A 147 -17.85 -22.15 -29.74
CA GLN A 147 -18.21 -23.54 -29.36
C GLN A 147 -17.88 -23.73 -27.89
N HIS A 148 -16.80 -23.12 -27.43
CA HIS A 148 -16.52 -23.12 -25.98
C HIS A 148 -17.69 -22.44 -25.23
N HIS A 149 -18.09 -21.24 -25.63
CA HIS A 149 -19.11 -20.50 -24.87
C HIS A 149 -20.38 -21.33 -24.81
N PHE A 150 -20.77 -21.95 -25.92
CA PHE A 150 -21.98 -22.80 -25.89
C PHE A 150 -21.79 -24.01 -24.94
N SER A 151 -20.60 -24.60 -24.98
CA SER A 151 -20.24 -25.76 -24.14
C SER A 151 -20.38 -25.37 -22.68
N GLN A 152 -19.83 -24.21 -22.32
CA GLN A 152 -19.93 -23.69 -20.93
C GLN A 152 -21.38 -23.40 -20.57
N THR A 153 -22.21 -23.00 -21.53
CA THR A 153 -23.64 -22.74 -21.27
C THR A 153 -24.34 -24.04 -20.87
N VAL A 154 -24.11 -25.09 -21.65
CA VAL A 154 -24.71 -26.43 -21.37
C VAL A 154 -24.21 -26.95 -20.01
N SER A 155 -22.93 -26.81 -19.69
CA SER A 155 -22.36 -27.19 -18.36
C SER A 155 -23.20 -26.55 -17.26
N ILE A 156 -23.41 -25.26 -17.37
CA ILE A 156 -24.07 -24.50 -16.26
C ILE A 156 -25.54 -24.95 -16.22
N LEU A 157 -26.20 -25.14 -17.35
CA LEU A 157 -27.61 -25.61 -17.37
C LEU A 157 -27.78 -26.97 -16.66
N GLN A 158 -26.70 -27.77 -16.58
CA GLN A 158 -26.67 -29.15 -16.06
C GLN A 158 -26.14 -29.18 -14.64
N LEU A 159 -25.85 -28.02 -14.06
CA LEU A 159 -25.53 -27.97 -12.62
C LEU A 159 -26.84 -28.24 -11.88
N GLU A 160 -26.77 -28.63 -10.62
CA GLU A 160 -28.00 -28.94 -9.88
C GLU A 160 -28.71 -27.63 -9.57
N GLY A 161 -30.02 -27.62 -9.76
CA GLY A 161 -30.90 -26.50 -9.38
C GLY A 161 -30.77 -25.35 -10.39
N HIS A 162 -30.10 -25.58 -11.53
CA HIS A 162 -29.80 -24.56 -12.57
C HIS A 162 -30.58 -24.83 -13.86
N ASN A 163 -31.51 -25.80 -13.92
CA ASN A 163 -32.21 -26.01 -15.22
C ASN A 163 -33.42 -25.07 -15.35
N ILE A 164 -33.19 -23.89 -15.88
CA ILE A 164 -34.23 -22.84 -16.00
C ILE A 164 -35.24 -23.26 -17.06
N PHE A 165 -34.94 -24.30 -17.83
CA PHE A 165 -35.81 -24.78 -18.92
C PHE A 165 -36.58 -26.04 -18.49
N SER A 166 -36.49 -26.43 -17.21
CA SER A 166 -36.92 -27.77 -16.72
C SER A 166 -38.39 -28.07 -17.05
N THR A 167 -39.24 -27.06 -17.27
CA THR A 167 -40.70 -27.26 -17.49
C THR A 167 -41.05 -27.16 -18.98
N LEU A 168 -40.05 -27.05 -19.84
CA LEU A 168 -40.26 -27.28 -21.30
C LEU A 168 -40.39 -28.80 -21.49
N SER A 169 -41.15 -29.22 -22.51
CA SER A 169 -41.19 -30.58 -23.07
C SER A 169 -39.82 -30.94 -23.58
N SER A 170 -39.58 -32.22 -23.86
CA SER A 170 -38.26 -32.72 -24.28
C SER A 170 -37.89 -32.06 -25.64
N SER A 171 -38.87 -31.80 -26.50
CA SER A 171 -38.60 -31.32 -27.89
C SER A 171 -38.46 -29.80 -27.84
N GLU A 172 -39.22 -29.15 -26.95
CA GLU A 172 -39.19 -27.68 -26.71
C GLU A 172 -37.79 -27.36 -26.15
N TYR A 173 -37.32 -28.17 -25.20
CA TYR A 173 -35.95 -28.11 -24.63
C TYR A 173 -34.92 -28.19 -25.75
N GLU A 174 -35.11 -29.07 -26.72
CA GLU A 174 -34.08 -29.32 -27.77
C GLU A 174 -34.09 -28.16 -28.76
N GLN A 175 -35.27 -27.62 -29.06
CA GLN A 175 -35.43 -26.41 -29.91
C GLN A 175 -34.74 -25.22 -29.26
N VAL A 176 -34.97 -24.96 -27.97
CA VAL A 176 -34.40 -23.78 -27.28
C VAL A 176 -32.87 -23.95 -27.18
N LEU A 177 -32.32 -25.15 -26.93
CA LEU A 177 -30.83 -25.32 -26.87
C LEU A 177 -30.25 -25.15 -28.25
N GLU A 178 -31.05 -25.41 -29.28
CA GLU A 178 -30.64 -25.29 -30.70
C GLU A 178 -30.68 -23.81 -31.13
N ILE A 179 -31.71 -23.06 -30.72
CA ILE A 179 -31.76 -21.58 -30.85
C ILE A 179 -30.51 -20.99 -30.16
N ILE A 180 -30.20 -21.43 -28.96
CA ILE A 180 -29.08 -20.83 -28.20
C ILE A 180 -27.76 -21.17 -28.91
N ARG A 181 -27.61 -22.38 -29.44
CA ARG A 181 -26.32 -22.82 -30.04
C ARG A 181 -26.11 -22.01 -31.34
N LYS A 182 -27.13 -21.88 -32.19
CA LYS A 182 -26.94 -21.13 -33.46
C LYS A 182 -26.66 -19.66 -33.13
N ALA A 183 -27.36 -19.12 -32.13
CA ALA A 183 -27.22 -17.72 -31.68
C ALA A 183 -25.79 -17.49 -31.22
N ILE A 184 -25.22 -18.40 -30.43
CA ILE A 184 -23.84 -18.18 -29.90
C ILE A 184 -22.86 -18.39 -31.04
N ILE A 185 -23.04 -19.41 -31.89
CA ILE A 185 -22.10 -19.62 -33.02
C ILE A 185 -22.06 -18.35 -33.86
N ALA A 186 -23.22 -17.68 -34.02
CA ALA A 186 -23.37 -16.52 -34.93
C ALA A 186 -22.56 -15.29 -34.48
N THR A 187 -22.19 -15.23 -33.22
CA THR A 187 -21.38 -14.12 -32.67
C THR A 187 -19.94 -14.26 -33.17
N ASP A 188 -19.59 -15.31 -33.90
CA ASP A 188 -18.26 -15.45 -34.55
C ASP A 188 -18.28 -14.46 -35.70
N LEU A 189 -17.60 -13.33 -35.57
CA LEU A 189 -17.73 -12.27 -36.60
C LEU A 189 -17.23 -12.78 -37.98
N ALA A 190 -16.39 -13.83 -38.07
CA ALA A 190 -15.91 -14.34 -39.37
C ALA A 190 -17.14 -14.80 -40.14
N LEU A 191 -18.17 -15.26 -39.46
CA LEU A 191 -19.38 -15.83 -40.09
C LEU A 191 -20.33 -14.68 -40.49
N TYR A 192 -20.19 -13.51 -39.88
CA TYR A 192 -21.17 -12.39 -40.00
C TYR A 192 -21.28 -12.01 -41.49
N PHE A 193 -20.16 -11.91 -42.19
CA PHE A 193 -20.04 -11.31 -43.54
C PHE A 193 -20.96 -12.06 -44.51
N GLY A 194 -20.76 -13.35 -44.64
CA GLY A 194 -21.59 -14.15 -45.53
C GLY A 194 -23.00 -14.05 -45.05
N ASN A 195 -23.23 -14.13 -43.74
CA ASN A 195 -24.61 -14.17 -43.22
C ASN A 195 -25.31 -12.88 -43.66
N ARG A 196 -24.66 -11.73 -43.50
CA ARG A 196 -25.28 -10.47 -43.94
C ARG A 196 -25.44 -10.43 -45.47
N LYS A 197 -24.45 -10.83 -46.29
CA LYS A 197 -24.57 -10.83 -47.77
C LYS A 197 -25.84 -11.58 -48.16
N GLN A 198 -26.03 -12.78 -47.64
CA GLN A 198 -27.19 -13.62 -48.00
C GLN A 198 -28.48 -12.93 -47.58
N LEU A 199 -28.48 -12.28 -46.42
CA LEU A 199 -29.70 -11.59 -45.95
C LEU A 199 -29.99 -10.40 -46.90
N GLU A 200 -28.95 -9.70 -47.34
CA GLU A 200 -29.03 -8.59 -48.32
C GLU A 200 -29.80 -9.15 -49.52
N GLU A 201 -29.25 -10.16 -50.23
CA GLU A 201 -29.83 -10.69 -51.50
C GLU A 201 -31.25 -11.09 -51.20
N MET A 202 -31.45 -11.94 -50.20
CA MET A 202 -32.77 -12.51 -49.91
C MET A 202 -33.79 -11.38 -49.77
N TYR A 203 -33.41 -10.26 -49.18
CA TYR A 203 -34.38 -9.17 -48.86
C TYR A 203 -34.71 -8.37 -50.13
N GLN A 204 -33.68 -8.11 -50.97
CA GLN A 204 -33.72 -7.28 -52.21
C GLN A 204 -34.40 -8.01 -53.37
N THR A 205 -34.16 -9.31 -53.55
CA THR A 205 -34.88 -10.18 -54.50
C THR A 205 -36.22 -10.66 -53.94
N GLY A 206 -36.55 -10.37 -52.68
CA GLY A 206 -37.92 -10.57 -52.15
C GLY A 206 -38.19 -11.97 -51.65
N SER A 207 -37.24 -12.91 -51.80
CA SER A 207 -37.34 -14.30 -51.25
C SER A 207 -37.27 -14.40 -49.70
N LEU A 208 -36.81 -13.41 -48.97
CA LEU A 208 -36.77 -13.50 -47.49
C LEU A 208 -38.13 -13.98 -46.96
N ASN A 209 -38.18 -15.13 -46.29
CA ASN A 209 -39.45 -15.69 -45.73
C ASN A 209 -39.26 -16.02 -44.25
N LEU A 210 -39.87 -15.27 -43.35
CA LEU A 210 -39.70 -15.48 -41.88
C LEU A 210 -40.39 -16.78 -41.42
N ASN A 211 -41.13 -17.46 -42.30
CA ASN A 211 -41.72 -18.79 -41.97
C ASN A 211 -40.72 -19.90 -42.31
N ASN A 212 -39.64 -19.58 -43.00
CA ASN A 212 -38.56 -20.52 -43.36
C ASN A 212 -37.60 -20.56 -42.16
N GLN A 213 -37.56 -21.66 -41.42
CA GLN A 213 -36.65 -21.81 -40.25
C GLN A 213 -35.20 -21.42 -40.59
N SER A 214 -34.66 -21.75 -41.76
CA SER A 214 -33.25 -21.42 -42.12
C SER A 214 -33.10 -19.91 -42.29
N HIS A 215 -34.21 -19.23 -42.58
CA HIS A 215 -34.23 -17.77 -42.82
C HIS A 215 -34.26 -17.07 -41.47
N ARG A 216 -35.17 -17.50 -40.60
CA ARG A 216 -35.22 -17.08 -39.20
C ARG A 216 -33.82 -17.18 -38.58
N ASP A 217 -33.19 -18.32 -38.79
CA ASP A 217 -31.86 -18.61 -38.21
C ASP A 217 -30.95 -17.45 -38.54
N ARG A 218 -30.89 -17.06 -39.82
CA ARG A 218 -29.97 -16.02 -40.36
C ARG A 218 -30.31 -14.67 -39.73
N VAL A 219 -31.61 -14.40 -39.58
CA VAL A 219 -32.13 -13.11 -39.03
C VAL A 219 -31.76 -13.09 -37.53
N ILE A 220 -31.84 -14.23 -36.85
CA ILE A 220 -31.37 -14.29 -35.42
C ILE A 220 -29.83 -14.10 -35.40
N GLY A 221 -29.12 -14.62 -36.36
CA GLY A 221 -27.66 -14.40 -36.38
C GLY A 221 -27.30 -12.97 -36.57
N LEU A 222 -28.09 -12.24 -37.37
CA LEU A 222 -27.76 -10.82 -37.63
C LEU A 222 -28.09 -10.01 -36.37
N MET A 223 -29.18 -10.32 -35.70
CA MET A 223 -29.55 -9.71 -34.41
C MET A 223 -28.40 -9.90 -33.41
N MET A 224 -27.78 -11.08 -33.42
CA MET A 224 -26.71 -11.43 -32.47
C MET A 224 -25.51 -10.56 -32.81
N THR A 225 -25.15 -10.45 -34.08
CA THR A 225 -24.03 -9.56 -34.44
C THR A 225 -24.36 -8.14 -33.94
N ALA A 226 -25.57 -7.67 -34.20
CA ALA A 226 -25.95 -6.27 -33.88
C ALA A 226 -25.84 -6.07 -32.37
N CYS A 227 -26.37 -7.01 -31.58
CA CYS A 227 -26.34 -6.85 -30.10
C CYS A 227 -24.88 -6.95 -29.62
N ASP A 228 -24.14 -7.87 -30.18
CA ASP A 228 -22.72 -8.03 -29.85
C ASP A 228 -21.95 -6.76 -30.15
N LEU A 229 -22.33 -5.97 -31.15
CA LEU A 229 -21.50 -4.79 -31.53
C LEU A 229 -22.09 -3.51 -30.91
N CYS A 230 -23.10 -3.62 -30.05
CA CYS A 230 -23.96 -2.46 -29.65
C CYS A 230 -23.13 -1.38 -28.91
N SER A 231 -21.88 -1.61 -28.54
CA SER A 231 -21.01 -0.51 -28.06
C SER A 231 -20.97 0.65 -29.09
N VAL A 232 -21.07 0.35 -30.39
CA VAL A 232 -21.01 1.38 -31.45
C VAL A 232 -22.35 2.14 -31.53
N THR A 233 -23.38 1.79 -30.74
CA THR A 233 -24.73 2.38 -30.90
C THR A 233 -25.11 3.14 -29.64
N LYS A 234 -24.12 3.41 -28.81
CA LYS A 234 -24.35 4.09 -27.51
C LYS A 234 -24.13 5.58 -27.77
N LEU A 235 -24.51 6.39 -26.80
CA LEU A 235 -24.09 7.81 -26.84
C LEU A 235 -22.55 7.89 -26.83
N TRP A 236 -22.01 8.90 -27.52
CA TRP A 236 -20.57 9.02 -27.85
C TRP A 236 -19.69 8.77 -26.63
N PRO A 237 -19.94 9.38 -25.45
CA PRO A 237 -19.05 9.17 -24.31
C PRO A 237 -18.97 7.68 -23.90
N VAL A 238 -20.08 6.93 -24.00
CA VAL A 238 -20.10 5.46 -23.71
C VAL A 238 -19.26 4.71 -24.77
N THR A 239 -19.46 5.03 -26.03
CA THR A 239 -18.77 4.40 -27.18
C THR A 239 -17.27 4.61 -27.10
N LYS A 240 -16.89 5.83 -26.83
CA LYS A 240 -15.47 6.18 -26.74
C LYS A 240 -14.81 5.44 -25.56
N LEU A 241 -15.44 5.37 -24.38
CA LEU A 241 -14.76 4.78 -23.20
C LEU A 241 -14.75 3.28 -23.37
N THR A 242 -15.78 2.68 -23.97
CA THR A 242 -15.74 1.23 -24.30
C THR A 242 -14.59 0.93 -25.27
N ALA A 243 -14.40 1.75 -26.31
CA ALA A 243 -13.32 1.51 -27.29
C ALA A 243 -12.01 1.27 -26.55
N ASN A 244 -11.77 1.99 -25.45
CA ASN A 244 -10.55 1.83 -24.62
C ASN A 244 -10.43 0.41 -24.07
N ASP A 245 -11.54 -0.12 -23.56
CA ASP A 245 -11.50 -1.50 -23.07
C ASP A 245 -11.24 -2.44 -24.23
N ILE A 246 -11.90 -2.19 -25.34
CA ILE A 246 -11.80 -3.11 -26.49
C ILE A 246 -10.33 -3.15 -26.90
N TYR A 247 -9.65 -2.03 -26.92
CA TYR A 247 -8.26 -1.96 -27.45
C TYR A 247 -7.30 -2.48 -26.40
N ALA A 248 -7.66 -2.41 -25.11
CA ALA A 248 -6.80 -2.94 -24.03
C ALA A 248 -6.67 -4.45 -24.26
N GLU A 249 -7.72 -5.12 -24.70
CA GLU A 249 -7.61 -6.57 -25.01
C GLU A 249 -6.82 -6.72 -26.29
N PHE A 250 -7.15 -5.93 -27.30
CA PHE A 250 -6.48 -6.07 -28.61
C PHE A 250 -4.97 -5.94 -28.43
N TRP A 251 -4.51 -4.98 -27.64
CA TRP A 251 -3.07 -4.67 -27.48
C TRP A 251 -2.37 -5.77 -26.66
N ALA A 252 -3.02 -6.32 -25.64
CA ALA A 252 -2.58 -7.49 -24.88
C ALA A 252 -2.41 -8.62 -25.89
N GLU A 253 -3.39 -8.84 -26.77
CA GLU A 253 -3.29 -9.94 -27.75
C GLU A 253 -2.10 -9.60 -28.68
N GLY A 254 -1.91 -8.36 -29.07
CA GLY A 254 -0.77 -8.04 -29.92
C GLY A 254 0.53 -8.35 -29.21
N ASP A 255 0.60 -8.02 -27.91
CA ASP A 255 1.79 -8.30 -27.09
C ASP A 255 2.07 -9.82 -27.13
N GLU A 256 1.04 -10.64 -26.93
CA GLU A 256 1.17 -12.12 -26.91
C GLU A 256 1.58 -12.59 -28.31
N MET A 257 1.12 -11.90 -29.36
CA MET A 257 1.50 -12.29 -30.74
C MET A 257 3.02 -12.04 -30.86
N LYS A 258 3.48 -10.86 -30.42
CA LYS A 258 4.93 -10.55 -30.43
C LYS A 258 5.69 -11.62 -29.62
N LYS A 259 5.19 -12.03 -28.48
CA LYS A 259 5.82 -13.09 -27.68
C LYS A 259 5.93 -14.40 -28.47
N LEU A 260 5.01 -14.75 -29.36
CA LEU A 260 5.17 -15.93 -30.24
C LEU A 260 6.09 -15.65 -31.44
N GLY A 261 6.66 -14.46 -31.57
CA GLY A 261 7.52 -14.07 -32.71
C GLY A 261 6.72 -13.71 -33.95
N ILE A 262 5.57 -13.04 -33.82
CA ILE A 262 4.66 -12.69 -34.94
C ILE A 262 4.28 -11.20 -34.87
N GLN A 263 4.60 -10.40 -35.90
CA GLN A 263 4.05 -9.03 -36.00
C GLN A 263 2.53 -9.16 -35.93
N PRO A 264 1.88 -8.51 -34.95
CA PRO A 264 0.43 -8.49 -34.95
C PRO A 264 -0.08 -7.59 -36.09
N ILE A 265 -1.32 -7.78 -36.53
CA ILE A 265 -2.02 -6.75 -37.36
C ILE A 265 -1.95 -5.44 -36.58
N PRO A 266 -1.97 -4.26 -37.25
CA PRO A 266 -1.78 -2.98 -36.53
C PRO A 266 -2.90 -2.67 -35.51
N MET A 267 -4.14 -3.03 -35.81
CA MET A 267 -5.30 -2.91 -34.86
C MET A 267 -4.84 -3.34 -33.45
N MET A 268 -4.05 -4.43 -33.38
CA MET A 268 -3.61 -5.07 -32.13
C MET A 268 -2.23 -4.55 -31.66
N ASP A 269 -1.54 -3.68 -32.39
CA ASP A 269 -0.18 -3.25 -31.99
C ASP A 269 -0.29 -1.95 -31.18
N ARG A 270 0.21 -1.93 -29.95
CA ARG A 270 0.00 -0.78 -29.04
C ARG A 270 0.95 0.34 -29.45
N ASP A 271 1.94 0.04 -30.28
CA ASP A 271 2.87 1.08 -30.82
C ASP A 271 2.14 1.86 -31.91
N LYS A 272 1.01 1.35 -32.39
CA LYS A 272 0.26 1.96 -33.50
C LYS A 272 -1.08 2.49 -33.02
N LYS A 273 -1.10 3.23 -31.88
CA LYS A 273 -2.32 3.81 -31.26
C LYS A 273 -2.85 4.98 -32.09
N ASP A 274 -1.94 5.80 -32.64
CA ASP A 274 -2.29 6.93 -33.54
C ASP A 274 -3.27 6.43 -34.63
N GLU A 275 -3.21 5.17 -35.08
CA GLU A 275 -4.05 4.64 -36.21
C GLU A 275 -5.44 4.18 -35.75
N VAL A 276 -5.77 4.31 -34.45
CA VAL A 276 -7.09 3.89 -33.89
C VAL A 276 -8.21 4.60 -34.65
N PRO A 277 -8.25 5.95 -34.69
CA PRO A 277 -9.39 6.65 -35.30
C PRO A 277 -9.70 6.17 -36.73
N GLN A 278 -8.67 5.95 -37.55
CA GLN A 278 -8.79 5.48 -38.95
C GLN A 278 -9.27 4.00 -38.97
N GLY A 279 -8.75 3.15 -38.08
CA GLY A 279 -9.29 1.77 -37.89
C GLY A 279 -10.74 1.76 -37.44
N GLN A 280 -11.17 2.67 -36.59
CA GLN A 280 -12.63 2.76 -36.24
C GLN A 280 -13.46 3.04 -37.51
N LEU A 281 -13.01 3.97 -38.38
CA LEU A 281 -13.67 4.27 -39.69
C LEU A 281 -13.86 2.99 -40.50
N GLY A 282 -12.76 2.24 -40.70
CA GLY A 282 -12.81 0.93 -41.40
C GLY A 282 -13.89 0.04 -40.83
N PHE A 283 -13.86 -0.11 -39.51
CA PHE A 283 -14.76 -1.03 -38.81
C PHE A 283 -16.21 -0.57 -39.00
N TYR A 284 -16.49 0.70 -38.75
CA TYR A 284 -17.87 1.23 -38.93
C TYR A 284 -18.28 1.06 -40.39
N ASN A 285 -17.37 1.38 -41.32
CA ASN A 285 -17.65 1.26 -42.80
C ASN A 285 -17.81 -0.21 -43.22
N ALA A 286 -16.85 -1.07 -42.92
CA ALA A 286 -16.89 -2.50 -43.36
C ALA A 286 -17.83 -3.35 -42.52
N VAL A 287 -18.11 -3.01 -41.25
CA VAL A 287 -18.85 -3.98 -40.37
C VAL A 287 -20.12 -3.41 -39.80
N ALA A 288 -20.01 -2.39 -38.95
CA ALA A 288 -21.12 -1.83 -38.15
C ALA A 288 -22.24 -1.31 -39.04
N ILE A 289 -21.93 -0.41 -39.97
CA ILE A 289 -23.01 0.31 -40.72
C ILE A 289 -23.76 -0.69 -41.59
N PRO A 290 -23.06 -1.55 -42.35
CA PRO A 290 -23.71 -2.62 -43.11
C PRO A 290 -24.58 -3.54 -42.26
N CYS A 291 -24.14 -3.81 -41.02
CA CYS A 291 -24.88 -4.71 -40.11
C CYS A 291 -26.21 -4.06 -39.70
N TYR A 292 -26.16 -2.86 -39.16
CA TYR A 292 -27.39 -2.13 -38.73
C TYR A 292 -28.27 -1.74 -39.94
N THR A 293 -27.68 -1.46 -41.11
CA THR A 293 -28.43 -1.22 -42.40
C THR A 293 -29.32 -2.46 -42.70
N THR A 294 -28.70 -3.62 -42.93
CA THR A 294 -29.43 -4.85 -43.30
C THR A 294 -30.43 -5.15 -42.18
N LEU A 295 -30.07 -4.88 -40.92
CA LEU A 295 -30.98 -5.18 -39.77
C LEU A 295 -32.22 -4.29 -39.86
N THR A 296 -32.01 -3.02 -40.13
CA THR A 296 -33.11 -2.03 -40.17
C THR A 296 -34.03 -2.36 -41.34
N GLN A 297 -33.47 -2.81 -42.47
CA GLN A 297 -34.27 -3.24 -43.66
C GLN A 297 -35.16 -4.42 -43.25
N ILE A 298 -34.59 -5.38 -42.54
CA ILE A 298 -35.36 -6.61 -42.18
C ILE A 298 -36.34 -6.27 -41.06
N LEU A 299 -35.88 -5.48 -40.07
CA LEU A 299 -36.66 -5.12 -38.85
C LEU A 299 -36.69 -3.60 -38.71
N PRO A 300 -37.66 -2.95 -39.37
CA PRO A 300 -37.74 -1.50 -39.37
C PRO A 300 -37.61 -0.83 -38.01
N PRO A 301 -38.32 -1.26 -36.95
CA PRO A 301 -38.17 -0.59 -35.64
C PRO A 301 -36.74 -0.56 -35.02
N THR A 302 -35.74 -1.24 -35.58
CA THR A 302 -34.37 -1.22 -35.02
C THR A 302 -33.60 -0.02 -35.56
N GLU A 303 -34.29 0.90 -36.23
CA GLU A 303 -33.58 1.99 -36.95
C GLU A 303 -32.73 2.83 -35.99
N PRO A 304 -33.15 3.06 -34.75
CA PRO A 304 -32.33 3.84 -33.83
C PRO A 304 -30.89 3.32 -33.70
N LEU A 305 -30.65 1.99 -33.86
CA LEU A 305 -29.28 1.40 -33.80
C LEU A 305 -28.45 1.93 -34.95
N LEU A 306 -29.03 1.94 -36.15
CA LEU A 306 -28.35 2.49 -37.38
C LEU A 306 -28.05 3.98 -37.17
N LYS A 307 -29.04 4.73 -36.69
CA LYS A 307 -28.88 6.20 -36.57
C LYS A 307 -27.77 6.49 -35.56
N ALA A 308 -27.79 5.83 -34.38
CA ALA A 308 -26.73 5.96 -33.35
C ALA A 308 -25.36 5.49 -33.88
N CYS A 309 -25.29 4.40 -34.64
CA CYS A 309 -24.00 3.98 -35.27
C CYS A 309 -23.49 5.11 -36.17
N ARG A 310 -24.32 5.61 -37.10
CA ARG A 310 -23.92 6.74 -37.98
CA ARG A 310 -24.00 6.77 -37.99
C ARG A 310 -23.48 7.96 -37.15
N ASP A 311 -24.11 8.23 -36.02
CA ASP A 311 -23.69 9.40 -35.17
C ASP A 311 -22.25 9.16 -34.73
N ASN A 312 -21.94 7.93 -34.29
CA ASN A 312 -20.61 7.61 -33.71
C ASN A 312 -19.58 7.60 -34.83
N LEU A 313 -19.92 7.11 -36.02
CA LEU A 313 -19.01 7.23 -37.19
C LEU A 313 -18.64 8.70 -37.33
N SER A 314 -19.65 9.56 -37.30
CA SER A 314 -19.40 11.00 -37.52
C SER A 314 -18.54 11.53 -36.37
N GLN A 315 -18.73 11.00 -35.17
CA GLN A 315 -17.85 11.38 -34.04
C GLN A 315 -16.41 10.86 -34.29
N TRP A 316 -16.18 9.69 -34.90
CA TRP A 316 -14.79 9.21 -35.19
C TRP A 316 -14.13 10.09 -36.28
N GLU A 317 -14.87 10.50 -37.30
CA GLU A 317 -14.32 11.46 -38.31
C GLU A 317 -13.86 12.76 -37.66
N LYS A 318 -14.64 13.29 -36.70
CA LYS A 318 -14.24 14.52 -35.98
C LYS A 318 -12.97 14.24 -35.20
N VAL A 319 -12.80 13.06 -34.61
CA VAL A 319 -11.50 12.76 -33.92
C VAL A 319 -10.38 12.94 -34.98
N ILE A 320 -10.56 12.42 -36.19
CA ILE A 320 -9.47 12.44 -37.21
C ILE A 320 -9.16 13.90 -37.53
N ARG A 321 -10.18 14.75 -37.62
CA ARG A 321 -10.03 16.16 -38.09
C ARG A 321 -9.48 17.05 -36.96
N GLY A 322 -8.79 16.46 -35.99
CA GLY A 322 -8.39 17.14 -34.74
C GLY A 322 -9.48 17.97 -34.06
N GLU A 323 -10.78 17.86 -34.40
CA GLU A 323 -11.91 18.57 -33.71
C GLU A 323 -12.27 17.92 -32.35
N GLU A 324 -11.58 16.82 -31.97
CA GLU A 324 -11.43 16.24 -30.60
C GLU A 324 -10.58 14.96 -30.65
N GLN B 11 -5.93 -15.84 29.10
CA GLN B 11 -5.53 -15.10 27.85
C GLN B 11 -6.26 -13.74 27.79
N GLY B 12 -5.88 -12.80 28.67
CA GLY B 12 -6.44 -11.42 28.75
C GLY B 12 -5.37 -10.38 29.05
N LEU B 13 -4.18 -10.80 29.50
CA LEU B 13 -2.94 -9.97 29.63
C LEU B 13 -2.11 -10.06 28.32
N MET B 14 -2.76 -10.06 27.16
CA MET B 14 -2.09 -9.90 25.83
C MET B 14 -2.24 -8.45 25.44
N GLN B 15 -1.13 -7.79 25.17
CA GLN B 15 -1.16 -6.46 24.54
C GLN B 15 -0.57 -6.62 23.14
N PHE B 16 -1.19 -6.03 22.13
CA PHE B 16 -0.53 -5.97 20.81
C PHE B 16 0.71 -5.11 20.92
N THR B 17 1.76 -5.54 20.24
CA THR B 17 3.02 -4.80 20.04
C THR B 17 3.23 -4.54 18.55
N LEU B 18 3.92 -3.47 18.25
CA LEU B 18 4.39 -3.17 16.87
C LEU B 18 5.92 -3.19 16.86
N PRO B 19 6.50 -3.46 15.68
CA PRO B 19 7.92 -3.18 15.46
C PRO B 19 8.31 -1.77 15.91
N VAL B 20 9.54 -1.59 16.38
CA VAL B 20 10.08 -0.31 16.91
C VAL B 20 9.63 0.85 16.02
N ARG B 21 9.93 0.84 14.71
CA ARG B 21 9.66 2.03 13.85
C ARG B 21 8.17 2.37 13.89
N LEU B 22 7.27 1.38 13.88
CA LEU B 22 5.82 1.69 13.82
C LEU B 22 5.43 2.23 15.20
N CYS B 23 5.89 1.56 16.24
CA CYS B 23 5.60 1.90 17.63
C CYS B 23 5.79 3.41 17.83
N LYS B 24 6.87 4.00 17.29
CA LYS B 24 7.22 5.40 17.60
C LYS B 24 6.58 6.33 16.56
N GLU B 25 6.33 5.88 15.34
CA GLU B 25 5.81 6.73 14.23
C GLU B 25 4.31 6.86 14.41
N ILE B 26 3.67 5.86 14.99
CA ILE B 26 2.18 5.78 15.01
C ILE B 26 1.64 6.92 15.87
N GLU B 27 2.50 7.50 16.72
CA GLU B 27 2.08 8.49 17.74
C GLU B 27 2.05 9.83 17.01
N LEU B 28 2.81 9.95 15.92
CA LEU B 28 2.84 11.14 15.02
C LEU B 28 1.60 11.19 14.08
N PHE B 29 1.01 12.38 13.97
CA PHE B 29 -0.16 12.67 13.11
C PHE B 29 0.12 12.25 11.67
N HIS B 30 1.36 12.42 11.17
CA HIS B 30 1.65 12.16 9.73
C HIS B 30 2.09 10.71 9.46
N PHE B 31 1.90 9.79 10.41
CA PHE B 31 2.12 8.32 10.23
C PHE B 31 1.37 7.81 9.00
N ASP B 32 2.04 6.98 8.23
CA ASP B 32 1.48 6.22 7.11
C ASP B 32 1.48 4.77 7.57
N ILE B 33 0.35 4.09 7.45
CA ILE B 33 0.15 2.69 7.93
C ILE B 33 0.80 1.65 7.01
N GLY B 34 1.29 2.03 5.85
CA GLY B 34 2.13 1.13 5.04
C GLY B 34 1.33 0.25 4.09
N PRO B 35 2.06 -0.41 3.14
CA PRO B 35 1.47 -1.26 2.09
C PRO B 35 1.13 -2.71 2.46
N PHE B 36 1.47 -3.13 3.67
CA PHE B 36 1.14 -4.47 4.22
C PHE B 36 -0.25 -4.47 4.86
N GLU B 37 -1.25 -4.84 4.06
CA GLU B 37 -2.67 -5.00 4.45
C GLU B 37 -2.80 -5.84 5.70
N ASN B 38 -2.02 -6.92 5.79
CA ASN B 38 -2.11 -7.93 6.88
C ASN B 38 -1.70 -7.30 8.22
N MET B 39 -0.97 -6.18 8.21
CA MET B 39 -0.64 -5.50 9.48
C MET B 39 -1.74 -4.53 9.96
N TRP B 40 -2.67 -4.15 9.09
CA TRP B 40 -3.57 -3.02 9.42
C TRP B 40 -4.48 -3.42 10.59
N PRO B 41 -5.10 -4.64 10.59
CA PRO B 41 -5.93 -5.05 11.71
C PRO B 41 -5.19 -4.92 13.04
N GLY B 42 -3.94 -5.36 13.07
CA GLY B 42 -3.13 -5.34 14.29
C GLY B 42 -2.92 -3.93 14.76
N ILE B 43 -2.62 -3.05 13.81
CA ILE B 43 -2.39 -1.58 14.01
C ILE B 43 -3.65 -0.96 14.62
N PHE B 44 -4.81 -1.24 14.06
CA PHE B 44 -6.07 -0.75 14.66
C PHE B 44 -6.18 -1.24 16.12
N VAL B 45 -6.06 -2.54 16.37
CA VAL B 45 -6.30 -3.15 17.71
C VAL B 45 -5.30 -2.52 18.69
N TYR B 46 -4.05 -2.35 18.25
CA TYR B 46 -3.04 -1.60 19.01
C TYR B 46 -3.59 -0.21 19.34
N MET B 47 -4.30 0.40 18.39
CA MET B 47 -4.73 1.80 18.62
C MET B 47 -5.86 1.80 19.64
N VAL B 48 -6.75 0.83 19.56
CA VAL B 48 -7.83 0.62 20.56
C VAL B 48 -7.28 0.38 21.97
N HIS B 49 -6.35 -0.54 22.16
CA HIS B 49 -5.90 -0.98 23.49
C HIS B 49 -5.17 0.18 24.16
N ARG B 50 -4.43 1.00 23.41
CA ARG B 50 -3.74 2.21 23.94
C ARG B 50 -4.67 3.44 24.05
N SER B 51 -5.92 3.37 23.59
CA SER B 51 -6.77 4.57 23.44
C SER B 51 -7.96 4.51 24.36
N CYS B 52 -8.56 3.33 24.55
CA CYS B 52 -9.50 3.20 25.68
C CYS B 52 -9.20 1.97 26.52
N GLY B 53 -8.23 1.11 26.19
CA GLY B 53 -7.81 0.02 27.08
C GLY B 53 -8.05 -1.39 26.53
N THR B 54 -7.31 -2.37 27.08
CA THR B 54 -7.34 -3.81 26.71
C THR B 54 -8.71 -4.46 27.02
N SER B 55 -9.44 -3.85 27.95
CA SER B 55 -10.73 -4.35 28.51
C SER B 55 -11.93 -3.71 27.79
N CYS B 56 -11.70 -2.74 26.88
CA CYS B 56 -12.79 -2.04 26.14
C CYS B 56 -13.58 -3.07 25.33
N PHE B 57 -12.91 -4.10 24.84
CA PHE B 57 -13.50 -5.03 23.87
C PHE B 57 -12.97 -6.46 24.08
N GLU B 58 -13.88 -7.42 24.15
CA GLU B 58 -13.51 -8.84 24.05
C GLU B 58 -12.76 -8.96 22.71
N LEU B 59 -11.51 -9.40 22.77
CA LEU B 59 -10.57 -9.48 21.64
C LEU B 59 -11.09 -10.43 20.55
N GLU B 60 -11.76 -11.52 20.88
CA GLU B 60 -12.28 -12.44 19.81
C GLU B 60 -13.33 -11.69 18.98
N LYS B 61 -14.43 -11.21 19.61
CA LYS B 61 -15.51 -10.37 19.02
C LYS B 61 -14.90 -9.19 18.21
N LEU B 62 -13.93 -8.46 18.74
CA LEU B 62 -13.36 -7.27 18.04
C LEU B 62 -12.65 -7.68 16.75
N CME B 63 -11.76 -8.66 16.84
CA CME B 63 -11.04 -9.23 15.66
CB CME B 63 -9.98 -10.28 16.06
SG CME B 63 -8.34 -9.70 16.64
SD CME B 63 -7.45 -8.78 14.99
CE CME B 63 -6.47 -10.04 14.11
CZ CME B 63 -4.98 -9.97 14.37
OH CME B 63 -4.41 -11.26 14.43
C CME B 63 -12.11 -9.76 14.69
O CME B 63 -11.92 -9.68 13.50
N ARG B 64 -13.21 -10.30 15.17
CA ARG B 64 -14.24 -10.83 14.25
C ARG B 64 -14.93 -9.61 13.60
N PHE B 65 -15.20 -8.56 14.37
CA PHE B 65 -15.81 -7.31 13.88
C PHE B 65 -14.90 -6.70 12.80
N ILE B 66 -13.62 -6.57 13.10
CA ILE B 66 -12.63 -5.95 12.18
C ILE B 66 -12.64 -6.70 10.85
N MET B 67 -12.63 -8.03 10.88
CA MET B 67 -12.52 -8.84 9.65
C MET B 67 -13.78 -8.67 8.82
N SER B 68 -14.98 -8.64 9.45
CA SER B 68 -16.23 -8.44 8.71
C SER B 68 -16.25 -7.01 8.09
N VAL B 69 -15.76 -6.01 8.80
CA VAL B 69 -15.71 -4.63 8.29
C VAL B 69 -14.77 -4.64 7.08
N LYS B 70 -13.55 -5.12 7.20
CA LYS B 70 -12.62 -5.18 6.05
C LYS B 70 -13.33 -5.81 4.86
N LYS B 71 -14.02 -6.89 5.11
CA LYS B 71 -14.62 -7.68 4.00
C LYS B 71 -15.67 -6.81 3.30
N ASN B 72 -16.25 -5.83 3.98
CA ASN B 72 -17.37 -5.02 3.45
C ASN B 72 -16.89 -3.66 2.92
N TYR B 73 -15.58 -3.46 2.79
CA TYR B 73 -14.96 -2.40 1.95
C TYR B 73 -14.60 -2.97 0.57
N ARG B 74 -14.75 -2.18 -0.46
CA ARG B 74 -14.58 -2.64 -1.86
C ARG B 74 -13.18 -2.28 -2.31
N ARG B 75 -12.73 -2.89 -3.39
CA ARG B 75 -11.37 -2.69 -3.95
C ARG B 75 -11.48 -1.56 -4.94
N VAL B 76 -11.66 -0.36 -4.41
CA VAL B 76 -11.67 0.92 -5.14
C VAL B 76 -10.34 1.61 -4.89
N PRO B 77 -10.00 2.63 -5.70
CA PRO B 77 -8.69 3.28 -5.59
C PRO B 77 -8.44 4.05 -4.28
N TYR B 78 -9.45 4.67 -3.70
CA TYR B 78 -9.29 5.52 -2.50
C TYR B 78 -10.23 5.08 -1.37
N HIS B 79 -11.54 5.00 -1.58
CA HIS B 79 -12.57 4.75 -0.53
C HIS B 79 -12.54 3.27 -0.14
N ASN B 80 -11.37 2.88 0.32
CA ASN B 80 -11.00 1.46 0.50
C ASN B 80 -10.59 1.26 1.95
N TRP B 81 -10.29 0.03 2.29
CA TRP B 81 -9.97 -0.42 3.66
C TRP B 81 -8.75 0.33 4.17
N LYS B 82 -7.80 0.64 3.30
CA LYS B 82 -6.63 1.41 3.75
C LYS B 82 -7.09 2.77 4.25
N HIS B 83 -8.06 3.38 3.55
CA HIS B 83 -8.57 4.73 3.90
C HIS B 83 -9.23 4.65 5.28
N ALA B 84 -10.04 3.61 5.50
CA ALA B 84 -10.77 3.47 6.79
C ALA B 84 -9.78 3.44 7.95
N VAL B 85 -8.68 2.72 7.82
CA VAL B 85 -7.72 2.52 8.94
C VAL B 85 -6.95 3.82 9.16
N THR B 86 -6.55 4.47 8.08
CA THR B 86 -5.82 5.73 8.04
C THR B 86 -6.66 6.79 8.75
N VAL B 87 -7.94 6.85 8.46
CA VAL B 87 -8.83 7.84 9.14
C VAL B 87 -8.88 7.48 10.62
N ALA B 88 -8.88 6.20 10.99
CA ALA B 88 -8.97 5.80 12.41
C ALA B 88 -7.65 6.14 13.10
N HIS B 89 -6.54 5.97 12.41
CA HIS B 89 -5.21 6.37 12.93
C HIS B 89 -5.23 7.87 13.23
N CYS B 90 -5.77 8.69 12.34
CA CYS B 90 -5.78 10.13 12.56
C CYS B 90 -6.56 10.47 13.84
N MET B 91 -7.69 9.81 14.06
CA MET B 91 -8.56 10.00 15.22
C MET B 91 -7.81 9.54 16.45
N TYR B 92 -6.96 8.52 16.28
CA TYR B 92 -6.18 7.95 17.38
C TYR B 92 -5.26 9.07 17.87
N ALA B 93 -4.52 9.69 16.95
CA ALA B 93 -3.54 10.74 17.26
C ALA B 93 -4.25 11.91 17.95
N ILE B 94 -5.46 12.28 17.51
CA ILE B 94 -6.24 13.36 18.18
C ILE B 94 -6.49 12.90 19.61
N LEU B 95 -7.06 11.70 19.79
CA LEU B 95 -7.55 11.24 21.13
C LEU B 95 -6.39 11.12 22.10
N GLN B 96 -5.24 10.66 21.63
CA GLN B 96 -4.03 10.48 22.49
C GLN B 96 -3.46 11.84 22.92
N ASN B 97 -3.56 12.92 22.13
CA ASN B 97 -3.11 14.27 22.56
C ASN B 97 -4.24 15.11 23.17
N ASN B 98 -5.42 14.54 23.43
CA ASN B 98 -6.51 15.26 24.11
C ASN B 98 -7.23 14.28 25.03
N HIS B 99 -6.49 13.47 25.79
CA HIS B 99 -7.04 12.19 26.36
C HIS B 99 -8.10 12.49 27.44
N THR B 100 -7.93 13.54 28.23
CA THR B 100 -8.83 13.95 29.35
C THR B 100 -10.16 14.50 28.86
N LEU B 101 -10.23 14.97 27.60
CA LEU B 101 -11.42 15.68 27.05
C LEU B 101 -12.57 14.70 26.74
N PHE B 102 -12.34 13.42 26.48
CA PHE B 102 -13.45 12.58 25.95
C PHE B 102 -13.82 11.51 26.96
N THR B 103 -15.10 11.15 27.00
CA THR B 103 -15.66 10.06 27.85
C THR B 103 -15.17 8.73 27.29
N ASP B 104 -15.34 7.65 28.05
CA ASP B 104 -14.85 6.30 27.66
C ASP B 104 -15.72 5.82 26.49
N LEU B 105 -17.03 6.10 26.50
CA LEU B 105 -17.95 5.73 25.41
C LEU B 105 -17.44 6.41 24.13
N GLU B 106 -17.11 7.69 24.21
CA GLU B 106 -16.58 8.46 23.05
C GLU B 106 -15.30 7.78 22.54
N ARG B 107 -14.40 7.35 23.43
CA ARG B 107 -13.11 6.75 22.98
C ARG B 107 -13.41 5.46 22.19
N LYS B 108 -14.44 4.73 22.62
CA LYS B 108 -14.88 3.45 22.03
C LYS B 108 -15.53 3.71 20.66
N GLY B 109 -16.54 4.58 20.68
CA GLY B 109 -17.35 4.97 19.49
C GLY B 109 -16.50 5.50 18.34
N LEU B 110 -15.52 6.35 18.61
CA LEU B 110 -14.94 7.22 17.56
C LEU B 110 -14.00 6.37 16.70
N LEU B 111 -13.11 5.57 17.29
CA LEU B 111 -12.18 4.71 16.49
C LEU B 111 -13.00 3.75 15.64
N ILE B 112 -14.11 3.24 16.19
CA ILE B 112 -15.06 2.34 15.49
C ILE B 112 -15.72 3.11 14.37
N ALA B 113 -16.19 4.33 14.66
CA ALA B 113 -16.91 5.13 13.66
C ALA B 113 -15.95 5.38 12.49
N CYS B 114 -14.71 5.76 12.78
CA CYS B 114 -13.66 5.98 11.78
C CYS B 114 -13.48 4.71 10.92
N LEU B 115 -13.43 3.53 11.51
CA LEU B 115 -13.12 2.28 10.77
C LEU B 115 -14.29 1.95 9.88
N CYS B 116 -15.51 2.26 10.33
CA CYS B 116 -16.76 1.97 9.62
C CYS B 116 -17.27 3.13 8.73
N HIS B 117 -16.67 4.32 8.73
CA HIS B 117 -17.33 5.55 8.18
C HIS B 117 -17.52 5.48 6.67
N ASP B 118 -16.82 4.62 5.96
CA ASP B 118 -17.00 4.58 4.49
C ASP B 118 -17.48 3.19 4.04
N LEU B 119 -18.13 2.41 4.91
CA LEU B 119 -18.40 0.97 4.66
C LEU B 119 -19.16 0.85 3.34
N ASP B 120 -18.69 -0.01 2.45
CA ASP B 120 -19.39 -0.43 1.23
C ASP B 120 -19.42 0.75 0.25
N HIS B 121 -18.49 1.71 0.41
CA HIS B 121 -18.33 2.79 -0.59
C HIS B 121 -18.14 2.18 -1.98
N ARG B 122 -18.76 2.76 -3.02
CA ARG B 122 -18.63 2.24 -4.41
C ARG B 122 -17.68 3.11 -5.21
N GLY B 123 -17.11 4.17 -4.61
CA GLY B 123 -16.17 5.14 -5.24
C GLY B 123 -16.89 6.30 -5.92
N PHE B 124 -18.17 6.51 -5.58
CA PHE B 124 -19.00 7.56 -6.24
C PHE B 124 -19.65 8.44 -5.17
N SER B 125 -19.73 9.74 -5.49
CA SER B 125 -20.28 10.79 -4.61
C SER B 125 -21.79 10.59 -4.48
N ASN B 126 -22.36 11.16 -3.43
CA ASN B 126 -23.83 11.35 -3.33
C ASN B 126 -24.45 11.95 -4.60
N SER B 127 -23.85 12.95 -5.23
CA SER B 127 -24.47 13.58 -6.41
C SER B 127 -24.57 12.54 -7.51
N TYR B 128 -23.53 11.73 -7.72
CA TYR B 128 -23.57 10.75 -8.81
C TYR B 128 -24.70 9.78 -8.52
N LEU B 129 -24.77 9.24 -7.30
CA LEU B 129 -25.89 8.32 -6.93
C LEU B 129 -27.25 9.02 -7.20
N GLN B 130 -27.38 10.29 -6.93
CA GLN B 130 -28.63 11.07 -7.19
C GLN B 130 -28.88 11.14 -8.70
N LYS B 131 -27.90 11.48 -9.50
CA LYS B 131 -28.17 11.69 -10.95
C LYS B 131 -28.38 10.32 -11.62
N PHE B 132 -27.73 9.29 -11.12
CA PHE B 132 -27.85 7.93 -11.65
C PHE B 132 -29.25 7.38 -11.33
N ASP B 133 -29.83 7.86 -10.24
CA ASP B 133 -31.07 7.31 -9.65
C ASP B 133 -30.77 5.90 -9.11
N HIS B 134 -29.69 5.77 -8.36
CA HIS B 134 -29.36 4.58 -7.53
C HIS B 134 -30.46 4.37 -6.50
N PRO B 135 -30.92 3.13 -6.25
CA PRO B 135 -31.87 2.86 -5.17
C PRO B 135 -31.54 3.58 -3.84
N LEU B 136 -30.25 3.59 -3.42
CA LEU B 136 -29.87 4.26 -2.17
C LEU B 136 -30.26 5.75 -2.18
N ALA B 137 -30.32 6.46 -3.30
CA ALA B 137 -30.82 7.86 -3.37
C ALA B 137 -32.28 8.00 -2.91
N ALA B 138 -33.09 6.99 -3.15
CA ALA B 138 -34.54 6.97 -2.86
C ALA B 138 -34.74 6.61 -1.39
N LEU B 139 -33.86 5.80 -0.83
CA LEU B 139 -33.89 5.37 0.59
C LEU B 139 -33.40 6.52 1.47
N TYR B 140 -32.42 7.26 1.01
CA TYR B 140 -31.68 8.26 1.82
C TYR B 140 -31.53 9.52 0.99
N SER B 141 -32.45 10.47 1.16
CA SER B 141 -32.53 11.63 0.25
C SER B 141 -31.32 12.57 0.43
N THR B 142 -30.82 12.74 1.66
CA THR B 142 -29.56 13.49 1.93
C THR B 142 -28.52 12.62 2.62
N SER B 143 -27.29 13.08 2.62
CA SER B 143 -26.16 12.29 3.16
C SER B 143 -26.34 10.80 2.76
N THR B 144 -26.53 10.54 1.47
CA THR B 144 -26.99 9.22 0.97
C THR B 144 -25.97 8.17 1.39
N MET B 145 -24.71 8.33 0.97
CA MET B 145 -23.73 7.24 1.25
C MET B 145 -23.54 7.17 2.74
N GLU B 146 -23.53 8.30 3.45
CA GLU B 146 -23.19 8.26 4.90
C GLU B 146 -24.31 7.56 5.68
N GLN B 147 -25.55 7.63 5.25
CA GLN B 147 -26.60 6.85 5.95
C GLN B 147 -26.39 5.35 5.63
N HIS B 148 -25.97 5.05 4.40
CA HIS B 148 -25.67 3.66 4.01
C HIS B 148 -24.52 3.12 4.86
N HIS B 149 -23.46 3.91 5.06
CA HIS B 149 -22.31 3.47 5.89
C HIS B 149 -22.78 3.11 7.30
N PHE B 150 -23.64 3.94 7.88
CA PHE B 150 -24.10 3.71 9.29
C PHE B 150 -24.93 2.43 9.33
N SER B 151 -25.80 2.24 8.35
CA SER B 151 -26.72 1.08 8.22
C SER B 151 -25.89 -0.20 8.09
N GLN B 152 -24.81 -0.15 7.33
CA GLN B 152 -23.88 -1.27 7.18
C GLN B 152 -23.22 -1.57 8.49
N THR B 153 -22.98 -0.56 9.31
CA THR B 153 -22.22 -0.68 10.57
C THR B 153 -23.13 -1.43 11.54
N VAL B 154 -24.42 -1.11 11.55
CA VAL B 154 -25.43 -1.74 12.46
C VAL B 154 -25.58 -3.21 12.06
N SER B 155 -25.66 -3.49 10.77
CA SER B 155 -25.70 -4.87 10.24
C SER B 155 -24.51 -5.68 10.76
N ILE B 156 -23.30 -5.18 10.58
CA ILE B 156 -22.12 -5.96 11.02
C ILE B 156 -22.15 -6.15 12.55
N LEU B 157 -22.64 -5.21 13.33
CA LEU B 157 -22.76 -5.32 14.81
C LEU B 157 -23.75 -6.43 15.26
N GLN B 158 -24.82 -6.63 14.50
CA GLN B 158 -25.88 -7.62 14.76
C GLN B 158 -25.59 -9.02 14.16
N LEU B 159 -24.42 -9.24 13.58
CA LEU B 159 -23.93 -10.54 13.06
C LEU B 159 -23.52 -11.37 14.29
N GLU B 160 -23.81 -12.68 14.33
CA GLU B 160 -23.50 -13.54 15.50
C GLU B 160 -22.03 -13.36 15.86
N GLY B 161 -21.75 -13.06 17.13
CA GLY B 161 -20.38 -12.95 17.68
C GLY B 161 -19.70 -11.64 17.29
N HIS B 162 -20.44 -10.65 16.81
CA HIS B 162 -19.88 -9.36 16.33
C HIS B 162 -20.25 -8.21 17.24
N ASN B 163 -21.08 -8.43 18.27
CA ASN B 163 -21.48 -7.31 19.15
C ASN B 163 -20.36 -6.95 20.14
N ILE B 164 -19.36 -6.19 19.68
CA ILE B 164 -18.28 -5.62 20.53
C ILE B 164 -18.77 -4.72 21.66
N PHE B 165 -20.05 -4.31 21.71
CA PHE B 165 -20.59 -3.51 22.84
C PHE B 165 -21.51 -4.37 23.71
N SER B 166 -21.31 -5.68 23.73
CA SER B 166 -22.10 -6.65 24.53
C SER B 166 -22.09 -6.21 26.00
N THR B 167 -20.98 -5.75 26.58
CA THR B 167 -20.85 -5.38 28.03
C THR B 167 -21.73 -4.18 28.44
N LEU B 168 -21.97 -3.20 27.54
CA LEU B 168 -22.60 -1.88 27.83
C LEU B 168 -24.05 -2.03 28.29
N SER B 169 -24.57 -1.15 29.15
CA SER B 169 -26.04 -1.07 29.42
C SER B 169 -26.78 -0.80 28.12
N SER B 170 -28.03 -1.24 28.02
CA SER B 170 -28.95 -0.92 26.90
C SER B 170 -28.96 0.62 26.68
N SER B 171 -28.62 1.39 27.72
CA SER B 171 -28.47 2.87 27.72
C SER B 171 -27.14 3.29 27.12
N GLU B 172 -26.01 2.82 27.63
CA GLU B 172 -24.70 3.18 27.03
C GLU B 172 -24.69 2.68 25.55
N TYR B 173 -25.29 1.53 25.28
CA TYR B 173 -25.30 0.89 23.93
C TYR B 173 -25.97 1.89 23.01
N GLU B 174 -27.06 2.52 23.45
CA GLU B 174 -27.78 3.50 22.59
C GLU B 174 -26.93 4.79 22.45
N GLN B 175 -26.24 5.20 23.51
CA GLN B 175 -25.39 6.41 23.47
C GLN B 175 -24.27 6.21 22.43
N VAL B 176 -23.56 5.09 22.48
CA VAL B 176 -22.35 4.85 21.65
C VAL B 176 -22.86 4.70 20.21
N LEU B 177 -24.00 4.11 19.98
CA LEU B 177 -24.54 3.99 18.61
C LEU B 177 -24.93 5.36 18.11
N GLU B 178 -25.45 6.21 18.99
CA GLU B 178 -25.81 7.59 18.56
C GLU B 178 -24.53 8.42 18.27
N ILE B 179 -23.49 8.31 19.09
CA ILE B 179 -22.15 8.85 18.77
C ILE B 179 -21.71 8.38 17.38
N ILE B 180 -21.79 7.08 17.12
CA ILE B 180 -21.26 6.51 15.85
C ILE B 180 -22.10 7.07 14.70
N ARG B 181 -23.41 7.09 14.85
CA ARG B 181 -24.29 7.62 13.79
C ARG B 181 -23.90 9.06 13.49
N LYS B 182 -23.74 9.89 14.50
CA LYS B 182 -23.51 11.33 14.23
C LYS B 182 -22.13 11.52 13.62
N ALA B 183 -21.14 10.76 14.12
CA ALA B 183 -19.74 10.81 13.60
C ALA B 183 -19.76 10.47 12.11
N ILE B 184 -20.52 9.47 11.71
CA ILE B 184 -20.49 8.98 10.31
C ILE B 184 -21.23 9.98 9.43
N ILE B 185 -22.36 10.49 9.88
CA ILE B 185 -23.12 11.50 9.10
C ILE B 185 -22.22 12.73 8.88
N ALA B 186 -21.36 13.08 9.84
CA ALA B 186 -20.56 14.34 9.79
C ALA B 186 -19.47 14.25 8.70
N THR B 187 -19.20 13.07 8.17
CA THR B 187 -18.16 12.88 7.14
C THR B 187 -18.73 13.28 5.79
N ASP B 188 -20.02 13.56 5.71
CA ASP B 188 -20.65 14.18 4.53
C ASP B 188 -20.12 15.59 4.43
N LEU B 189 -19.13 15.84 3.54
CA LEU B 189 -18.43 17.11 3.46
C LEU B 189 -19.41 18.28 3.21
N ALA B 190 -20.58 18.05 2.63
CA ALA B 190 -21.64 19.05 2.46
C ALA B 190 -22.04 19.63 3.83
N LEU B 191 -22.06 18.81 4.88
CA LEU B 191 -22.47 19.27 6.23
C LEU B 191 -21.30 19.98 6.91
N TYR B 192 -20.07 19.80 6.47
CA TYR B 192 -18.90 20.36 7.16
C TYR B 192 -18.99 21.89 7.19
N PHE B 193 -19.24 22.55 6.06
CA PHE B 193 -19.23 24.05 5.96
C PHE B 193 -20.09 24.72 7.08
N GLY B 194 -21.36 24.34 7.26
CA GLY B 194 -22.26 24.76 8.36
C GLY B 194 -21.62 24.50 9.72
N ASN B 195 -21.18 23.26 9.93
CA ASN B 195 -20.63 22.85 11.24
C ASN B 195 -19.41 23.70 11.59
N ARG B 196 -18.42 23.79 10.72
CA ARG B 196 -17.22 24.61 11.00
C ARG B 196 -17.57 26.10 11.21
N LYS B 197 -18.48 26.67 10.39
CA LYS B 197 -18.91 28.06 10.60
C LYS B 197 -19.43 28.19 12.03
N GLN B 198 -20.42 27.39 12.46
CA GLN B 198 -21.01 27.48 13.83
C GLN B 198 -19.96 27.29 14.93
N LEU B 199 -18.93 26.49 14.71
CA LEU B 199 -17.89 26.24 15.75
C LEU B 199 -16.94 27.44 15.80
N GLU B 200 -16.45 27.92 14.64
CA GLU B 200 -15.69 29.21 14.51
C GLU B 200 -16.44 30.33 15.23
N GLU B 201 -17.76 30.40 15.15
CA GLU B 201 -18.49 31.48 15.86
C GLU B 201 -18.41 31.22 17.35
N MET B 202 -19.07 30.15 17.83
CA MET B 202 -19.05 29.72 19.24
C MET B 202 -17.65 29.88 19.85
N TYR B 203 -16.58 29.45 19.16
CA TYR B 203 -15.22 29.50 19.73
C TYR B 203 -14.81 30.93 19.92
N GLN B 204 -14.82 31.69 18.83
CA GLN B 204 -14.21 33.05 18.80
C GLN B 204 -15.00 34.04 19.67
N THR B 205 -16.23 33.70 20.12
CA THR B 205 -17.00 34.45 21.14
C THR B 205 -17.01 33.81 22.53
N GLY B 206 -16.23 32.74 22.76
CA GLY B 206 -16.08 32.05 24.07
C GLY B 206 -17.39 31.45 24.55
N SER B 207 -18.41 31.30 23.72
CA SER B 207 -19.65 30.58 24.10
C SER B 207 -19.46 29.05 23.99
N LEU B 208 -18.35 28.57 23.41
CA LEU B 208 -18.14 27.11 23.15
C LEU B 208 -17.99 26.42 24.50
N ASN B 209 -18.90 25.51 24.76
CA ASN B 209 -19.04 24.78 26.05
C ASN B 209 -19.00 23.25 25.81
N LEU B 210 -17.87 22.60 26.08
CA LEU B 210 -17.76 21.13 25.90
C LEU B 210 -18.67 20.33 26.86
N ASN B 211 -19.34 20.92 27.84
CA ASN B 211 -20.35 20.20 28.66
C ASN B 211 -21.72 20.27 28.00
N ASN B 212 -21.84 21.03 26.90
CA ASN B 212 -23.07 21.09 26.09
C ASN B 212 -23.03 19.98 25.01
N GLN B 213 -24.00 19.08 24.99
CA GLN B 213 -23.92 17.82 24.19
C GLN B 213 -23.88 18.18 22.70
N SER B 214 -24.80 19.04 22.32
CA SER B 214 -24.94 19.66 20.99
C SER B 214 -23.62 20.30 20.54
N HIS B 215 -22.89 20.97 21.43
CA HIS B 215 -21.55 21.54 21.11
C HIS B 215 -20.53 20.42 20.95
N ARG B 216 -20.68 19.36 21.75
CA ARG B 216 -19.75 18.21 21.73
C ARG B 216 -19.90 17.52 20.37
N ASP B 217 -21.13 17.20 20.01
CA ASP B 217 -21.53 16.66 18.69
C ASP B 217 -20.74 17.40 17.63
N ARG B 218 -20.73 18.73 17.67
CA ARG B 218 -20.16 19.55 16.62
C ARG B 218 -18.65 19.38 16.62
N VAL B 219 -18.04 19.39 17.79
CA VAL B 219 -16.56 19.28 17.85
C VAL B 219 -16.20 17.87 17.35
N ILE B 220 -17.03 16.87 17.60
CA ILE B 220 -16.69 15.49 17.14
C ILE B 220 -16.83 15.51 15.62
N GLY B 221 -17.86 16.21 15.15
CA GLY B 221 -18.11 16.32 13.72
C GLY B 221 -16.87 16.82 13.03
N LEU B 222 -16.18 17.75 13.64
CA LEU B 222 -15.14 18.47 12.91
C LEU B 222 -13.92 17.56 13.02
N MET B 223 -13.80 16.90 14.14
CA MET B 223 -12.71 15.90 14.30
C MET B 223 -12.85 14.85 13.19
N MET B 224 -14.07 14.48 12.82
CA MET B 224 -14.30 13.45 11.78
C MET B 224 -13.88 14.01 10.42
N THR B 225 -14.25 15.24 10.09
CA THR B 225 -13.84 15.87 8.81
C THR B 225 -12.31 15.84 8.74
N ALA B 226 -11.64 16.27 9.81
CA ALA B 226 -10.17 16.43 9.84
C ALA B 226 -9.48 15.08 9.60
N CYS B 227 -9.95 14.07 10.29
CA CYS B 227 -9.51 12.66 10.10
C CYS B 227 -9.85 12.24 8.66
N ASP B 228 -11.06 12.53 8.19
CA ASP B 228 -11.45 12.12 6.84
C ASP B 228 -10.55 12.78 5.79
N LEU B 229 -10.01 13.99 6.01
CA LEU B 229 -9.21 14.74 5.01
C LEU B 229 -7.72 14.53 5.26
N CYS B 230 -7.33 13.57 6.10
CA CYS B 230 -5.99 13.60 6.74
C CYS B 230 -4.94 13.31 5.67
N SER B 231 -5.36 12.94 4.46
CA SER B 231 -4.45 12.78 3.30
C SER B 231 -3.61 14.05 3.13
N VAL B 232 -4.22 15.22 3.34
CA VAL B 232 -3.55 16.53 3.10
C VAL B 232 -2.61 16.88 4.26
N THR B 233 -2.60 16.15 5.37
CA THR B 233 -1.77 16.42 6.56
C THR B 233 -0.61 15.43 6.68
N LYS B 234 -0.40 14.61 5.68
CA LYS B 234 0.78 13.71 5.65
C LYS B 234 1.93 14.54 5.06
N LEU B 235 3.13 13.95 5.06
CA LEU B 235 4.32 14.58 4.42
C LEU B 235 4.14 14.52 2.90
N TRP B 236 4.72 15.47 2.19
CA TRP B 236 4.44 15.71 0.75
C TRP B 236 4.39 14.39 -0.03
N PRO B 237 5.41 13.51 0.04
CA PRO B 237 5.44 12.35 -0.86
C PRO B 237 4.21 11.46 -0.70
N VAL B 238 3.72 11.29 0.54
CA VAL B 238 2.46 10.52 0.80
C VAL B 238 1.25 11.30 0.22
N THR B 239 1.14 12.58 0.59
CA THR B 239 0.05 13.47 0.10
C THR B 239 -0.01 13.43 -1.43
N LYS B 240 1.13 13.42 -2.11
CA LYS B 240 1.16 13.50 -3.59
C LYS B 240 0.67 12.17 -4.18
N LEU B 241 1.17 11.04 -3.66
CA LEU B 241 0.71 9.72 -4.14
C LEU B 241 -0.75 9.52 -3.75
N THR B 242 -1.19 9.90 -2.56
CA THR B 242 -2.63 9.72 -2.24
C THR B 242 -3.47 10.52 -3.25
N ALA B 243 -3.00 11.66 -3.75
CA ALA B 243 -3.83 12.49 -4.68
C ALA B 243 -4.12 11.71 -5.96
N ASN B 244 -3.24 10.80 -6.37
CA ASN B 244 -3.46 9.93 -7.56
C ASN B 244 -4.68 9.05 -7.30
N ASP B 245 -4.82 8.51 -6.10
CA ASP B 245 -5.93 7.57 -5.78
C ASP B 245 -7.24 8.36 -5.78
N ILE B 246 -7.23 9.53 -5.16
CA ILE B 246 -8.45 10.37 -5.04
C ILE B 246 -8.94 10.69 -6.45
N TYR B 247 -8.05 11.10 -7.36
CA TYR B 247 -8.41 11.58 -8.73
C TYR B 247 -8.78 10.38 -9.60
N ALA B 248 -8.17 9.22 -9.40
CA ALA B 248 -8.55 8.01 -10.13
C ALA B 248 -10.05 7.78 -9.92
N GLU B 249 -10.55 7.95 -8.69
CA GLU B 249 -12.02 7.89 -8.45
C GLU B 249 -12.72 9.08 -9.09
N PHE B 250 -12.23 10.28 -8.88
CA PHE B 250 -12.97 11.48 -9.35
C PHE B 250 -13.13 11.33 -10.85
N TRP B 251 -12.10 10.83 -11.54
CA TRP B 251 -12.06 10.76 -13.02
C TRP B 251 -13.00 9.65 -13.48
N ALA B 252 -13.06 8.54 -12.75
CA ALA B 252 -14.04 7.49 -13.05
C ALA B 252 -15.45 8.05 -12.90
N GLU B 253 -15.72 8.85 -11.87
CA GLU B 253 -17.06 9.44 -11.64
C GLU B 253 -17.32 10.43 -12.76
N GLY B 254 -16.32 11.20 -13.21
CA GLY B 254 -16.48 12.09 -14.39
C GLY B 254 -16.92 11.31 -15.61
N ASP B 255 -16.25 10.21 -15.84
CA ASP B 255 -16.53 9.32 -16.98
C ASP B 255 -18.01 8.87 -16.91
N GLU B 256 -18.47 8.46 -15.73
CA GLU B 256 -19.87 8.00 -15.55
C GLU B 256 -20.87 9.15 -15.69
N MET B 257 -20.60 10.35 -15.19
CA MET B 257 -21.40 11.55 -15.51
C MET B 257 -21.55 11.74 -17.02
N LYS B 258 -20.41 11.69 -17.76
CA LYS B 258 -20.41 11.84 -19.22
C LYS B 258 -21.34 10.76 -19.77
N LYS B 259 -21.32 9.54 -19.21
CA LYS B 259 -22.16 8.45 -19.80
C LYS B 259 -23.63 8.74 -19.58
N LEU B 260 -23.99 9.55 -18.57
CA LEU B 260 -25.40 9.94 -18.35
C LEU B 260 -25.74 11.16 -19.20
N GLY B 261 -24.77 11.76 -19.87
CA GLY B 261 -25.00 12.95 -20.71
C GLY B 261 -24.87 14.20 -19.88
N ILE B 262 -24.01 14.21 -18.86
CA ILE B 262 -23.86 15.38 -17.96
C ILE B 262 -22.39 15.79 -17.96
N GLN B 263 -22.08 17.05 -18.25
CA GLN B 263 -20.69 17.52 -18.22
C GLN B 263 -20.26 17.52 -16.76
N PRO B 264 -19.21 16.78 -16.37
CA PRO B 264 -18.83 16.75 -14.96
C PRO B 264 -18.21 18.10 -14.57
N ILE B 265 -18.19 18.41 -13.29
CA ILE B 265 -17.36 19.50 -12.74
C ILE B 265 -15.91 19.21 -13.10
N PRO B 266 -15.09 20.24 -13.36
CA PRO B 266 -13.74 20.05 -13.89
C PRO B 266 -12.82 19.08 -13.12
N MET B 267 -13.00 19.06 -11.80
CA MET B 267 -12.13 18.29 -10.91
C MET B 267 -12.28 16.80 -11.26
N MET B 268 -13.44 16.41 -11.79
CA MET B 268 -13.80 15.03 -12.15
C MET B 268 -13.58 14.78 -13.66
N ASP B 269 -12.99 15.71 -14.39
CA ASP B 269 -12.86 15.56 -15.86
C ASP B 269 -11.42 15.15 -16.20
N ARG B 270 -11.22 13.92 -16.64
CA ARG B 270 -9.83 13.47 -16.86
C ARG B 270 -9.19 14.26 -18.02
N ASP B 271 -9.99 14.90 -18.88
CA ASP B 271 -9.42 15.79 -19.92
C ASP B 271 -8.87 17.06 -19.27
N LYS B 272 -9.12 17.31 -17.98
CA LYS B 272 -8.62 18.55 -17.34
C LYS B 272 -7.53 18.27 -16.31
N LYS B 273 -6.71 17.24 -16.52
CA LYS B 273 -5.59 16.87 -15.61
C LYS B 273 -4.68 18.06 -15.32
N ASP B 274 -4.58 19.01 -16.25
CA ASP B 274 -3.66 20.17 -16.13
C ASP B 274 -4.25 21.17 -15.11
N GLU B 275 -5.55 21.12 -14.78
CA GLU B 275 -6.16 22.00 -13.74
C GLU B 275 -6.05 21.46 -12.29
N VAL B 276 -5.34 20.35 -12.05
CA VAL B 276 -5.30 19.70 -10.72
C VAL B 276 -4.60 20.61 -9.69
N PRO B 277 -3.38 21.11 -9.95
CA PRO B 277 -2.65 21.87 -8.94
C PRO B 277 -3.45 23.08 -8.44
N GLN B 278 -4.11 23.76 -9.39
CA GLN B 278 -5.02 24.89 -9.13
C GLN B 278 -6.23 24.40 -8.32
N GLY B 279 -6.82 23.24 -8.66
CA GLY B 279 -8.01 22.73 -7.94
C GLY B 279 -7.63 22.33 -6.50
N GLN B 280 -6.46 21.73 -6.29
CA GLN B 280 -5.91 21.40 -4.96
C GLN B 280 -5.75 22.69 -4.15
N LEU B 281 -5.13 23.72 -4.72
CA LEU B 281 -5.02 25.09 -4.13
C LEU B 281 -6.41 25.58 -3.67
N GLY B 282 -7.43 25.43 -4.50
CA GLY B 282 -8.79 25.85 -4.12
C GLY B 282 -9.30 25.02 -2.96
N PHE B 283 -9.06 23.71 -3.00
CA PHE B 283 -9.50 22.79 -1.93
C PHE B 283 -8.83 23.17 -0.58
N TYR B 284 -7.51 23.33 -0.54
CA TYR B 284 -6.78 23.69 0.72
C TYR B 284 -7.26 25.06 1.26
N ASN B 285 -7.39 26.06 0.39
CA ASN B 285 -7.79 27.43 0.81
C ASN B 285 -9.23 27.44 1.31
N ALA B 286 -10.14 26.74 0.61
CA ALA B 286 -11.60 26.72 0.85
C ALA B 286 -12.00 25.68 1.91
N VAL B 287 -11.29 24.56 2.03
CA VAL B 287 -11.79 23.47 2.93
C VAL B 287 -10.76 23.12 4.00
N ALA B 288 -9.59 22.63 3.63
CA ALA B 288 -8.69 21.95 4.57
C ALA B 288 -8.06 22.93 5.57
N ILE B 289 -7.55 24.09 5.11
CA ILE B 289 -6.87 25.05 6.03
C ILE B 289 -7.88 25.57 7.05
N PRO B 290 -9.09 25.98 6.65
CA PRO B 290 -10.10 26.35 7.63
C PRO B 290 -10.46 25.23 8.63
N CYS B 291 -10.60 24.01 8.13
CA CYS B 291 -10.92 22.82 8.95
C CYS B 291 -9.87 22.69 10.06
N TYR B 292 -8.57 22.58 9.71
CA TYR B 292 -7.49 22.36 10.71
C TYR B 292 -7.17 23.66 11.47
N THR B 293 -7.62 24.82 10.95
CA THR B 293 -7.42 26.12 11.64
C THR B 293 -8.37 26.09 12.84
N THR B 294 -9.64 25.89 12.58
CA THR B 294 -10.65 25.85 13.66
C THR B 294 -10.30 24.70 14.60
N LEU B 295 -9.94 23.53 14.07
CA LEU B 295 -9.72 22.36 14.95
C LEU B 295 -8.53 22.72 15.87
N THR B 296 -7.49 23.37 15.34
CA THR B 296 -6.31 23.74 16.18
C THR B 296 -6.75 24.73 17.28
N GLN B 297 -7.68 25.64 16.99
CA GLN B 297 -8.16 26.58 18.01
C GLN B 297 -8.84 25.80 19.12
N ILE B 298 -9.66 24.84 18.77
CA ILE B 298 -10.49 24.19 19.81
C ILE B 298 -9.63 23.14 20.54
N LEU B 299 -8.63 22.56 19.88
CA LEU B 299 -7.81 21.43 20.38
C LEU B 299 -6.37 21.70 19.96
N PRO B 300 -5.72 22.63 20.68
CA PRO B 300 -4.36 23.06 20.34
C PRO B 300 -3.35 21.97 20.04
N PRO B 301 -3.36 20.81 20.74
CA PRO B 301 -2.43 19.71 20.39
C PRO B 301 -2.64 19.09 18.98
N THR B 302 -3.71 19.44 18.22
CA THR B 302 -3.89 19.08 16.77
C THR B 302 -3.11 19.96 15.79
N GLU B 303 -2.47 20.99 16.30
CA GLU B 303 -1.53 21.90 15.60
C GLU B 303 -0.83 21.22 14.42
N PRO B 304 -0.11 20.08 14.59
CA PRO B 304 0.74 19.58 13.50
C PRO B 304 -0.07 19.13 12.27
N LEU B 305 -1.39 18.91 12.43
CA LEU B 305 -2.27 18.72 11.24
C LEU B 305 -2.24 20.01 10.42
N LEU B 306 -2.56 21.14 11.07
CA LEU B 306 -2.59 22.47 10.39
C LEU B 306 -1.22 22.70 9.76
N LYS B 307 -0.16 22.43 10.50
CA LYS B 307 1.22 22.73 10.04
C LYS B 307 1.53 21.94 8.77
N ALA B 308 1.33 20.63 8.81
CA ALA B 308 1.51 19.74 7.62
C ALA B 308 0.59 20.20 6.47
N CYS B 309 -0.65 20.58 6.78
CA CYS B 309 -1.60 21.09 5.73
C CYS B 309 -1.03 22.33 5.03
N ARG B 310 -0.46 23.27 5.81
CA ARG B 310 0.19 24.50 5.29
CA ARG B 310 0.24 24.50 5.35
C ARG B 310 1.41 24.12 4.45
N ASP B 311 2.25 23.20 4.90
CA ASP B 311 3.41 22.71 4.11
C ASP B 311 2.95 22.17 2.75
N ASN B 312 1.82 21.45 2.73
CA ASN B 312 1.32 20.80 1.50
C ASN B 312 0.75 21.88 0.58
N LEU B 313 0.02 22.86 1.13
CA LEU B 313 -0.47 24.05 0.39
C LEU B 313 0.72 24.67 -0.37
N SER B 314 1.84 24.86 0.33
CA SER B 314 3.03 25.52 -0.24
C SER B 314 3.67 24.60 -1.31
N GLN B 315 3.75 23.29 -1.08
CA GLN B 315 4.25 22.34 -2.11
C GLN B 315 3.38 22.39 -3.37
N TRP B 316 2.05 22.51 -3.24
CA TRP B 316 1.18 22.64 -4.44
C TRP B 316 1.44 23.98 -5.15
N GLU B 317 1.73 25.06 -4.41
CA GLU B 317 2.01 26.38 -5.02
C GLU B 317 3.26 26.28 -5.89
N LYS B 318 4.23 25.46 -5.48
CA LYS B 318 5.48 25.21 -6.26
C LYS B 318 5.14 24.45 -7.54
N VAL B 319 4.32 23.43 -7.46
CA VAL B 319 3.82 22.69 -8.66
C VAL B 319 3.13 23.70 -9.59
N ILE B 320 2.33 24.63 -9.07
CA ILE B 320 1.61 25.58 -9.97
C ILE B 320 2.60 26.49 -10.72
N ARG B 321 3.72 26.82 -10.09
CA ARG B 321 4.76 27.72 -10.65
C ARG B 321 5.82 26.89 -11.39
N GLY B 322 5.70 25.57 -11.38
CA GLY B 322 6.61 24.69 -12.14
C GLY B 322 7.98 24.52 -11.50
N GLU B 323 8.11 24.71 -10.19
CA GLU B 323 9.39 24.49 -9.47
C GLU B 323 9.48 23.05 -8.91
N GLU B 324 8.48 22.18 -9.13
CA GLU B 324 8.41 20.80 -8.57
C GLU B 324 7.60 19.89 -9.53
N THR B 325 7.84 18.57 -9.51
CA THR B 325 7.19 17.52 -10.35
C THR B 325 5.97 16.94 -9.59
N GLY C 12 0.21 -44.88 -11.80
CA GLY C 12 0.75 -43.70 -12.54
C GLY C 12 0.64 -43.88 -14.05
N LEU C 13 -0.55 -44.27 -14.51
CA LEU C 13 -0.88 -44.66 -15.91
C LEU C 13 -1.16 -43.43 -16.81
N MET C 14 -1.60 -42.30 -16.23
CA MET C 14 -1.94 -41.03 -16.93
C MET C 14 -0.68 -40.17 -17.13
N GLN C 15 -0.25 -39.97 -18.36
CA GLN C 15 0.84 -39.06 -18.76
C GLN C 15 0.25 -37.76 -19.29
N PHE C 16 0.89 -36.63 -18.97
CA PHE C 16 0.48 -35.31 -19.51
C PHE C 16 1.07 -35.18 -20.89
N THR C 17 0.33 -34.54 -21.80
CA THR C 17 0.80 -34.13 -23.14
C THR C 17 0.44 -32.67 -23.33
N LEU C 18 1.22 -32.02 -24.17
CA LEU C 18 1.08 -30.61 -24.58
C LEU C 18 0.68 -30.61 -26.06
N PRO C 19 -0.12 -29.62 -26.51
CA PRO C 19 -0.25 -29.36 -27.94
C PRO C 19 1.12 -29.44 -28.58
N VAL C 20 1.15 -29.80 -29.85
CA VAL C 20 2.40 -29.94 -30.65
C VAL C 20 3.33 -28.76 -30.42
N ARG C 21 2.86 -27.51 -30.59
CA ARG C 21 3.82 -26.35 -30.58
C ARG C 21 4.49 -26.32 -29.20
N LEU C 22 3.74 -26.49 -28.11
CA LEU C 22 4.26 -26.41 -26.72
C LEU C 22 5.24 -27.57 -26.48
N CYS C 23 4.90 -28.78 -26.94
CA CYS C 23 5.69 -30.03 -26.79
C CYS C 23 7.10 -29.85 -27.37
N LYS C 24 7.19 -29.14 -28.47
CA LYS C 24 8.42 -28.90 -29.25
C LYS C 24 9.16 -27.74 -28.57
N GLU C 25 8.47 -26.62 -28.36
CA GLU C 25 9.00 -25.33 -27.85
C GLU C 25 9.42 -25.42 -26.37
N ILE C 26 8.78 -26.28 -25.55
CA ILE C 26 9.03 -26.27 -24.09
C ILE C 26 10.47 -26.72 -23.84
N GLU C 27 11.06 -27.40 -24.83
CA GLU C 27 12.40 -27.99 -24.68
C GLU C 27 13.41 -26.86 -24.85
N LEU C 28 13.00 -25.74 -25.44
CA LEU C 28 13.92 -24.58 -25.66
C LEU C 28 14.06 -23.70 -24.39
N PHE C 29 15.27 -23.19 -24.17
CA PHE C 29 15.57 -22.35 -23.00
C PHE C 29 14.68 -21.09 -22.99
N HIS C 30 14.36 -20.54 -24.16
CA HIS C 30 13.68 -19.22 -24.32
C HIS C 30 12.15 -19.40 -24.41
N PHE C 31 11.63 -20.61 -24.31
CA PHE C 31 10.17 -20.84 -24.20
C PHE C 31 9.53 -19.84 -23.24
N ASP C 32 8.36 -19.36 -23.66
CA ASP C 32 7.43 -18.51 -22.89
C ASP C 32 6.21 -19.37 -22.54
N ILE C 33 5.79 -19.42 -21.27
CA ILE C 33 4.71 -20.38 -20.91
C ILE C 33 3.32 -19.89 -21.40
N GLY C 34 3.19 -18.70 -21.98
CA GLY C 34 1.88 -18.26 -22.48
C GLY C 34 1.00 -17.57 -21.44
N PRO C 35 -0.02 -16.83 -21.89
CA PRO C 35 -0.88 -16.04 -21.01
C PRO C 35 -2.10 -16.83 -20.47
N PHE C 36 -2.15 -18.15 -20.67
CA PHE C 36 -3.29 -18.95 -20.17
C PHE C 36 -2.91 -19.62 -18.85
N GLU C 37 -3.28 -19.03 -17.71
CA GLU C 37 -2.95 -19.55 -16.36
C GLU C 37 -3.39 -21.01 -16.18
N ASN C 38 -4.56 -21.39 -16.68
CA ASN C 38 -5.09 -22.76 -16.42
C ASN C 38 -4.20 -23.81 -17.08
N MET C 39 -3.26 -23.42 -17.93
CA MET C 39 -2.33 -24.40 -18.55
C MET C 39 -1.06 -24.60 -17.74
N TRP C 40 -0.71 -23.68 -16.83
CA TRP C 40 0.62 -23.63 -16.17
C TRP C 40 0.80 -24.87 -15.31
N PRO C 41 -0.22 -25.27 -14.50
CA PRO C 41 -0.09 -26.45 -13.68
C PRO C 41 0.23 -27.65 -14.55
N GLY C 42 -0.53 -27.83 -15.61
CA GLY C 42 -0.35 -28.95 -16.57
C GLY C 42 1.06 -28.95 -17.13
N ILE C 43 1.57 -27.79 -17.52
CA ILE C 43 2.95 -27.60 -18.06
C ILE C 43 3.96 -28.02 -17.00
N PHE C 44 3.73 -27.70 -15.73
CA PHE C 44 4.65 -28.05 -14.63
C PHE C 44 4.66 -29.58 -14.41
N VAL C 45 3.49 -30.20 -14.40
CA VAL C 45 3.40 -31.68 -14.27
C VAL C 45 4.12 -32.34 -15.45
N TYR C 46 3.90 -31.86 -16.66
CA TYR C 46 4.65 -32.36 -17.84
C TYR C 46 6.15 -32.30 -17.56
N MET C 47 6.66 -31.20 -17.02
CA MET C 47 8.12 -31.05 -16.83
C MET C 47 8.54 -32.03 -15.73
N VAL C 48 7.72 -32.21 -14.71
CA VAL C 48 8.02 -33.20 -13.66
C VAL C 48 8.02 -34.59 -14.25
N HIS C 49 7.00 -35.03 -14.99
CA HIS C 49 7.00 -36.39 -15.59
C HIS C 49 8.27 -36.59 -16.43
N ARG C 50 8.60 -35.65 -17.29
CA ARG C 50 9.69 -35.86 -18.26
C ARG C 50 11.06 -35.74 -17.59
N SER C 51 11.23 -34.97 -16.52
CA SER C 51 12.58 -34.65 -15.99
C SER C 51 12.89 -35.46 -14.74
N CYS C 52 11.87 -36.00 -14.10
CA CYS C 52 11.98 -36.78 -12.84
C CYS C 52 11.56 -38.23 -13.13
N GLY C 53 10.37 -38.42 -13.74
CA GLY C 53 9.67 -39.70 -13.99
C GLY C 53 8.18 -39.62 -13.61
N THR C 54 7.33 -40.42 -14.25
CA THR C 54 5.85 -40.50 -14.02
C THR C 54 5.50 -40.96 -12.59
N SER C 55 6.47 -41.48 -11.87
CA SER C 55 6.33 -42.14 -10.55
C SER C 55 6.99 -41.34 -9.42
N CYS C 56 7.77 -40.28 -9.70
CA CYS C 56 8.46 -39.47 -8.66
C CYS C 56 7.47 -38.96 -7.59
N PHE C 57 6.28 -38.56 -8.00
CA PHE C 57 5.27 -37.97 -7.11
C PHE C 57 3.98 -38.69 -7.44
N GLU C 58 3.15 -38.87 -6.42
CA GLU C 58 1.76 -39.32 -6.62
C GLU C 58 0.97 -38.13 -7.18
N LEU C 59 0.27 -38.35 -8.27
CA LEU C 59 -0.38 -37.28 -9.07
C LEU C 59 -1.37 -36.47 -8.26
N GLU C 60 -2.30 -37.07 -7.52
CA GLU C 60 -3.29 -36.34 -6.69
C GLU C 60 -2.55 -35.43 -5.68
N LYS C 61 -1.48 -35.95 -5.07
CA LYS C 61 -0.72 -35.22 -4.02
C LYS C 61 -0.05 -34.02 -4.68
N LEU C 62 0.52 -34.20 -5.87
CA LEU C 62 1.21 -33.13 -6.62
C LEU C 62 0.17 -32.05 -6.96
N CME C 63 -0.89 -32.48 -7.60
CA CME C 63 -1.97 -31.59 -8.09
CB CME C 63 -3.02 -32.32 -8.94
SG CME C 63 -2.48 -32.54 -10.66
SD CME C 63 -2.50 -30.63 -11.39
CE CME C 63 -3.26 -30.74 -13.03
CZ CME C 63 -4.52 -29.95 -13.04
OH CME C 63 -4.71 -29.27 -14.26
C CME C 63 -2.54 -30.82 -6.91
O CME C 63 -2.81 -29.64 -7.11
N ARG C 64 -2.70 -31.38 -5.71
CA ARG C 64 -3.23 -30.50 -4.66
C ARG C 64 -2.09 -29.67 -4.08
N PHE C 65 -0.84 -30.13 -4.12
CA PHE C 65 0.36 -29.34 -3.73
C PHE C 65 0.49 -28.11 -4.64
N ILE C 66 0.39 -28.34 -5.93
CA ILE C 66 0.53 -27.25 -6.93
C ILE C 66 -0.54 -26.21 -6.65
N MET C 67 -1.79 -26.62 -6.45
CA MET C 67 -2.88 -25.63 -6.32
C MET C 67 -2.77 -24.86 -5.00
N SER C 68 -2.22 -25.43 -3.93
CA SER C 68 -1.99 -24.67 -2.66
C SER C 68 -0.88 -23.61 -2.88
N VAL C 69 0.16 -23.99 -3.63
CA VAL C 69 1.30 -23.10 -3.92
C VAL C 69 0.81 -21.91 -4.73
N LYS C 70 0.07 -22.15 -5.81
CA LYS C 70 -0.54 -21.09 -6.67
C LYS C 70 -1.37 -20.14 -5.80
N LYS C 71 -2.22 -20.71 -4.96
CA LYS C 71 -3.12 -19.98 -4.02
C LYS C 71 -2.27 -19.07 -3.12
N ASN C 72 -1.01 -19.39 -2.88
CA ASN C 72 -0.18 -18.60 -1.94
C ASN C 72 0.78 -17.69 -2.67
N TYR C 73 0.72 -17.60 -4.01
CA TYR C 73 1.33 -16.49 -4.78
C TYR C 73 0.31 -15.33 -4.83
N ARG C 74 0.80 -14.10 -4.75
CA ARG C 74 -0.08 -12.93 -4.71
C ARG C 74 -0.15 -12.31 -6.10
N ARG C 75 -1.17 -11.50 -6.32
CA ARG C 75 -1.45 -10.81 -7.60
C ARG C 75 -0.66 -9.51 -7.58
N VAL C 76 0.64 -9.68 -7.69
CA VAL C 76 1.62 -8.59 -7.90
C VAL C 76 2.05 -8.64 -9.37
N PRO C 77 2.69 -7.59 -9.84
CA PRO C 77 3.02 -7.51 -11.28
C PRO C 77 4.06 -8.53 -11.79
N TYR C 78 5.09 -8.83 -11.02
CA TYR C 78 6.18 -9.71 -11.51
C TYR C 78 6.31 -10.95 -10.64
N HIS C 79 6.45 -10.76 -9.32
CA HIS C 79 6.77 -11.86 -8.36
C HIS C 79 5.51 -12.70 -8.08
N ASN C 80 4.95 -13.28 -9.14
CA ASN C 80 3.63 -13.95 -9.13
C ASN C 80 3.75 -15.41 -9.62
N TRP C 81 2.63 -16.11 -9.68
CA TRP C 81 2.54 -17.52 -10.13
C TRP C 81 3.24 -17.73 -11.47
N LYS C 82 3.04 -16.81 -12.40
CA LYS C 82 3.66 -16.93 -13.73
C LYS C 82 5.18 -16.98 -13.60
N HIS C 83 5.77 -16.17 -12.73
CA HIS C 83 7.23 -16.13 -12.50
C HIS C 83 7.70 -17.49 -11.93
N ALA C 84 6.95 -18.02 -10.99
CA ALA C 84 7.18 -19.33 -10.37
C ALA C 84 7.29 -20.41 -11.45
N VAL C 85 6.35 -20.51 -12.37
CA VAL C 85 6.37 -21.60 -13.38
C VAL C 85 7.46 -21.31 -14.41
N THR C 86 7.61 -20.06 -14.85
CA THR C 86 8.71 -19.64 -15.77
C THR C 86 10.08 -20.06 -15.19
N VAL C 87 10.31 -19.89 -13.89
CA VAL C 87 11.62 -20.24 -13.25
C VAL C 87 11.73 -21.76 -13.20
N ALA C 88 10.65 -22.43 -12.87
CA ALA C 88 10.63 -23.91 -12.90
C ALA C 88 11.04 -24.38 -14.28
N HIS C 89 10.47 -23.79 -15.35
CA HIS C 89 10.75 -24.18 -16.76
C HIS C 89 12.23 -23.98 -17.11
N CYS C 90 12.82 -22.91 -16.64
CA CYS C 90 14.25 -22.70 -16.94
C CYS C 90 15.05 -23.84 -16.26
N MET C 91 14.73 -24.15 -15.00
CA MET C 91 15.33 -25.31 -14.33
C MET C 91 15.06 -26.60 -15.15
N TYR C 92 13.83 -26.81 -15.65
CA TYR C 92 13.53 -27.96 -16.57
C TYR C 92 14.57 -28.03 -17.71
N ALA C 93 14.74 -26.94 -18.41
CA ALA C 93 15.68 -26.91 -19.53
C ALA C 93 17.11 -27.24 -19.04
N ILE C 94 17.58 -26.73 -17.91
CA ILE C 94 18.96 -26.97 -17.46
C ILE C 94 19.13 -28.48 -17.17
N LEU C 95 18.20 -29.05 -16.42
CA LEU C 95 18.18 -30.48 -16.05
C LEU C 95 18.12 -31.37 -17.28
N GLN C 96 17.26 -31.09 -18.26
CA GLN C 96 17.14 -31.96 -19.47
C GLN C 96 18.40 -31.83 -20.34
N ASN C 97 19.20 -30.75 -20.29
CA ASN C 97 20.41 -30.73 -21.15
C ASN C 97 21.65 -31.16 -20.35
N ASN C 98 21.47 -31.62 -19.12
CA ASN C 98 22.59 -31.99 -18.22
C ASN C 98 22.13 -33.23 -17.42
N HIS C 99 21.41 -34.17 -18.04
CA HIS C 99 20.57 -35.14 -17.30
C HIS C 99 21.50 -36.09 -16.56
N THR C 100 22.74 -36.22 -17.01
CA THR C 100 23.65 -37.20 -16.38
C THR C 100 24.20 -36.66 -15.06
N LEU C 101 24.15 -35.34 -14.81
CA LEU C 101 24.90 -34.72 -13.68
C LEU C 101 24.08 -34.73 -12.39
N PHE C 102 22.75 -34.94 -12.40
CA PHE C 102 21.97 -34.69 -11.15
C PHE C 102 21.37 -35.98 -10.63
N THR C 103 21.26 -36.07 -9.33
CA THR C 103 20.69 -37.26 -8.63
C THR C 103 19.19 -37.22 -8.76
N ASP C 104 18.56 -38.29 -8.32
CA ASP C 104 17.09 -38.46 -8.34
C ASP C 104 16.46 -37.40 -7.41
N LEU C 105 16.99 -37.30 -6.19
CA LEU C 105 16.52 -36.36 -5.16
C LEU C 105 16.66 -34.95 -5.69
N GLU C 106 17.75 -34.63 -6.38
CA GLU C 106 17.98 -33.26 -6.90
C GLU C 106 16.94 -32.98 -7.99
N ARG C 107 16.65 -33.91 -8.86
CA ARG C 107 15.60 -33.71 -9.90
C ARG C 107 14.25 -33.36 -9.28
N LYS C 108 13.72 -34.26 -8.43
CA LYS C 108 12.54 -34.02 -7.55
C LYS C 108 12.62 -32.65 -6.89
N GLY C 109 13.71 -32.43 -6.19
CA GLY C 109 13.93 -31.23 -5.34
C GLY C 109 13.83 -29.90 -6.07
N LEU C 110 14.53 -29.75 -7.20
CA LEU C 110 14.83 -28.44 -7.83
C LEU C 110 13.56 -27.83 -8.50
N LEU C 111 12.79 -28.64 -9.22
CA LEU C 111 11.54 -28.18 -9.84
C LEU C 111 10.61 -27.68 -8.76
N ILE C 112 10.59 -28.38 -7.61
CA ILE C 112 9.72 -28.00 -6.47
C ILE C 112 10.23 -26.71 -5.85
N ALA C 113 11.53 -26.58 -5.67
CA ALA C 113 12.08 -25.35 -5.09
C ALA C 113 11.77 -24.15 -6.00
N CYS C 114 11.93 -24.26 -7.32
CA CYS C 114 11.71 -23.15 -8.27
C CYS C 114 10.24 -22.75 -8.25
N LEU C 115 9.32 -23.73 -8.25
CA LEU C 115 7.85 -23.44 -8.12
C LEU C 115 7.61 -22.71 -6.81
N CYS C 116 8.36 -23.05 -5.75
CA CYS C 116 8.05 -22.46 -4.41
C CYS C 116 8.91 -21.25 -4.04
N HIS C 117 9.85 -20.80 -4.88
CA HIS C 117 10.99 -19.96 -4.39
C HIS C 117 10.56 -18.54 -4.05
N ASP C 118 9.42 -18.06 -4.57
CA ASP C 118 8.93 -16.69 -4.20
C ASP C 118 7.56 -16.78 -3.50
N LEU C 119 7.28 -17.89 -2.83
CA LEU C 119 5.96 -18.09 -2.15
C LEU C 119 5.68 -16.90 -1.26
N ASP C 120 4.52 -16.27 -1.47
CA ASP C 120 3.95 -15.25 -0.59
C ASP C 120 4.74 -13.93 -0.73
N HIS C 121 5.34 -13.67 -1.88
CA HIS C 121 6.08 -12.41 -2.16
C HIS C 121 5.09 -11.26 -2.22
N ARG C 122 5.47 -10.07 -1.75
CA ARG C 122 4.47 -8.95 -1.72
CA ARG C 122 4.59 -8.88 -1.57
C ARG C 122 4.90 -7.85 -2.67
N GLY C 123 5.93 -8.10 -3.48
CA GLY C 123 6.47 -7.14 -4.45
C GLY C 123 7.54 -6.24 -3.85
N PHE C 124 8.04 -6.53 -2.64
CA PHE C 124 9.09 -5.69 -2.04
C PHE C 124 10.33 -6.52 -1.69
N SER C 125 11.43 -5.84 -1.80
CA SER C 125 12.79 -6.36 -1.59
C SER C 125 13.05 -6.47 -0.10
N ASN C 126 14.11 -7.21 0.23
CA ASN C 126 14.58 -7.40 1.61
C ASN C 126 14.85 -5.99 2.19
N SER C 127 15.48 -5.09 1.43
CA SER C 127 15.79 -3.69 1.90
C SER C 127 14.52 -3.03 2.40
N TYR C 128 13.47 -3.08 1.59
CA TYR C 128 12.25 -2.33 1.94
C TYR C 128 11.71 -2.93 3.23
N LEU C 129 11.67 -4.26 3.38
CA LEU C 129 11.13 -4.81 4.66
C LEU C 129 12.08 -4.39 5.77
N GLN C 130 13.33 -4.14 5.48
CA GLN C 130 14.26 -3.86 6.59
C GLN C 130 13.94 -2.44 7.04
N LYS C 131 13.87 -1.55 6.08
CA LYS C 131 13.66 -0.11 6.31
C LYS C 131 12.28 0.10 6.92
N PHE C 132 11.30 -0.68 6.48
CA PHE C 132 9.89 -0.57 6.95
C PHE C 132 9.82 -1.04 8.40
N ASP C 133 10.76 -1.92 8.78
CA ASP C 133 10.76 -2.65 10.06
C ASP C 133 9.60 -3.66 10.06
N HIS C 134 9.51 -4.47 9.02
CA HIS C 134 8.45 -5.50 8.89
C HIS C 134 8.80 -6.63 9.85
N PRO C 135 7.82 -7.28 10.50
CA PRO C 135 8.09 -8.37 11.42
C PRO C 135 9.04 -9.45 10.90
N LEU C 136 8.86 -9.84 9.63
CA LEU C 136 9.68 -10.86 8.93
C LEU C 136 11.16 -10.49 9.01
N ALA C 137 11.51 -9.21 9.04
CA ALA C 137 12.89 -8.69 9.19
C ALA C 137 13.45 -8.91 10.59
N ALA C 138 12.62 -9.06 11.62
CA ALA C 138 13.03 -9.47 12.99
C ALA C 138 13.23 -10.99 13.03
N LEU C 139 12.27 -11.77 12.52
CA LEU C 139 12.33 -13.25 12.46
C LEU C 139 13.59 -13.70 11.69
N TYR C 140 13.91 -13.05 10.57
CA TYR C 140 14.91 -13.48 9.57
C TYR C 140 15.79 -12.28 9.18
N SER C 141 16.92 -12.07 9.87
CA SER C 141 17.71 -10.83 9.73
C SER C 141 18.43 -10.77 8.38
N THR C 142 18.81 -11.88 7.74
CA THR C 142 19.37 -11.86 6.35
C THR C 142 18.48 -12.71 5.45
N SER C 143 18.59 -12.57 4.14
CA SER C 143 17.75 -13.29 3.18
C SER C 143 16.29 -13.35 3.68
N THR C 144 15.73 -12.22 4.12
CA THR C 144 14.43 -12.14 4.83
C THR C 144 13.30 -12.84 4.05
N MET C 145 13.02 -12.42 2.82
CA MET C 145 11.90 -13.01 2.03
C MET C 145 12.20 -14.49 1.78
N GLU C 146 13.47 -14.83 1.52
CA GLU C 146 13.82 -16.18 1.04
C GLU C 146 13.66 -17.17 2.18
N GLN C 147 14.06 -16.79 3.35
CA GLN C 147 13.75 -17.62 4.55
C GLN C 147 12.21 -17.75 4.69
N HIS C 148 11.43 -16.68 4.46
CA HIS C 148 9.95 -16.79 4.45
C HIS C 148 9.48 -17.80 3.38
N HIS C 149 10.05 -17.76 2.17
CA HIS C 149 9.54 -18.61 1.07
C HIS C 149 9.75 -20.07 1.44
N PHE C 150 10.89 -20.40 2.02
CA PHE C 150 11.13 -21.78 2.49
C PHE C 150 10.11 -22.13 3.57
N SER C 151 10.01 -21.28 4.56
CA SER C 151 9.02 -21.44 5.65
C SER C 151 7.60 -21.67 5.10
N GLN C 152 7.15 -20.93 4.09
CA GLN C 152 5.80 -21.15 3.49
C GLN C 152 5.76 -22.51 2.77
N THR C 153 6.90 -22.93 2.24
CA THR C 153 7.02 -24.19 1.49
C THR C 153 6.77 -25.37 2.41
N VAL C 154 7.45 -25.36 3.56
CA VAL C 154 7.24 -26.36 4.64
C VAL C 154 5.75 -26.34 5.05
N SER C 155 5.19 -25.20 5.46
CA SER C 155 3.74 -25.11 5.78
C SER C 155 2.91 -25.91 4.78
N ILE C 156 3.12 -25.69 3.49
CA ILE C 156 2.26 -26.31 2.44
C ILE C 156 2.49 -27.81 2.44
N LEU C 157 3.73 -28.24 2.65
CA LEU C 157 4.05 -29.70 2.63
C LEU C 157 3.41 -30.44 3.81
N GLN C 158 3.09 -29.71 4.89
CA GLN C 158 2.53 -30.24 6.16
C GLN C 158 0.99 -30.18 6.14
N LEU C 159 0.37 -29.54 5.15
CA LEU C 159 -1.10 -29.57 4.97
C LEU C 159 -1.52 -31.02 4.66
N GLU C 160 -2.66 -31.44 5.23
CA GLU C 160 -3.21 -32.81 5.03
C GLU C 160 -3.29 -33.07 3.52
N GLY C 161 -2.78 -34.21 3.04
CA GLY C 161 -2.82 -34.64 1.63
C GLY C 161 -1.78 -33.93 0.75
N HIS C 162 -0.89 -33.08 1.28
CA HIS C 162 0.02 -32.25 0.46
C HIS C 162 1.47 -32.75 0.54
N ASN C 163 1.73 -33.87 1.22
CA ASN C 163 3.13 -34.29 1.43
C ASN C 163 3.54 -35.13 0.25
N ILE C 164 3.92 -34.44 -0.81
CA ILE C 164 4.40 -35.09 -2.07
C ILE C 164 5.67 -35.93 -1.82
N PHE C 165 6.32 -35.83 -0.68
CA PHE C 165 7.56 -36.63 -0.42
C PHE C 165 7.27 -37.76 0.57
N SER C 166 6.03 -38.22 0.68
CA SER C 166 5.61 -39.23 1.70
C SER C 166 6.28 -40.60 1.48
N THR C 167 6.62 -40.99 0.25
CA THR C 167 7.38 -42.24 -0.05
C THR C 167 8.83 -42.17 0.41
N LEU C 168 9.39 -41.01 0.67
CA LEU C 168 10.87 -40.94 0.88
C LEU C 168 11.15 -41.49 2.26
N SER C 169 12.22 -42.26 2.40
CA SER C 169 12.88 -42.57 3.70
C SER C 169 13.06 -41.27 4.47
N SER C 170 13.25 -41.35 5.78
CA SER C 170 13.34 -40.15 6.65
C SER C 170 14.60 -39.36 6.28
N SER C 171 15.63 -40.06 5.75
CA SER C 171 16.97 -39.53 5.43
C SER C 171 16.85 -38.68 4.18
N GLU C 172 16.33 -39.34 3.14
CA GLU C 172 16.00 -38.78 1.82
C GLU C 172 15.11 -37.52 1.95
N TYR C 173 14.15 -37.54 2.86
CA TYR C 173 13.23 -36.42 3.16
C TYR C 173 14.04 -35.26 3.73
N GLU C 174 14.85 -35.51 4.74
CA GLU C 174 15.72 -34.45 5.27
C GLU C 174 16.60 -33.89 4.12
N GLN C 175 17.09 -34.74 3.22
CA GLN C 175 18.01 -34.27 2.16
C GLN C 175 17.24 -33.39 1.17
N VAL C 176 16.06 -33.79 0.72
CA VAL C 176 15.37 -33.09 -0.40
C VAL C 176 14.91 -31.76 0.18
N LEU C 177 14.54 -31.72 1.44
CA LEU C 177 14.16 -30.48 2.15
C LEU C 177 15.37 -29.57 2.28
N GLU C 178 16.54 -30.13 2.46
CA GLU C 178 17.80 -29.33 2.55
C GLU C 178 18.19 -28.84 1.13
N ILE C 179 18.05 -29.68 0.11
CA ILE C 179 18.23 -29.23 -1.29
C ILE C 179 17.32 -28.02 -1.54
N ILE C 180 16.07 -28.08 -1.09
CA ILE C 180 15.05 -27.03 -1.37
C ILE C 180 15.41 -25.79 -0.57
N ARG C 181 15.77 -25.94 0.70
CA ARG C 181 16.12 -24.79 1.56
C ARG C 181 17.25 -24.02 0.88
N LYS C 182 18.35 -24.68 0.62
CA LYS C 182 19.58 -24.04 0.08
C LYS C 182 19.25 -23.38 -1.24
N ALA C 183 18.47 -24.05 -2.08
CA ALA C 183 18.18 -23.59 -3.45
C ALA C 183 17.36 -22.29 -3.36
N ILE C 184 16.48 -22.15 -2.37
CA ILE C 184 15.57 -20.99 -2.25
C ILE C 184 16.33 -19.85 -1.59
N ILE C 185 17.22 -20.18 -0.69
CA ILE C 185 18.12 -19.14 -0.10
C ILE C 185 19.03 -18.61 -1.20
N ALA C 186 19.49 -19.45 -2.14
CA ALA C 186 20.45 -18.99 -3.19
C ALA C 186 19.79 -17.88 -4.03
N THR C 187 18.45 -17.87 -4.16
CA THR C 187 17.74 -16.86 -4.99
C THR C 187 17.80 -15.47 -4.36
N ASP C 188 18.33 -15.32 -3.15
CA ASP C 188 18.69 -13.99 -2.62
C ASP C 188 19.89 -13.47 -3.42
N LEU C 189 19.67 -12.45 -4.21
CA LEU C 189 20.72 -11.92 -5.09
C LEU C 189 21.89 -11.41 -4.26
N ALA C 190 21.69 -11.03 -3.00
CA ALA C 190 22.83 -10.49 -2.20
C ALA C 190 23.86 -11.63 -2.05
N LEU C 191 23.45 -12.89 -2.14
CA LEU C 191 24.34 -14.04 -1.90
C LEU C 191 24.96 -14.47 -3.23
N TYR C 192 24.38 -14.07 -4.35
CA TYR C 192 24.86 -14.56 -5.67
C TYR C 192 26.30 -14.10 -5.93
N PHE C 193 26.64 -12.85 -5.61
CA PHE C 193 27.97 -12.28 -5.93
C PHE C 193 29.13 -13.15 -5.39
N GLY C 194 29.12 -13.40 -4.08
CA GLY C 194 30.09 -14.27 -3.38
C GLY C 194 30.03 -15.70 -3.89
N ASN C 195 28.84 -16.23 -4.11
CA ASN C 195 28.65 -17.57 -4.70
C ASN C 195 29.42 -17.64 -6.02
N ARG C 196 29.13 -16.72 -6.93
CA ARG C 196 29.64 -16.81 -8.30
C ARG C 196 31.16 -16.67 -8.26
N LYS C 197 31.67 -15.70 -7.49
CA LYS C 197 33.12 -15.48 -7.36
C LYS C 197 33.75 -16.78 -6.85
N GLN C 198 33.20 -17.41 -5.81
CA GLN C 198 33.73 -18.69 -5.29
C GLN C 198 33.72 -19.71 -6.41
N LEU C 199 32.63 -19.80 -7.17
CA LEU C 199 32.48 -20.89 -8.14
C LEU C 199 33.44 -20.62 -9.28
N GLU C 200 33.60 -19.37 -9.68
CA GLU C 200 34.56 -19.00 -10.76
C GLU C 200 35.99 -19.39 -10.33
N GLU C 201 36.41 -19.05 -9.12
CA GLU C 201 37.76 -19.45 -8.65
C GLU C 201 37.91 -20.98 -8.73
N MET C 202 36.91 -21.73 -8.31
CA MET C 202 37.04 -23.18 -8.22
C MET C 202 37.16 -23.74 -9.62
N TYR C 203 36.34 -23.24 -10.54
CA TYR C 203 36.33 -23.65 -11.97
C TYR C 203 37.70 -23.33 -12.60
N GLN C 204 38.26 -22.16 -12.38
CA GLN C 204 39.51 -21.72 -13.08
C GLN C 204 40.73 -22.46 -12.52
N THR C 205 40.78 -22.77 -11.23
CA THR C 205 41.86 -23.54 -10.56
C THR C 205 41.67 -25.06 -10.80
N GLY C 206 40.58 -25.52 -11.39
CA GLY C 206 40.36 -26.95 -11.62
C GLY C 206 39.96 -27.70 -10.35
N SER C 207 39.77 -27.02 -9.22
CA SER C 207 39.39 -27.63 -7.92
C SER C 207 37.88 -27.96 -7.88
N LEU C 208 37.05 -27.38 -8.78
CA LEU C 208 35.60 -27.69 -8.84
C LEU C 208 35.38 -29.20 -8.97
N ASN C 209 34.53 -29.78 -8.12
CA ASN C 209 34.41 -31.26 -7.97
C ASN C 209 32.95 -31.62 -7.61
N LEU C 210 32.14 -32.07 -8.55
CA LEU C 210 30.69 -32.35 -8.29
C LEU C 210 30.46 -33.48 -7.29
N ASN C 211 31.50 -34.22 -6.90
CA ASN C 211 31.44 -35.25 -5.84
C ASN C 211 31.60 -34.54 -4.50
N ASN C 212 32.03 -33.29 -4.45
CA ASN C 212 32.06 -32.53 -3.18
C ASN C 212 30.70 -31.83 -3.01
N GLN C 213 30.01 -32.05 -1.88
CA GLN C 213 28.62 -31.62 -1.64
C GLN C 213 28.55 -30.10 -1.53
N SER C 214 29.47 -29.46 -0.83
CA SER C 214 29.54 -27.96 -0.78
C SER C 214 29.72 -27.37 -2.20
N HIS C 215 30.44 -28.04 -3.09
CA HIS C 215 30.55 -27.59 -4.50
C HIS C 215 29.22 -27.76 -5.21
N ARG C 216 28.58 -28.91 -5.10
CA ARG C 216 27.24 -29.19 -5.70
C ARG C 216 26.29 -28.05 -5.29
N ASP C 217 26.31 -27.69 -4.01
CA ASP C 217 25.44 -26.68 -3.40
C ASP C 217 25.66 -25.35 -4.14
N ARG C 218 26.91 -25.02 -4.39
CA ARG C 218 27.30 -23.74 -5.02
C ARG C 218 26.80 -23.72 -6.47
N VAL C 219 26.96 -24.81 -7.21
CA VAL C 219 26.47 -24.95 -8.60
C VAL C 219 24.94 -24.87 -8.65
N ILE C 220 24.28 -25.57 -7.74
CA ILE C 220 22.79 -25.53 -7.71
C ILE C 220 22.39 -24.07 -7.43
N GLY C 221 23.16 -23.37 -6.60
CA GLY C 221 22.85 -21.98 -6.29
C GLY C 221 22.90 -21.08 -7.51
N LEU C 222 23.92 -21.25 -8.34
CA LEU C 222 24.10 -20.43 -9.54
C LEU C 222 22.99 -20.75 -10.53
N MET C 223 22.68 -22.02 -10.65
CA MET C 223 21.54 -22.53 -11.46
C MET C 223 20.25 -21.83 -11.00
N MET C 224 20.08 -21.61 -9.69
CA MET C 224 18.84 -21.00 -9.19
C MET C 224 18.86 -19.52 -9.59
N THR C 225 20.01 -18.86 -9.45
CA THR C 225 20.16 -17.45 -9.86
C THR C 225 19.80 -17.35 -11.35
N ALA C 226 20.33 -18.24 -12.16
CA ALA C 226 20.20 -18.22 -13.63
C ALA C 226 18.71 -18.43 -13.95
N CYS C 227 18.04 -19.32 -13.21
CA CYS C 227 16.59 -19.58 -13.48
C CYS C 227 15.73 -18.39 -13.04
N ASP C 228 16.12 -17.75 -11.94
CA ASP C 228 15.44 -16.58 -11.38
C ASP C 228 15.55 -15.40 -12.36
N LEU C 229 16.68 -15.26 -13.05
CA LEU C 229 16.85 -14.10 -13.95
C LEU C 229 16.42 -14.44 -15.36
N CYS C 230 15.80 -15.59 -15.62
CA CYS C 230 15.75 -16.10 -17.00
C CYS C 230 14.98 -15.09 -17.86
N SER C 231 14.31 -14.10 -17.27
CA SER C 231 13.56 -13.11 -18.09
C SER C 231 14.53 -12.46 -19.09
N VAL C 232 15.80 -12.29 -18.71
CA VAL C 232 16.84 -11.63 -19.57
C VAL C 232 17.34 -12.61 -20.66
N THR C 233 16.87 -13.87 -20.71
CA THR C 233 17.28 -14.88 -21.69
C THR C 233 16.13 -15.25 -22.64
N LYS C 234 15.09 -14.43 -22.66
CA LYS C 234 13.93 -14.63 -23.55
C LYS C 234 14.20 -13.92 -24.86
N LEU C 235 13.41 -14.25 -25.88
CA LEU C 235 13.34 -13.42 -27.11
C LEU C 235 12.95 -11.99 -26.73
N TRP C 236 13.51 -11.00 -27.43
CA TRP C 236 13.48 -9.55 -27.06
C TRP C 236 12.06 -9.09 -26.69
N PRO C 237 11.02 -9.44 -27.46
CA PRO C 237 9.67 -8.97 -27.18
C PRO C 237 9.17 -9.45 -25.81
N VAL C 238 9.52 -10.67 -25.42
CA VAL C 238 9.22 -11.18 -24.06
C VAL C 238 10.07 -10.39 -23.06
N THR C 239 11.36 -10.20 -23.32
CA THR C 239 12.27 -9.55 -22.34
C THR C 239 11.80 -8.10 -22.08
N LYS C 240 11.46 -7.38 -23.15
CA LYS C 240 10.90 -6.00 -23.11
C LYS C 240 9.62 -5.99 -22.27
N LEU C 241 8.67 -6.86 -22.52
CA LEU C 241 7.35 -6.80 -21.81
C LEU C 241 7.52 -7.18 -20.35
N THR C 242 8.33 -8.19 -20.08
CA THR C 242 8.56 -8.62 -18.68
C THR C 242 9.21 -7.47 -17.90
N ALA C 243 10.10 -6.69 -18.52
CA ALA C 243 10.77 -5.56 -17.83
C ALA C 243 9.75 -4.50 -17.39
N ASN C 244 8.64 -4.28 -18.11
CA ASN C 244 7.57 -3.37 -17.57
C ASN C 244 7.08 -3.90 -16.21
N ASP C 245 6.89 -5.21 -16.09
CA ASP C 245 6.31 -5.81 -14.87
C ASP C 245 7.32 -5.71 -13.75
N ILE C 246 8.62 -5.87 -14.03
CA ILE C 246 9.69 -5.77 -12.99
C ILE C 246 9.70 -4.33 -12.46
N TYR C 247 9.61 -3.37 -13.37
CA TYR C 247 9.67 -1.92 -13.05
C TYR C 247 8.37 -1.47 -12.34
N ALA C 248 7.22 -1.98 -12.72
CA ALA C 248 5.99 -1.71 -11.93
C ALA C 248 6.27 -2.02 -10.46
N GLU C 249 6.90 -3.15 -10.12
CA GLU C 249 7.22 -3.50 -8.70
C GLU C 249 8.27 -2.52 -8.18
N PHE C 250 9.36 -2.33 -8.91
CA PHE C 250 10.41 -1.38 -8.50
C PHE C 250 9.81 0.00 -8.21
N TRP C 251 8.90 0.48 -9.06
CA TRP C 251 8.42 1.88 -8.89
C TRP C 251 7.48 1.94 -7.70
N ALA C 252 6.59 0.95 -7.54
CA ALA C 252 5.77 0.83 -6.30
C ALA C 252 6.69 0.88 -5.09
N GLU C 253 7.81 0.16 -5.10
CA GLU C 253 8.71 0.08 -3.91
C GLU C 253 9.30 1.47 -3.63
N GLY C 254 9.84 2.10 -4.66
CA GLY C 254 10.32 3.50 -4.67
C GLY C 254 9.30 4.45 -4.08
N ASP C 255 8.07 4.37 -4.53
CA ASP C 255 7.00 5.22 -3.96
C ASP C 255 6.97 4.95 -2.46
N GLU C 256 7.07 3.67 -2.05
CA GLU C 256 6.87 3.30 -0.61
C GLU C 256 8.08 3.80 0.16
N MET C 257 9.24 3.85 -0.48
CA MET C 257 10.47 4.34 0.18
C MET C 257 10.21 5.81 0.49
N LYS C 258 9.61 6.50 -0.47
CA LYS C 258 9.41 7.96 -0.41
C LYS C 258 8.47 8.22 0.76
N LYS C 259 7.48 7.34 0.94
CA LYS C 259 6.54 7.43 2.09
C LYS C 259 7.25 7.18 3.43
N LEU C 260 8.45 6.63 3.44
CA LEU C 260 9.15 6.35 4.70
C LEU C 260 10.07 7.54 4.99
N GLY C 261 10.10 8.52 4.10
CA GLY C 261 11.05 9.63 4.15
C GLY C 261 12.43 9.25 3.65
N ILE C 262 12.55 8.32 2.69
CA ILE C 262 13.87 7.89 2.16
C ILE C 262 13.81 7.97 0.64
N GLN C 263 14.78 8.65 0.05
CA GLN C 263 14.87 8.82 -1.42
C GLN C 263 15.36 7.47 -1.93
N PRO C 264 14.63 6.88 -2.89
CA PRO C 264 14.99 5.54 -3.38
C PRO C 264 16.19 5.63 -4.32
N ILE C 265 16.84 4.52 -4.54
CA ILE C 265 17.87 4.44 -5.60
C ILE C 265 17.17 4.69 -6.93
N PRO C 266 17.87 5.26 -7.91
CA PRO C 266 17.25 5.67 -9.17
C PRO C 266 16.38 4.62 -9.87
N MET C 267 16.82 3.38 -9.84
CA MET C 267 16.17 2.26 -10.56
C MET C 267 14.72 2.09 -10.05
N MET C 268 14.42 2.49 -8.82
CA MET C 268 13.06 2.32 -8.24
C MET C 268 12.30 3.66 -8.19
N ASP C 269 12.89 4.71 -8.74
CA ASP C 269 12.27 6.07 -8.73
C ASP C 269 11.49 6.24 -10.02
N ARG C 270 10.18 6.36 -9.97
CA ARG C 270 9.38 6.41 -11.22
C ARG C 270 9.56 7.78 -11.90
N ASP C 271 10.19 8.76 -11.25
CA ASP C 271 10.51 10.06 -11.90
C ASP C 271 11.75 9.94 -12.78
N LYS C 272 12.36 8.76 -12.86
CA LYS C 272 13.62 8.53 -13.62
C LYS C 272 13.51 7.34 -14.60
N LYS C 273 12.38 7.18 -15.29
CA LYS C 273 12.17 6.14 -16.34
C LYS C 273 13.05 6.38 -17.56
N ASP C 274 13.58 7.59 -17.73
CA ASP C 274 14.55 7.97 -18.80
C ASP C 274 15.88 7.22 -18.62
N GLU C 275 16.23 6.83 -17.38
CA GLU C 275 17.52 6.21 -17.01
C GLU C 275 17.40 4.68 -17.06
N VAL C 276 16.32 4.12 -17.61
CA VAL C 276 16.08 2.66 -17.51
C VAL C 276 17.04 1.94 -18.45
N PRO C 277 17.11 2.29 -19.75
CA PRO C 277 18.05 1.63 -20.65
C PRO C 277 19.49 1.61 -20.09
N GLN C 278 19.97 2.76 -19.66
CA GLN C 278 21.26 2.89 -18.94
C GLN C 278 21.27 1.85 -17.79
N GLY C 279 20.15 1.66 -17.09
CA GLY C 279 20.04 0.81 -15.89
C GLY C 279 20.12 -0.67 -16.24
N GLN C 280 19.37 -1.08 -17.25
CA GLN C 280 19.44 -2.47 -17.81
C GLN C 280 20.87 -2.77 -18.28
N LEU C 281 21.53 -1.89 -19.03
CA LEU C 281 22.96 -2.05 -19.38
C LEU C 281 23.75 -2.49 -18.17
N GLY C 282 23.78 -1.64 -17.14
CA GLY C 282 24.52 -1.90 -15.91
C GLY C 282 24.09 -3.22 -15.24
N PHE C 283 22.81 -3.58 -15.28
CA PHE C 283 22.35 -4.82 -14.61
C PHE C 283 22.91 -6.03 -15.38
N TYR C 284 22.83 -5.98 -16.71
CA TYR C 284 23.36 -7.07 -17.58
C TYR C 284 24.87 -7.24 -17.36
N ASN C 285 25.64 -6.16 -17.42
CA ASN C 285 27.13 -6.23 -17.41
C ASN C 285 27.61 -6.70 -16.04
N ALA C 286 27.03 -6.14 -14.99
CA ALA C 286 27.41 -6.41 -13.59
C ALA C 286 26.79 -7.72 -13.05
N VAL C 287 25.64 -8.20 -13.54
CA VAL C 287 24.95 -9.35 -12.87
C VAL C 287 24.72 -10.48 -13.87
N ALA C 288 23.86 -10.27 -14.87
CA ALA C 288 23.35 -11.33 -15.76
C ALA C 288 24.46 -11.97 -16.59
N ILE C 289 25.30 -11.18 -17.26
CA ILE C 289 26.38 -11.73 -18.14
C ILE C 289 27.35 -12.56 -17.29
N PRO C 290 27.91 -12.07 -16.16
CA PRO C 290 28.78 -12.91 -15.35
C PRO C 290 28.06 -14.21 -14.93
N CYS C 291 26.76 -14.11 -14.63
CA CYS C 291 26.02 -15.27 -14.07
C CYS C 291 25.90 -16.34 -15.16
N TYR C 292 25.38 -15.99 -16.31
CA TYR C 292 25.25 -16.96 -17.43
C TYR C 292 26.64 -17.37 -17.95
N THR C 293 27.67 -16.56 -17.71
CA THR C 293 29.04 -16.82 -18.23
C THR C 293 29.63 -17.97 -17.41
N THR C 294 29.69 -17.82 -16.09
CA THR C 294 30.10 -18.87 -15.13
C THR C 294 29.23 -20.12 -15.35
N LEU C 295 27.91 -19.98 -15.49
CA LEU C 295 27.04 -21.17 -15.69
C LEU C 295 27.42 -21.88 -17.00
N THR C 296 27.72 -21.15 -18.07
CA THR C 296 28.10 -21.83 -19.33
C THR C 296 29.44 -22.57 -19.15
N GLN C 297 30.39 -22.03 -18.39
CA GLN C 297 31.70 -22.69 -18.13
C GLN C 297 31.49 -24.02 -17.40
N ILE C 298 30.73 -24.03 -16.31
CA ILE C 298 30.47 -25.28 -15.55
C ILE C 298 29.50 -26.20 -16.30
N LEU C 299 28.51 -25.67 -17.01
CA LEU C 299 27.52 -26.49 -17.76
C LEU C 299 27.39 -25.95 -19.18
N PRO C 300 28.23 -26.42 -20.13
CA PRO C 300 28.22 -25.91 -21.50
C PRO C 300 26.89 -26.04 -22.22
N PRO C 301 26.05 -27.06 -21.96
CA PRO C 301 24.75 -27.11 -22.60
C PRO C 301 23.80 -25.92 -22.33
N THR C 302 24.13 -25.03 -21.39
CA THR C 302 23.27 -23.87 -20.99
C THR C 302 23.63 -22.64 -21.79
N GLU C 303 24.62 -22.79 -22.66
CA GLU C 303 25.11 -21.77 -23.62
C GLU C 303 23.98 -20.88 -24.14
N PRO C 304 22.87 -21.43 -24.71
CA PRO C 304 21.78 -20.61 -25.24
C PRO C 304 21.28 -19.53 -24.27
N LEU C 305 21.34 -19.78 -22.95
CA LEU C 305 21.01 -18.72 -21.96
C LEU C 305 21.99 -17.55 -22.16
N LEU C 306 23.28 -17.83 -22.26
CA LEU C 306 24.28 -16.72 -22.35
C LEU C 306 24.10 -16.00 -23.70
N LYS C 307 23.85 -16.73 -24.78
CA LYS C 307 23.72 -16.12 -26.12
C LYS C 307 22.52 -15.17 -26.08
N ALA C 308 21.40 -15.65 -25.53
CA ALA C 308 20.13 -14.91 -25.53
C ALA C 308 20.30 -13.66 -24.68
N CYS C 309 20.95 -13.80 -23.53
CA CYS C 309 21.29 -12.66 -22.65
C CYS C 309 22.10 -11.59 -23.42
N ARG C 310 23.15 -12.02 -24.15
CA ARG C 310 24.01 -11.10 -24.93
CA ARG C 310 24.02 -11.13 -24.98
C ARG C 310 23.17 -10.42 -26.03
N ASP C 311 22.29 -11.16 -26.69
CA ASP C 311 21.39 -10.58 -27.73
C ASP C 311 20.60 -9.43 -27.11
N ASN C 312 20.00 -9.65 -25.92
CA ASN C 312 19.13 -8.65 -25.24
C ASN C 312 19.98 -7.46 -24.74
N LEU C 313 21.23 -7.66 -24.33
CA LEU C 313 22.17 -6.55 -23.97
C LEU C 313 22.36 -5.62 -25.18
N SER C 314 22.61 -6.20 -26.35
CA SER C 314 22.72 -5.53 -27.68
C SER C 314 21.41 -4.81 -28.02
N GLN C 315 20.23 -5.37 -27.74
CA GLN C 315 18.91 -4.68 -27.92
C GLN C 315 18.81 -3.49 -26.95
N TRP C 316 19.13 -3.65 -25.68
CA TRP C 316 19.15 -2.50 -24.73
C TRP C 316 20.11 -1.43 -25.25
N GLU C 317 21.21 -1.81 -25.90
CA GLU C 317 22.23 -0.83 -26.38
C GLU C 317 21.62 -0.02 -27.52
N LYS C 318 20.85 -0.67 -28.41
CA LYS C 318 20.13 0.02 -29.51
C LYS C 318 19.12 0.98 -28.91
N VAL C 319 18.23 0.51 -28.02
CA VAL C 319 17.27 1.41 -27.32
C VAL C 319 18.05 2.63 -26.79
N ILE C 320 19.21 2.47 -26.16
CA ILE C 320 20.03 3.62 -25.65
C ILE C 320 20.43 4.54 -26.81
N ARG C 321 20.84 4.00 -27.97
CA ARG C 321 21.34 4.84 -29.09
C ARG C 321 20.14 5.40 -29.86
N GLY C 322 18.94 5.48 -29.29
CA GLY C 322 17.74 5.99 -29.98
C GLY C 322 17.26 5.16 -31.18
N GLU C 323 17.67 3.88 -31.36
CA GLU C 323 17.27 3.00 -32.52
C GLU C 323 16.11 2.06 -32.14
N GLU C 324 15.54 2.22 -30.94
CA GLU C 324 14.23 1.64 -30.49
C GLU C 324 13.84 2.28 -29.14
N LEU D 13 42.89 -2.88 36.61
CA LEU D 13 41.89 -3.96 36.86
C LEU D 13 41.01 -3.60 38.07
N MET D 14 40.98 -2.30 38.42
CA MET D 14 40.19 -1.71 39.51
C MET D 14 38.88 -1.16 38.92
N GLN D 15 37.75 -1.86 39.09
CA GLN D 15 36.48 -1.49 38.41
C GLN D 15 35.46 -1.00 39.43
N PHE D 16 34.55 -0.14 39.03
CA PHE D 16 33.50 0.35 39.95
C PHE D 16 32.31 -0.60 39.84
N THR D 17 31.65 -0.84 40.97
CA THR D 17 30.37 -1.59 41.04
C THR D 17 29.40 -0.79 41.91
N LEU D 18 28.12 -1.10 41.79
CA LEU D 18 27.06 -0.39 42.52
C LEU D 18 26.18 -1.44 43.20
N PRO D 19 25.52 -1.08 44.32
CA PRO D 19 24.49 -1.93 44.86
C PRO D 19 23.51 -2.35 43.75
N VAL D 20 23.05 -3.60 43.85
CA VAL D 20 22.21 -4.31 42.86
C VAL D 20 21.12 -3.37 42.34
N ARG D 21 20.30 -2.75 43.20
CA ARG D 21 19.16 -1.92 42.69
C ARG D 21 19.71 -0.86 41.73
N LEU D 22 20.85 -0.24 42.08
CA LEU D 22 21.40 0.90 41.30
C LEU D 22 21.99 0.35 40.00
N CYS D 23 22.81 -0.68 40.12
CA CYS D 23 23.39 -1.50 39.00
C CYS D 23 22.33 -1.77 37.93
N LYS D 24 21.14 -2.21 38.32
CA LYS D 24 20.03 -2.58 37.43
C LYS D 24 19.24 -1.32 36.99
N GLU D 25 19.11 -0.32 37.87
CA GLU D 25 18.17 0.81 37.60
C GLU D 25 18.94 1.94 36.90
N ILE D 26 20.27 1.91 36.94
CA ILE D 26 21.11 3.00 36.33
C ILE D 26 20.92 2.94 34.81
N GLU D 27 20.40 1.81 34.32
CA GLU D 27 20.25 1.53 32.86
C GLU D 27 18.94 2.10 32.34
N LEU D 28 18.03 2.54 33.22
CA LEU D 28 16.70 3.10 32.82
C LEU D 28 16.80 4.65 32.67
N PHE D 29 16.28 5.22 31.59
CA PHE D 29 16.25 6.69 31.38
C PHE D 29 15.78 7.43 32.65
N HIS D 30 14.82 6.91 33.43
CA HIS D 30 14.16 7.66 34.54
C HIS D 30 14.87 7.51 35.89
N PHE D 31 15.87 6.63 36.01
CA PHE D 31 16.75 6.48 37.20
C PHE D 31 17.03 7.83 37.86
N ASP D 32 16.97 7.83 39.18
CA ASP D 32 17.26 9.02 40.02
C ASP D 32 18.54 8.65 40.77
N ILE D 33 19.53 9.55 40.72
CA ILE D 33 20.88 9.30 41.28
C ILE D 33 20.83 9.35 42.81
N GLY D 34 19.70 9.77 43.40
CA GLY D 34 19.39 9.62 44.83
C GLY D 34 19.99 10.76 45.66
N PRO D 35 19.74 10.80 47.00
CA PRO D 35 20.10 11.93 47.83
C PRO D 35 21.51 11.88 48.47
N PHE D 36 22.26 10.79 48.32
CA PHE D 36 23.65 10.62 48.85
C PHE D 36 24.72 11.17 47.88
N GLU D 37 25.04 12.46 48.03
CA GLU D 37 26.11 13.22 47.30
C GLU D 37 27.41 12.44 47.21
N ASN D 38 27.77 11.68 48.24
CA ASN D 38 29.09 10.99 48.28
C ASN D 38 29.11 9.84 47.28
N MET D 39 27.95 9.38 46.79
CA MET D 39 27.88 8.27 45.79
C MET D 39 27.89 8.80 44.34
N TRP D 40 27.74 10.10 44.12
CA TRP D 40 27.61 10.68 42.76
C TRP D 40 28.92 10.55 41.99
N PRO D 41 30.11 10.86 42.56
CA PRO D 41 31.35 10.60 41.85
C PRO D 41 31.49 9.14 41.36
N GLY D 42 31.36 8.17 42.26
CA GLY D 42 31.38 6.73 41.92
C GLY D 42 30.36 6.35 40.82
N ILE D 43 29.18 6.97 40.83
CA ILE D 43 28.10 6.68 39.83
C ILE D 43 28.58 7.19 38.48
N PHE D 44 29.35 8.26 38.47
CA PHE D 44 29.78 8.89 37.20
C PHE D 44 30.87 8.07 36.53
N VAL D 45 31.91 7.72 37.29
CA VAL D 45 33.00 6.77 36.94
C VAL D 45 32.40 5.47 36.39
N TYR D 46 31.43 4.89 37.10
CA TYR D 46 30.80 3.61 36.68
C TYR D 46 30.27 3.80 35.27
N MET D 47 29.51 4.89 35.06
CA MET D 47 28.85 5.18 33.75
C MET D 47 29.96 5.34 32.69
N VAL D 48 31.09 5.94 33.09
CA VAL D 48 32.19 6.31 32.17
C VAL D 48 32.92 5.01 31.80
N HIS D 49 33.14 4.09 32.76
CA HIS D 49 33.74 2.75 32.47
C HIS D 49 32.87 1.96 31.48
N ARG D 50 31.57 1.82 31.76
CA ARG D 50 30.64 0.99 30.93
C ARG D 50 30.41 1.64 29.56
N SER D 51 30.49 2.97 29.46
CA SER D 51 30.01 3.76 28.30
C SER D 51 31.15 3.98 27.30
N CYS D 52 32.38 3.98 27.80
CA CYS D 52 33.60 4.47 27.11
C CYS D 52 34.67 3.37 27.08
N GLY D 53 35.00 2.80 28.26
CA GLY D 53 35.99 1.74 28.49
C GLY D 53 36.69 1.90 29.84
N THR D 54 37.20 0.83 30.44
CA THR D 54 37.86 0.88 31.78
C THR D 54 39.08 1.82 31.72
N SER D 55 39.57 2.09 30.51
CA SER D 55 40.91 2.65 30.18
C SER D 55 40.80 3.92 29.34
N CYS D 56 39.59 4.41 29.07
CA CYS D 56 39.35 5.77 28.52
C CYS D 56 40.19 6.81 29.29
N PHE D 57 40.19 6.77 30.62
CA PHE D 57 40.88 7.78 31.45
C PHE D 57 41.73 7.05 32.50
N GLU D 58 42.93 7.58 32.80
CA GLU D 58 43.71 7.32 34.02
C GLU D 58 42.84 7.70 35.24
N LEU D 59 42.61 6.78 36.17
CA LEU D 59 41.60 6.91 37.25
C LEU D 59 41.87 8.12 38.17
N GLU D 60 43.12 8.39 38.59
CA GLU D 60 43.46 9.49 39.55
C GLU D 60 43.23 10.85 38.90
N LYS D 61 43.60 10.99 37.63
CA LYS D 61 43.34 12.24 36.85
C LYS D 61 41.82 12.46 36.85
N LEU D 62 41.06 11.42 36.49
CA LEU D 62 39.58 11.43 36.39
C LEU D 62 39.01 11.77 37.76
N CME D 63 39.43 11.02 38.78
CA CME D 63 38.94 11.25 40.17
CB CME D 63 39.38 10.20 41.19
SG CME D 63 38.36 8.69 41.23
SD CME D 63 36.52 9.20 41.98
CE CME D 63 36.84 9.50 43.75
CZ CME D 63 36.32 8.40 44.63
OH CME D 63 36.72 8.57 45.98
C CME D 63 39.24 12.70 40.55
O CME D 63 38.30 13.39 40.91
N ARG D 64 40.46 13.21 40.35
CA ARG D 64 40.69 14.60 40.82
C ARG D 64 40.00 15.58 39.87
N PHE D 65 39.84 15.26 38.57
CA PHE D 65 39.03 16.10 37.62
C PHE D 65 37.59 16.28 38.14
N ILE D 66 36.99 15.17 38.56
CA ILE D 66 35.60 15.15 39.11
C ILE D 66 35.50 15.99 40.38
N MET D 67 36.45 15.87 41.30
CA MET D 67 36.40 16.60 42.59
C MET D 67 36.59 18.12 42.35
N SER D 68 37.36 18.53 41.34
CA SER D 68 37.53 19.96 40.93
C SER D 68 36.23 20.52 40.28
N VAL D 69 35.60 19.76 39.37
CA VAL D 69 34.28 20.10 38.78
C VAL D 69 33.28 20.30 39.92
N LYS D 70 33.15 19.32 40.80
CA LYS D 70 32.18 19.36 41.94
C LYS D 70 32.36 20.66 42.73
N LYS D 71 33.61 21.01 43.03
CA LYS D 71 33.97 22.19 43.86
C LYS D 71 33.61 23.46 43.09
N ASN D 72 33.55 23.43 41.74
CA ASN D 72 33.24 24.63 40.94
C ASN D 72 31.75 24.69 40.57
N TYR D 73 30.90 23.80 41.11
CA TYR D 73 29.42 24.02 41.16
C TYR D 73 29.08 24.67 42.51
N ARG D 74 28.17 25.62 42.48
CA ARG D 74 27.73 26.40 43.66
C ARG D 74 26.50 25.74 44.29
N ARG D 75 26.16 26.14 45.53
CA ARG D 75 25.00 25.58 46.29
C ARG D 75 23.78 26.44 45.95
N VAL D 76 23.24 26.22 44.76
CA VAL D 76 22.00 26.89 44.27
C VAL D 76 20.90 25.83 44.23
N PRO D 77 19.62 26.22 44.33
CA PRO D 77 18.52 25.26 44.39
C PRO D 77 18.47 24.18 43.27
N TYR D 78 18.89 24.51 42.04
CA TYR D 78 18.74 23.59 40.86
C TYR D 78 20.04 23.41 40.07
N HIS D 79 20.76 24.49 39.70
CA HIS D 79 21.91 24.46 38.75
C HIS D 79 23.18 24.03 39.50
N ASN D 80 23.14 22.83 40.08
CA ASN D 80 24.04 22.39 41.17
C ASN D 80 24.65 21.04 40.77
N TRP D 81 25.56 20.54 41.59
CA TRP D 81 26.32 19.29 41.32
C TRP D 81 25.37 18.14 40.98
N LYS D 82 24.26 18.04 41.70
CA LYS D 82 23.26 16.97 41.44
C LYS D 82 22.73 17.06 40.00
N HIS D 83 22.40 18.26 39.49
CA HIS D 83 21.93 18.48 38.09
C HIS D 83 23.00 18.06 37.08
N ALA D 84 24.27 18.36 37.35
CA ALA D 84 25.44 17.97 36.53
C ALA D 84 25.42 16.44 36.31
N VAL D 85 25.38 15.65 37.39
CA VAL D 85 25.55 14.16 37.37
C VAL D 85 24.29 13.53 36.74
N THR D 86 23.14 14.19 36.90
CA THR D 86 21.78 13.80 36.41
C THR D 86 21.72 13.95 34.90
N VAL D 87 22.21 15.07 34.36
CA VAL D 87 22.33 15.29 32.89
C VAL D 87 23.34 14.26 32.34
N ALA D 88 24.42 14.02 33.05
CA ALA D 88 25.38 12.99 32.62
C ALA D 88 24.68 11.62 32.58
N HIS D 89 23.90 11.27 33.59
CA HIS D 89 23.22 9.94 33.63
C HIS D 89 22.32 9.78 32.39
N CYS D 90 21.51 10.78 32.04
CA CYS D 90 20.61 10.75 30.87
C CYS D 90 21.46 10.46 29.63
N MET D 91 22.58 11.17 29.47
CA MET D 91 23.45 11.00 28.29
C MET D 91 24.00 9.58 28.33
N TYR D 92 24.41 9.11 29.51
CA TYR D 92 24.84 7.69 29.67
C TYR D 92 23.76 6.75 29.06
N ALA D 93 22.51 6.92 29.47
CA ALA D 93 21.38 6.07 29.01
C ALA D 93 21.34 6.11 27.48
N ILE D 94 21.32 7.31 26.89
CA ILE D 94 21.29 7.53 25.41
C ILE D 94 22.45 6.77 24.78
N LEU D 95 23.66 6.94 25.33
CA LEU D 95 24.87 6.33 24.70
C LEU D 95 24.84 4.79 24.85
N GLN D 96 24.25 4.26 25.91
CA GLN D 96 24.16 2.79 26.07
C GLN D 96 23.19 2.22 25.01
N ASN D 97 22.12 2.94 24.69
CA ASN D 97 20.98 2.45 23.86
C ASN D 97 21.14 2.90 22.40
N ASN D 98 22.31 3.42 22.02
CA ASN D 98 22.68 3.86 20.65
C ASN D 98 24.19 3.68 20.45
N HIS D 99 24.76 2.57 20.96
CA HIS D 99 26.23 2.44 21.21
C HIS D 99 27.03 2.23 19.91
N THR D 100 26.36 1.91 18.79
CA THR D 100 26.99 1.67 17.46
C THR D 100 27.08 2.99 16.70
N LEU D 101 26.30 4.00 17.09
CA LEU D 101 26.16 5.32 16.40
C LEU D 101 27.29 6.33 16.78
N PHE D 102 28.04 6.16 17.89
CA PHE D 102 28.93 7.26 18.39
C PHE D 102 30.41 6.86 18.36
N THR D 103 31.25 7.76 17.83
CA THR D 103 32.74 7.62 17.78
C THR D 103 33.27 7.46 19.21
N ASP D 104 34.52 6.98 19.34
CA ASP D 104 35.23 6.78 20.63
C ASP D 104 35.38 8.12 21.38
N LEU D 105 35.73 9.19 20.65
CA LEU D 105 35.92 10.58 21.14
C LEU D 105 34.58 11.16 21.59
N GLU D 106 33.54 11.01 20.78
CA GLU D 106 32.16 11.38 21.17
C GLU D 106 31.85 10.74 22.53
N ARG D 107 32.14 9.43 22.68
CA ARG D 107 31.83 8.70 23.94
C ARG D 107 32.53 9.43 25.10
N LYS D 108 33.85 9.67 24.97
CA LYS D 108 34.71 10.38 25.99
C LYS D 108 34.15 11.78 26.25
N GLY D 109 33.95 12.57 25.19
CA GLY D 109 33.56 14.00 25.25
C GLY D 109 32.20 14.26 25.89
N LEU D 110 31.17 13.47 25.62
CA LEU D 110 29.77 13.88 25.91
C LEU D 110 29.43 13.74 27.41
N LEU D 111 29.83 12.64 28.04
CA LEU D 111 29.76 12.50 29.50
C LEU D 111 30.47 13.69 30.15
N ILE D 112 31.70 14.01 29.72
CA ILE D 112 32.49 15.13 30.32
C ILE D 112 31.72 16.45 30.10
N ALA D 113 31.18 16.65 28.91
CA ALA D 113 30.49 17.91 28.59
C ALA D 113 29.29 18.00 29.49
N CYS D 114 28.63 16.89 29.78
CA CYS D 114 27.39 16.87 30.62
C CYS D 114 27.78 17.20 32.07
N LEU D 115 28.82 16.57 32.60
CA LEU D 115 29.30 16.85 33.98
C LEU D 115 29.66 18.32 34.13
N CYS D 116 30.18 18.93 33.05
CA CYS D 116 30.73 20.30 33.05
C CYS D 116 29.73 21.36 32.57
N HIS D 117 28.63 21.01 31.90
CA HIS D 117 27.78 21.94 31.08
C HIS D 117 27.23 23.14 31.87
N ASP D 118 27.17 23.13 33.19
CA ASP D 118 26.64 24.29 33.96
C ASP D 118 27.65 24.78 35.00
N LEU D 119 28.94 24.54 34.77
CA LEU D 119 30.05 24.91 35.75
C LEU D 119 29.95 26.38 36.20
N ASP D 120 29.85 26.57 37.52
CA ASP D 120 29.94 27.91 38.17
C ASP D 120 28.67 28.69 37.88
N HIS D 121 27.54 28.00 37.76
CA HIS D 121 26.23 28.64 37.48
C HIS D 121 25.79 29.38 38.75
N ARG D 122 25.31 30.62 38.63
CA ARG D 122 24.90 31.43 39.83
C ARG D 122 23.39 31.26 40.08
N GLY D 123 22.67 30.63 39.16
CA GLY D 123 21.21 30.40 39.26
C GLY D 123 20.44 31.48 38.52
N PHE D 124 21.12 32.23 37.67
CA PHE D 124 20.55 33.35 36.87
C PHE D 124 20.73 33.06 35.38
N SER D 125 19.65 33.31 34.61
CA SER D 125 19.54 33.24 33.12
C SER D 125 20.50 34.26 32.50
N ASN D 126 20.94 33.98 31.27
CA ASN D 126 21.63 34.93 30.35
C ASN D 126 20.89 36.28 30.34
N SER D 127 19.55 36.28 30.27
CA SER D 127 18.69 37.51 30.26
C SER D 127 19.08 38.42 31.43
N TYR D 128 19.15 37.81 32.63
CA TYR D 128 19.32 38.55 33.90
C TYR D 128 20.75 39.16 33.91
N LEU D 129 21.79 38.37 33.62
CA LEU D 129 23.18 38.92 33.59
C LEU D 129 23.20 40.13 32.63
N GLN D 130 22.42 40.04 31.54
CA GLN D 130 22.37 41.10 30.48
C GLN D 130 21.67 42.35 31.03
N LYS D 131 20.58 42.21 31.82
CA LYS D 131 19.87 43.36 32.42
C LYS D 131 20.59 43.88 33.66
N PHE D 132 21.32 43.02 34.36
CA PHE D 132 22.20 43.43 35.50
C PHE D 132 23.43 44.20 34.98
N ASP D 133 23.84 43.86 33.76
CA ASP D 133 25.05 44.42 33.11
C ASP D 133 26.24 43.72 33.76
N HIS D 134 26.07 42.43 34.06
CA HIS D 134 27.17 41.57 34.58
C HIS D 134 28.38 41.63 33.63
N PRO D 135 29.63 41.73 34.17
CA PRO D 135 30.84 41.61 33.35
C PRO D 135 30.82 40.45 32.35
N LEU D 136 30.30 39.28 32.75
CA LEU D 136 30.29 38.09 31.86
C LEU D 136 29.51 38.42 30.56
N ALA D 137 28.49 39.28 30.63
CA ALA D 137 27.64 39.76 29.50
C ALA D 137 28.41 40.68 28.53
N ALA D 138 29.47 41.36 29.01
CA ALA D 138 30.36 42.17 28.15
C ALA D 138 31.37 41.26 27.46
N LEU D 139 31.80 40.18 28.12
CA LEU D 139 32.83 39.26 27.57
C LEU D 139 32.18 38.31 26.55
N TYR D 140 30.89 37.96 26.75
CA TYR D 140 30.14 36.93 25.97
C TYR D 140 28.74 37.47 25.64
N SER D 141 28.55 38.01 24.44
CA SER D 141 27.35 38.80 24.01
C SER D 141 26.12 37.89 23.87
N THR D 142 26.32 36.61 23.51
CA THR D 142 25.27 35.56 23.37
C THR D 142 25.74 34.25 24.03
N SER D 143 24.80 33.41 24.46
CA SER D 143 25.09 32.14 25.17
C SER D 143 26.06 32.45 26.34
N THR D 144 25.72 33.50 27.10
CA THR D 144 26.68 34.18 28.02
C THR D 144 27.24 33.12 28.99
N MET D 145 26.35 32.54 29.83
CA MET D 145 26.72 31.56 30.89
C MET D 145 27.37 30.33 30.24
N GLU D 146 26.82 29.94 29.09
CA GLU D 146 27.26 28.72 28.34
C GLU D 146 28.74 28.82 27.95
N GLN D 147 29.20 30.00 27.55
CA GLN D 147 30.61 30.24 27.14
C GLN D 147 31.46 30.32 28.43
N HIS D 148 30.92 30.89 29.50
CA HIS D 148 31.56 30.80 30.84
C HIS D 148 31.78 29.33 31.21
N HIS D 149 30.77 28.48 31.07
CA HIS D 149 30.82 27.05 31.46
C HIS D 149 31.95 26.36 30.72
N PHE D 150 32.02 26.56 29.41
CA PHE D 150 33.07 25.94 28.55
C PHE D 150 34.45 26.44 29.02
N SER D 151 34.53 27.70 29.47
CA SER D 151 35.78 28.38 29.89
C SER D 151 36.32 27.76 31.18
N GLN D 152 35.44 27.63 32.19
CA GLN D 152 35.67 26.90 33.47
C GLN D 152 36.16 25.47 33.16
N THR D 153 35.57 24.81 32.17
CA THR D 153 35.90 23.42 31.78
C THR D 153 37.39 23.36 31.40
N VAL D 154 37.84 24.32 30.60
CA VAL D 154 39.22 24.45 30.06
C VAL D 154 40.15 24.84 31.23
N SER D 155 39.78 25.84 32.01
CA SER D 155 40.53 26.18 33.26
C SER D 155 40.91 24.90 34.00
N ILE D 156 39.92 24.02 34.23
CA ILE D 156 40.02 22.85 35.15
C ILE D 156 40.87 21.78 34.47
N LEU D 157 40.71 21.64 33.16
CA LEU D 157 41.50 20.66 32.37
C LEU D 157 42.99 21.04 32.39
N GLN D 158 43.31 22.34 32.57
CA GLN D 158 44.71 22.86 32.53
C GLN D 158 45.33 22.84 33.93
N LEU D 159 44.52 22.65 34.97
CA LEU D 159 45.01 22.39 36.35
C LEU D 159 46.01 21.21 36.31
N GLU D 160 47.13 21.35 37.04
CA GLU D 160 48.13 20.28 37.27
C GLU D 160 47.48 18.95 37.72
N GLY D 161 47.81 17.85 37.05
CA GLY D 161 47.29 16.50 37.34
C GLY D 161 45.87 16.27 36.83
N HIS D 162 45.22 17.22 36.13
CA HIS D 162 43.76 17.17 35.84
C HIS D 162 43.43 16.86 34.38
N ASN D 163 44.43 16.71 33.50
CA ASN D 163 44.17 16.57 32.04
C ASN D 163 43.91 15.09 31.71
N ILE D 164 42.64 14.71 31.81
CA ILE D 164 42.10 13.35 31.52
C ILE D 164 42.21 13.01 30.02
N PHE D 165 42.65 13.94 29.18
CA PHE D 165 42.75 13.75 27.71
C PHE D 165 44.23 13.74 27.26
N SER D 166 45.13 13.48 28.21
CA SER D 166 46.59 13.63 28.02
C SER D 166 47.11 12.48 27.15
N THR D 167 46.50 11.30 27.20
CA THR D 167 46.93 10.17 26.33
C THR D 167 46.40 10.38 24.89
N LEU D 168 45.70 11.48 24.57
CA LEU D 168 45.10 11.67 23.22
C LEU D 168 46.15 12.30 22.30
N SER D 169 46.10 12.05 20.98
CA SER D 169 46.87 12.83 19.98
C SER D 169 46.55 14.32 20.15
N SER D 170 47.31 15.21 19.51
CA SER D 170 47.11 16.69 19.56
C SER D 170 45.87 17.07 18.72
N SER D 171 45.58 16.28 17.68
CA SER D 171 44.41 16.40 16.76
C SER D 171 43.12 15.93 17.42
N GLU D 172 43.20 14.71 18.00
CA GLU D 172 42.11 14.01 18.73
C GLU D 172 41.75 14.88 19.93
N TYR D 173 42.74 15.51 20.53
CA TYR D 173 42.56 16.45 21.67
C TYR D 173 41.71 17.65 21.25
N GLU D 174 42.07 18.39 20.22
CA GLU D 174 41.32 19.64 19.89
C GLU D 174 39.95 19.28 19.29
N GLN D 175 39.82 18.04 18.82
CA GLN D 175 38.54 17.46 18.34
C GLN D 175 37.62 17.14 19.53
N VAL D 176 38.10 16.50 20.60
CA VAL D 176 37.22 16.17 21.77
C VAL D 176 36.84 17.46 22.50
N LEU D 177 37.73 18.45 22.52
CA LEU D 177 37.50 19.80 23.12
C LEU D 177 36.41 20.53 22.34
N GLU D 178 36.45 20.41 21.02
CA GLU D 178 35.46 20.98 20.06
C GLU D 178 34.07 20.33 20.22
N ILE D 179 33.98 19.01 20.38
CA ILE D 179 32.72 18.30 20.74
C ILE D 179 32.17 18.91 22.03
N ILE D 180 33.03 19.07 23.04
CA ILE D 180 32.64 19.49 24.41
C ILE D 180 32.04 20.88 24.33
N ARG D 181 32.70 21.77 23.58
CA ARG D 181 32.30 23.17 23.38
C ARG D 181 30.96 23.26 22.65
N LYS D 182 30.81 22.55 21.54
CA LYS D 182 29.53 22.58 20.79
C LYS D 182 28.45 22.04 21.72
N ALA D 183 28.73 20.92 22.38
CA ALA D 183 27.75 20.29 23.28
C ALA D 183 27.32 21.30 24.35
N ILE D 184 28.26 22.01 24.99
CA ILE D 184 27.96 22.91 26.16
C ILE D 184 27.20 24.12 25.65
N ILE D 185 27.68 24.74 24.55
CA ILE D 185 26.94 25.86 23.86
C ILE D 185 25.50 25.43 23.53
N ALA D 186 25.25 24.19 23.07
CA ALA D 186 23.90 23.78 22.59
C ALA D 186 22.87 23.71 23.75
N THR D 187 23.31 23.72 25.03
CA THR D 187 22.43 23.79 26.25
C THR D 187 21.82 25.18 26.50
N ASP D 188 22.23 26.19 25.74
CA ASP D 188 21.51 27.50 25.66
C ASP D 188 20.17 27.21 24.98
N LEU D 189 19.08 27.21 25.75
CA LEU D 189 17.75 26.84 25.22
C LEU D 189 17.41 27.76 24.04
N ALA D 190 17.80 29.03 24.03
CA ALA D 190 17.48 29.95 22.90
C ALA D 190 17.87 29.32 21.53
N LEU D 191 18.94 28.50 21.49
CA LEU D 191 19.47 27.83 20.25
C LEU D 191 18.76 26.49 19.95
N TYR D 192 18.19 25.82 20.96
CA TYR D 192 17.42 24.56 20.79
C TYR D 192 16.35 24.76 19.69
N PHE D 193 15.59 25.87 19.73
CA PHE D 193 14.39 26.14 18.89
C PHE D 193 14.74 25.99 17.41
N GLY D 194 15.70 26.78 16.92
CA GLY D 194 16.35 26.68 15.58
C GLY D 194 16.97 25.32 15.28
N ASN D 195 17.56 24.61 16.27
CA ASN D 195 18.28 23.33 16.04
C ASN D 195 17.26 22.19 15.84
N ARG D 196 16.14 22.22 16.55
CA ARG D 196 15.08 21.19 16.47
C ARG D 196 14.32 21.29 15.13
N LYS D 197 13.91 22.51 14.76
CA LYS D 197 13.19 22.86 13.50
C LYS D 197 14.00 22.44 12.30
N GLN D 198 15.33 22.67 12.30
CA GLN D 198 16.28 22.19 11.25
C GLN D 198 16.35 20.64 11.19
N LEU D 199 16.57 19.93 12.30
CA LEU D 199 16.68 18.42 12.33
C LEU D 199 15.34 17.75 11.93
N GLU D 200 14.20 18.41 12.21
CA GLU D 200 12.85 17.85 11.96
C GLU D 200 12.63 17.87 10.44
N GLU D 201 12.92 19.01 9.80
CA GLU D 201 12.96 19.16 8.33
C GLU D 201 13.96 18.15 7.74
N MET D 202 15.24 18.18 8.15
CA MET D 202 16.26 17.23 7.65
C MET D 202 15.78 15.78 7.82
N TYR D 203 15.20 15.39 8.98
CA TYR D 203 14.86 13.97 9.24
C TYR D 203 13.63 13.53 8.40
N GLN D 204 12.59 14.38 8.36
CA GLN D 204 11.25 14.11 7.75
C GLN D 204 11.38 14.00 6.23
N THR D 205 12.14 14.90 5.57
CA THR D 205 12.46 14.83 4.10
C THR D 205 13.63 13.87 3.81
N GLY D 206 14.15 13.13 4.80
CA GLY D 206 15.19 12.07 4.65
C GLY D 206 16.56 12.53 4.15
N SER D 207 16.93 13.81 4.25
CA SER D 207 18.31 14.31 3.95
C SER D 207 19.24 14.24 5.19
N LEU D 208 18.78 13.79 6.37
CA LEU D 208 19.65 13.72 7.58
C LEU D 208 20.66 12.58 7.41
N ASN D 209 21.94 12.90 7.59
CA ASN D 209 23.12 12.10 7.18
C ASN D 209 24.17 12.18 8.31
N LEU D 210 24.25 11.16 9.17
CA LEU D 210 25.21 11.11 10.32
C LEU D 210 26.67 11.02 9.84
N ASN D 211 26.95 10.91 8.53
CA ASN D 211 28.35 10.94 8.01
C ASN D 211 28.80 12.39 7.74
N ASN D 212 27.87 13.37 7.80
CA ASN D 212 28.14 14.81 7.60
C ASN D 212 28.30 15.43 9.00
N GLN D 213 29.46 16.04 9.31
CA GLN D 213 29.80 16.46 10.70
C GLN D 213 28.77 17.49 11.23
N SER D 214 28.40 18.47 10.39
CA SER D 214 27.40 19.55 10.61
C SER D 214 26.06 18.97 11.11
N HIS D 215 25.70 17.77 10.64
CA HIS D 215 24.48 17.03 11.08
C HIS D 215 24.75 16.44 12.46
N ARG D 216 25.87 15.74 12.59
CA ARG D 216 26.30 15.09 13.85
C ARG D 216 26.21 16.13 14.98
N ASP D 217 26.70 17.36 14.76
CA ASP D 217 26.74 18.44 15.80
C ASP D 217 25.30 18.77 16.22
N ARG D 218 24.39 18.92 15.24
CA ARG D 218 22.92 19.11 15.46
C ARG D 218 22.30 17.95 16.28
N VAL D 219 22.52 16.71 15.89
CA VAL D 219 21.98 15.56 16.67
C VAL D 219 22.54 15.64 18.11
N ILE D 220 23.84 15.94 18.27
CA ILE D 220 24.45 16.06 19.63
C ILE D 220 23.82 17.26 20.36
N GLY D 221 23.56 18.39 19.70
CA GLY D 221 22.88 19.52 20.35
C GLY D 221 21.54 19.11 20.97
N LEU D 222 20.72 18.40 20.19
CA LEU D 222 19.37 17.96 20.61
C LEU D 222 19.57 16.97 21.75
N MET D 223 20.54 16.08 21.62
CA MET D 223 20.82 15.13 22.73
C MET D 223 21.13 15.92 24.03
N MET D 224 21.93 16.98 23.94
CA MET D 224 22.31 17.85 25.07
C MET D 224 21.05 18.53 25.62
N THR D 225 20.19 19.09 24.75
CA THR D 225 18.92 19.74 25.20
C THR D 225 18.09 18.70 25.96
N ALA D 226 18.01 17.47 25.45
CA ALA D 226 17.15 16.39 25.97
C ALA D 226 17.66 15.99 27.35
N CYS D 227 18.97 15.76 27.43
CA CYS D 227 19.70 15.49 28.69
C CYS D 227 19.48 16.67 29.66
N ASP D 228 19.58 17.89 29.15
CA ASP D 228 19.48 19.09 30.00
C ASP D 228 18.08 19.24 30.57
N LEU D 229 17.01 18.87 29.85
CA LEU D 229 15.61 19.04 30.35
C LEU D 229 15.12 17.77 31.07
N CYS D 230 15.98 16.78 31.32
CA CYS D 230 15.59 15.40 31.68
C CYS D 230 14.82 15.28 33.01
N SER D 231 14.63 16.36 33.77
CA SER D 231 13.74 16.33 34.96
C SER D 231 12.30 16.00 34.50
N VAL D 232 11.85 16.49 33.34
CA VAL D 232 10.46 16.23 32.82
C VAL D 232 10.28 14.75 32.37
N THR D 233 11.35 13.96 32.34
CA THR D 233 11.34 12.55 31.87
C THR D 233 11.48 11.59 33.05
N LYS D 234 11.41 12.08 34.28
CA LYS D 234 11.47 11.24 35.49
C LYS D 234 10.05 10.78 35.84
N LEU D 235 9.94 9.80 36.73
CA LEU D 235 8.66 9.42 37.37
C LEU D 235 8.10 10.66 38.10
N TRP D 236 6.78 10.73 38.28
CA TRP D 236 6.05 11.97 38.66
C TRP D 236 6.55 12.53 40.00
N PRO D 237 6.75 11.72 41.07
CA PRO D 237 7.31 12.26 42.33
C PRO D 237 8.66 13.01 42.16
N VAL D 238 9.60 12.51 41.32
CA VAL D 238 10.93 13.15 41.02
C VAL D 238 10.71 14.48 40.26
N THR D 239 9.86 14.46 39.23
CA THR D 239 9.56 15.58 38.31
C THR D 239 8.90 16.73 39.07
N LYS D 240 7.90 16.38 39.90
CA LYS D 240 7.15 17.36 40.74
C LYS D 240 8.11 18.02 41.76
N LEU D 241 8.93 17.25 42.48
CA LEU D 241 9.89 17.76 43.49
C LEU D 241 11.05 18.55 42.84
N THR D 242 11.51 18.17 41.65
CA THR D 242 12.58 18.91 40.92
C THR D 242 12.02 20.26 40.47
N ALA D 243 10.74 20.30 40.10
CA ALA D 243 10.05 21.55 39.67
C ALA D 243 10.15 22.61 40.77
N ASN D 244 10.10 22.27 42.06
CA ASN D 244 10.24 23.25 43.19
C ASN D 244 11.67 23.81 43.30
N ASP D 245 12.69 22.98 43.08
CA ASP D 245 14.12 23.41 42.94
C ASP D 245 14.21 24.45 41.80
N ILE D 246 13.66 24.16 40.63
CA ILE D 246 13.74 25.01 39.40
C ILE D 246 13.07 26.35 39.68
N TYR D 247 11.84 26.36 40.21
CA TYR D 247 11.01 27.58 40.39
C TYR D 247 11.62 28.41 41.52
N ALA D 248 12.29 27.77 42.49
CA ALA D 248 12.98 28.50 43.58
C ALA D 248 13.97 29.47 42.94
N GLU D 249 14.72 29.02 41.93
CA GLU D 249 15.64 29.87 41.11
C GLU D 249 14.89 30.95 40.31
N PHE D 250 13.89 30.55 39.53
CA PHE D 250 13.10 31.46 38.68
C PHE D 250 12.54 32.60 39.54
N TRP D 251 11.99 32.26 40.70
CA TRP D 251 11.39 33.27 41.60
C TRP D 251 12.48 34.21 42.14
N ALA D 252 13.62 33.69 42.62
CA ALA D 252 14.82 34.46 43.06
C ALA D 252 15.25 35.41 41.93
N GLU D 253 15.19 34.94 40.68
CA GLU D 253 15.59 35.78 39.51
C GLU D 253 14.49 36.83 39.30
N GLY D 254 13.24 36.43 39.44
CA GLY D 254 12.15 37.39 39.32
C GLY D 254 12.30 38.48 40.36
N ASP D 255 12.56 38.11 41.62
CA ASP D 255 12.81 39.06 42.74
C ASP D 255 13.94 40.03 42.33
N GLU D 256 15.05 39.51 41.79
CA GLU D 256 16.21 40.32 41.34
C GLU D 256 15.80 41.21 40.15
N MET D 257 14.86 40.74 39.31
CA MET D 257 14.32 41.54 38.18
C MET D 257 13.58 42.75 38.76
N LYS D 258 12.73 42.54 39.78
CA LYS D 258 11.95 43.61 40.44
C LYS D 258 12.88 44.61 41.13
N LYS D 259 14.01 44.11 41.63
CA LYS D 259 15.05 44.92 42.31
C LYS D 259 15.75 45.80 41.27
N LEU D 260 15.78 45.37 40.00
CA LEU D 260 16.39 46.14 38.86
C LEU D 260 15.35 47.13 38.30
N GLY D 261 14.09 47.04 38.74
CA GLY D 261 12.99 47.95 38.36
C GLY D 261 12.08 47.33 37.30
N ILE D 262 12.21 46.03 37.05
CA ILE D 262 11.56 45.34 35.89
C ILE D 262 10.55 44.27 36.37
N GLN D 263 9.35 44.32 35.81
CA GLN D 263 8.28 43.28 35.92
C GLN D 263 8.86 42.05 35.24
N PRO D 264 9.16 40.96 35.97
CA PRO D 264 9.66 39.76 35.30
C PRO D 264 8.48 39.10 34.58
N ILE D 265 8.77 38.27 33.57
CA ILE D 265 7.80 37.32 32.94
C ILE D 265 7.14 36.50 34.06
N PRO D 266 5.87 36.09 33.88
CA PRO D 266 5.08 35.53 34.99
C PRO D 266 5.69 34.30 35.72
N MET D 267 6.21 33.37 34.91
CA MET D 267 6.93 32.12 35.28
C MET D 267 7.79 32.37 36.54
N MET D 268 8.58 33.45 36.53
CA MET D 268 9.60 33.83 37.55
C MET D 268 9.00 34.80 38.61
N ASP D 269 7.72 35.15 38.53
CA ASP D 269 7.06 35.97 39.59
C ASP D 269 6.50 35.07 40.68
N ARG D 270 6.91 35.27 41.94
CA ARG D 270 6.48 34.42 43.07
C ARG D 270 5.09 34.86 43.57
N ASP D 271 4.58 36.01 43.13
CA ASP D 271 3.15 36.41 43.39
C ASP D 271 2.20 35.78 42.37
N LYS D 272 2.68 34.89 41.49
CA LYS D 272 1.86 34.16 40.51
C LYS D 272 2.12 32.65 40.63
N LYS D 273 2.32 32.13 41.85
CA LYS D 273 2.56 30.68 42.14
C LYS D 273 1.38 29.83 41.63
N ASP D 274 0.14 30.29 41.81
CA ASP D 274 -1.10 29.62 41.34
C ASP D 274 -1.08 29.39 39.80
N GLU D 275 -0.28 30.14 39.01
CA GLU D 275 -0.21 30.02 37.51
C GLU D 275 0.89 29.02 37.09
N VAL D 276 1.50 28.30 38.03
CA VAL D 276 2.61 27.32 37.78
C VAL D 276 2.08 26.14 36.96
N PRO D 277 0.99 25.44 37.38
CA PRO D 277 0.45 24.34 36.58
C PRO D 277 0.22 24.73 35.11
N GLN D 278 -0.37 25.91 34.86
CA GLN D 278 -0.66 26.47 33.52
C GLN D 278 0.66 26.77 32.75
N GLY D 279 1.72 27.20 33.45
CA GLY D 279 3.01 27.53 32.80
C GLY D 279 3.74 26.29 32.34
N GLN D 280 3.76 25.26 33.21
CA GLN D 280 4.36 23.92 32.94
C GLN D 280 3.73 23.31 31.70
N LEU D 281 2.39 23.31 31.67
CA LEU D 281 1.59 22.89 30.49
C LEU D 281 2.19 23.56 29.24
N GLY D 282 2.31 24.90 29.27
CA GLY D 282 2.94 25.76 28.23
C GLY D 282 4.32 25.27 27.79
N PHE D 283 5.19 24.92 28.77
CA PHE D 283 6.59 24.48 28.57
C PHE D 283 6.65 23.06 27.95
N TYR D 284 5.82 22.12 28.40
CA TYR D 284 5.71 20.77 27.77
C TYR D 284 5.22 20.81 26.30
N ASN D 285 4.17 21.58 25.99
CA ASN D 285 3.57 21.67 24.63
C ASN D 285 4.56 22.39 23.69
N ALA D 286 5.18 23.51 24.12
CA ALA D 286 6.06 24.36 23.26
C ALA D 286 7.55 23.95 23.30
N VAL D 287 8.03 23.11 24.22
CA VAL D 287 9.51 22.87 24.35
C VAL D 287 9.80 21.39 24.59
N ALA D 288 9.37 20.87 25.75
CA ALA D 288 9.65 19.49 26.21
C ALA D 288 9.16 18.50 25.14
N ILE D 289 7.87 18.51 24.77
CA ILE D 289 7.33 17.43 23.87
C ILE D 289 7.97 17.55 22.48
N PRO D 290 7.98 18.72 21.80
CA PRO D 290 8.66 18.80 20.51
C PRO D 290 10.07 18.20 20.65
N CYS D 291 10.76 18.49 21.77
CA CYS D 291 12.17 18.05 22.01
C CYS D 291 12.32 16.53 21.89
N TYR D 292 11.63 15.76 22.75
CA TYR D 292 11.79 14.28 22.88
C TYR D 292 11.11 13.54 21.73
N THR D 293 10.10 14.17 21.10
CA THR D 293 9.46 13.74 19.82
C THR D 293 10.56 13.72 18.72
N THR D 294 11.19 14.86 18.42
CA THR D 294 12.25 14.91 17.37
C THR D 294 13.36 13.90 17.67
N LEU D 295 13.70 13.71 18.95
CA LEU D 295 14.87 12.88 19.32
C LEU D 295 14.52 11.39 19.21
N THR D 296 13.29 11.02 19.59
CA THR D 296 12.75 9.63 19.49
C THR D 296 12.72 9.28 17.98
N GLN D 297 12.30 10.19 17.09
CA GLN D 297 12.40 10.01 15.61
C GLN D 297 13.85 9.57 15.31
N ILE D 298 14.86 10.44 15.50
CA ILE D 298 16.27 10.27 15.03
C ILE D 298 16.96 9.07 15.70
N LEU D 299 16.77 8.84 17.00
CA LEU D 299 17.31 7.70 17.80
C LEU D 299 16.15 6.98 18.49
N PRO D 300 15.46 6.06 17.76
CA PRO D 300 14.28 5.36 18.29
C PRO D 300 14.41 4.83 19.71
N PRO D 301 15.59 4.35 20.20
CA PRO D 301 15.66 3.83 21.58
C PRO D 301 15.64 4.91 22.69
N THR D 302 15.57 6.21 22.34
CA THR D 302 15.28 7.32 23.30
C THR D 302 13.77 7.45 23.62
N GLU D 303 12.91 6.62 23.02
CA GLU D 303 11.43 6.66 23.19
C GLU D 303 11.03 6.73 24.67
N PRO D 304 11.63 5.96 25.61
CA PRO D 304 11.20 6.04 27.01
C PRO D 304 11.19 7.47 27.57
N LEU D 305 12.12 8.34 27.15
CA LEU D 305 12.12 9.78 27.51
C LEU D 305 10.77 10.39 27.11
N LEU D 306 10.31 10.14 25.88
CA LEU D 306 9.07 10.77 25.35
C LEU D 306 7.83 10.24 26.13
N LYS D 307 7.69 8.93 26.33
CA LYS D 307 6.53 8.33 27.08
C LYS D 307 6.42 8.95 28.48
N ALA D 308 7.55 8.96 29.21
CA ALA D 308 7.75 9.59 30.54
C ALA D 308 7.38 11.08 30.51
N CYS D 309 7.84 11.84 29.54
CA CYS D 309 7.46 13.25 29.31
C CYS D 309 5.94 13.42 29.10
N ARG D 310 5.29 12.56 28.30
CA ARG D 310 3.83 12.62 28.05
C ARG D 310 3.06 12.31 29.34
N ASP D 311 3.49 11.29 30.08
CA ASP D 311 2.87 10.90 31.37
C ASP D 311 2.86 12.11 32.32
N ASN D 312 4.00 12.81 32.46
CA ASN D 312 4.17 14.00 33.34
C ASN D 312 3.29 15.14 32.81
N LEU D 313 3.10 15.27 31.50
CA LEU D 313 2.19 16.31 30.94
C LEU D 313 0.77 16.08 31.50
N SER D 314 0.31 14.82 31.51
CA SER D 314 -1.08 14.41 31.92
C SER D 314 -1.22 14.47 33.44
N GLN D 315 -0.10 14.42 34.18
CA GLN D 315 -0.09 14.71 35.65
C GLN D 315 -0.26 16.23 35.87
N TRP D 316 0.43 17.09 35.07
CA TRP D 316 0.28 18.58 35.11
C TRP D 316 -1.14 19.00 34.70
N GLU D 317 -1.79 18.29 33.76
CA GLU D 317 -3.22 18.40 33.36
C GLU D 317 -4.12 17.96 34.54
N LYS D 318 -3.88 16.82 35.18
CA LYS D 318 -4.66 16.37 36.38
C LYS D 318 -4.51 17.38 37.53
N VAL D 319 -3.32 17.98 37.70
CA VAL D 319 -3.04 18.95 38.80
C VAL D 319 -3.96 20.16 38.62
N ILE D 320 -4.18 20.63 37.37
CA ILE D 320 -4.99 21.84 37.06
C ILE D 320 -6.49 21.61 37.37
N ARG D 321 -6.89 20.46 37.98
CA ARG D 321 -8.26 20.21 38.53
C ARG D 321 -8.19 19.29 39.78
N GLY D 322 -8.29 17.95 39.66
CA GLY D 322 -8.25 17.00 40.80
C GLY D 322 -6.87 16.36 40.97
ZN ZN E . -19.41 -10.67 -27.34
MG MG F . -17.49 -13.54 -28.46
C10 K6O G . -13.69 -3.19 -33.27
C13 K6O G . -12.06 -4.93 -36.23
C17 K6O G . -9.46 -1.42 -36.43
C18 K6O G . -14.33 -8.77 -31.76
C19 K6O G . -14.34 -8.87 -30.30
C20 K6O G . -15.30 -7.76 -30.24
C21 K6O G . -11.43 -2.71 -35.32
C22 K6O G . -10.39 -2.62 -36.35
C24 K6O G . -11.56 -6.92 -38.86
C27 K6O G . -9.49 -8.09 -39.75
N1 K6O G . -14.87 -7.42 -31.58
C2 K6O G . -14.86 -6.27 -32.43
O3 K6O G . -14.29 -6.51 -33.49
C4 K6O G . -15.41 -4.89 -32.05
C5 K6O G . -16.58 -4.76 -31.31
N6 K6O G . -16.80 -3.43 -31.17
N7 K6O G . -15.78 -2.71 -31.78
C8 K6O G . -14.88 -3.59 -32.33
C9 K6O G . -15.66 -1.22 -31.82
N11 K6O G . -13.32 -4.07 -34.34
C12 K6O G . -12.25 -3.85 -35.30
C14 K6O G . -11.03 -4.82 -37.25
N15 K6O G . -10.24 -3.67 -37.26
O16 K6O G . -13.08 -2.17 -33.19
N23 K6O G . -10.73 -5.87 -38.26
N25 K6O G . -10.92 -7.80 -39.87
S26 K6O G . -13.18 -7.20 -38.45
O28 K6O G . -8.91 -9.30 -40.18
O29 K6O G . -8.80 -7.19 -39.24
C30 K6O G . -8.92 -10.48 -39.36
C31 K6O G . -9.24 -11.77 -40.21
ZN ZN H . -13.81 8.85 4.10
MG MG I . -17.38 9.16 3.06
C10 K6O J . -10.06 16.76 -2.64
C13 K6O J . -12.94 19.00 -3.49
C17 K6O J . -10.24 20.32 -6.62
C18 K6O J . -14.71 13.59 -1.21
C19 K6O J . -14.38 12.18 -1.48
C20 K6O J . -13.09 12.36 -0.77
C21 K6O J . -10.76 18.76 -4.67
C22 K6O J . -11.16 19.86 -5.52
C24 K6O J . -15.74 20.57 -3.48
C27 K6O J . -17.40 20.89 -5.44
N1 K6O J . -13.27 13.81 -0.97
C2 K6O J . -12.48 15.01 -1.02
O3 K6O J . -13.21 15.99 -1.28
C4 K6O J . -10.95 15.06 -0.79
C5 K6O J . -10.32 14.40 0.24
N6 K6O J . -8.96 14.64 0.15
N7 K6O J . -8.70 15.48 -0.92
C8 K6O J . -9.91 15.70 -1.54
C9 K6O J . -7.32 15.95 -1.35
N11 K6O J . -11.32 17.35 -2.78
C12 K6O J . -11.65 18.40 -3.68
C14 K6O J . -13.33 20.09 -4.38
N15 K6O J . -12.42 20.47 -5.35
O16 K6O J . -9.16 17.16 -3.31
N23 K6O J . -14.60 20.83 -4.34
N25 K6O J . -17.09 20.43 -4.07
S26 K6O J . -15.49 20.51 -1.81
O28 K6O J . -18.72 21.19 -5.87
O29 K6O J . -16.45 21.00 -6.22
C30 K6O J . -19.80 20.28 -5.65
C31 K6O J . -21.21 20.96 -5.90
ZN ZN K . 12.17 -15.04 -8.17
MG MG L . 12.92 -13.99 -4.69
C10 K6O M . 16.70 -6.17 -12.73
C13 K6O M . 19.04 -4.64 -10.25
C17 K6O M . 18.71 -1.37 -13.14
C18 K6O M . 15.29 -8.49 -7.88
C19 K6O M . 13.83 -8.71 -7.91
C20 K6O M . 13.96 -9.26 -9.27
C21 K6O M . 18.10 -3.70 -12.30
C22 K6O M . 18.86 -2.49 -12.11
C24 K6O M . 20.97 -4.19 -7.83
C27 K6O M . 21.20 -2.45 -6.02
N1 K6O M . 15.28 -8.64 -9.34
C2 K6O M . 16.23 -8.26 -10.36
O3 K6O M . 17.27 -7.69 -9.98
C4 K6O M . 15.91 -8.50 -11.84
C5 K6O M . 15.40 -9.64 -12.43
N6 K6O M . 15.28 -9.44 -13.79
N7 K6O M . 15.69 -8.10 -14.05
C8 K6O M . 16.05 -7.55 -12.87
C9 K6O M . 15.66 -7.35 -15.38
N11 K6O M . 17.49 -5.93 -11.56
C12 K6O M . 18.21 -4.71 -11.37
C14 K6O M . 19.82 -3.43 -10.05
N15 K6O M . 19.70 -2.41 -11.00
O16 K6O M . 16.51 -5.34 -13.60
N23 K6O M . 20.70 -3.25 -8.91
N25 K6O M . 20.63 -3.72 -6.47
S26 K6O M . 21.73 -5.68 -8.16
O28 K6O M . 21.37 -2.03 -4.66
O29 K6O M . 21.60 -1.70 -6.90
C30 K6O M . 20.53 -2.38 -3.54
C31 K6O M . 21.16 -1.87 -2.17
ZN ZN N . 21.70 22.44 32.75
MG MG O . 22.77 25.85 31.49
C10 K6O P . 11.02 24.93 32.93
C13 K6O P . 10.36 27.89 30.64
C17 K6O P . 6.56 28.16 32.80
C18 K6O P . 16.22 27.02 32.04
C19 K6O P . 17.09 26.63 33.16
C20 K6O P . 16.31 25.41 33.39
C21 K6O P . 8.88 27.04 32.42
C22 K6O P . 7.90 28.04 32.05
C24 K6O P . 10.21 29.82 27.97
C27 K6O P . 9.91 32.37 27.67
N1 K6O P . 15.38 25.88 32.38
C2 K6O P . 14.12 25.44 31.89
O3 K6O P . 13.66 26.21 31.00
C4 K6O P . 13.48 24.16 32.47
C5 K6O P . 14.16 22.96 32.57
N6 K6O P . 13.35 22.00 33.13
N7 K6O P . 12.13 22.58 33.42
C8 K6O P . 12.19 23.92 33.03
C9 K6O P . 11.00 21.82 34.05
N11 K6O P . 11.11 26.00 31.98
C12 K6O P . 10.08 27.00 31.70
C14 K6O P . 9.37 28.89 30.30
N15 K6O P . 8.20 28.91 31.02
O16 K6O P . 10.06 24.79 33.64
N23 K6O P . 9.50 29.92 29.24
N25 K6O P . 10.27 31.06 27.15
S26 K6O P . 10.98 28.43 27.39
O28 K6O P . 10.64 33.51 27.26
O29 K6O P . 8.98 32.47 28.47
C30 K6O P . 12.08 33.51 27.33
C31 K6O P . 12.64 34.12 26.00
#